data_4G5R
#
_entry.id   4G5R
#
_cell.length_a   209.550
_cell.length_b   209.550
_cell.length_c   237.211
_cell.angle_alpha   90.00
_cell.angle_beta   90.00
_cell.angle_gamma   120.00
#
_symmetry.space_group_name_H-M   'P 61 2 2'
#
loop_
_entity.id
_entity.type
_entity.pdbx_description
1 polymer 'Guanine nucleotide-binding protein G(k) subunit alpha'
2 polymer 'G-protein-signaling modulator 2'
3 non-polymer "GUANOSINE-5'-DIPHOSPHATE"
4 non-polymer 'SULFATE ION'
5 non-polymer 'CITRIC ACID'
#
loop_
_entity_poly.entity_id
_entity_poly.type
_entity_poly.pdbx_seq_one_letter_code
_entity_poly.pdbx_strand_id
1 'polypeptide(L)'
;EDGEKAAKEVKLLLLGAGESGKSTIVKQMKIIHEDGYSEDECKQYKVVVYSNTIQSIIAIIRAMGRLKIDFGEAARADDA
RQLFVLAGSAEEGVMTPELAGVIKRLWRDGGVQACFSRSREYQLNDSASYYLNDLDRISQSNYIPTQQDVLRTRVKTTGI
VETHFTFKDLYFKMFDVGGQRSERKKWIHCFEGVTAIIFCVALSDYDLVLAEDEEMNRMHESMKLFDSICNNKWFTETSI
ILFLNKKDLFEEKIKRSPLTICYPEYTGSNTYEEAAAYIQCQFEDLNRRKDTKEIYTHFTCATDTKNVQFVFDAVTDVII
KNNLKECGLY
;
A,B,C,D
2 'polypeptide(L)' DEDFFSLILRSQAKRMDEQRVLLQR E,F,G,Z
#
# COMPACT_ATOMS: atom_id res chain seq x y z
N LYS A 8 -0.72 19.53 -2.48
CA LYS A 8 -0.08 20.42 -1.52
C LYS A 8 -0.37 20.00 -0.09
N GLU A 9 -0.89 18.78 0.07
CA GLU A 9 -1.22 18.21 1.38
C GLU A 9 -0.09 17.28 1.84
N VAL A 10 0.17 17.25 3.14
CA VAL A 10 1.27 16.44 3.67
C VAL A 10 0.82 15.40 4.69
N LYS A 11 1.13 14.14 4.40
CA LYS A 11 0.73 13.01 5.25
C LYS A 11 1.92 12.43 6.00
N LEU A 12 1.95 12.67 7.30
CA LEU A 12 3.02 12.18 8.15
C LEU A 12 2.55 10.93 8.90
N LEU A 13 3.38 9.88 8.89
CA LEU A 13 3.06 8.64 9.62
C LEU A 13 4.12 8.30 10.66
N LEU A 14 3.70 8.22 11.93
CA LEU A 14 4.60 7.81 13.01
C LEU A 14 4.64 6.30 13.19
N LEU A 15 5.83 5.72 13.10
CA LEU A 15 6.02 4.32 13.41
C LEU A 15 7.10 4.16 14.47
N GLY A 16 7.38 2.91 14.86
CA GLY A 16 8.33 2.65 15.92
C GLY A 16 7.68 1.82 17.01
N ALA A 17 8.48 1.08 17.77
CA ALA A 17 7.97 0.16 18.79
C ALA A 17 7.22 0.88 19.93
N GLY A 18 6.73 0.10 20.88
CA GLY A 18 6.00 0.67 22.00
C GLY A 18 6.89 1.45 22.94
N GLU A 19 6.32 2.48 23.56
CA GLU A 19 7.03 3.32 24.54
C GLU A 19 8.23 4.03 23.90
N SER A 20 8.07 4.49 22.67
CA SER A 20 9.17 5.13 21.94
C SER A 20 8.96 6.64 21.78
N GLY A 21 7.74 7.11 21.99
CA GLY A 21 7.47 8.55 21.98
C GLY A 21 6.38 9.02 21.05
N LYS A 22 5.83 8.11 20.25
CA LYS A 22 4.84 8.46 19.23
C LYS A 22 3.67 9.32 19.72
N SER A 23 2.85 8.76 20.62
CA SER A 23 1.72 9.48 21.19
C SER A 23 2.18 10.83 21.79
N THR A 24 3.33 10.80 22.45
CA THR A 24 3.91 11.99 23.03
C THR A 24 4.17 13.06 21.97
N ILE A 25 4.77 12.65 20.85
CA ILE A 25 5.02 13.56 19.73
C ILE A 25 3.72 14.15 19.18
N VAL A 26 2.68 13.33 19.10
CA VAL A 26 1.37 13.81 18.68
C VAL A 26 0.87 14.92 19.62
N LYS A 27 0.91 14.63 20.92
CA LYS A 27 0.54 15.61 21.95
C LYS A 27 1.31 16.91 21.78
N GLN A 28 2.62 16.79 21.56
CA GLN A 28 3.47 17.95 21.30
C GLN A 28 2.99 18.75 20.09
N MET A 29 2.60 18.04 19.04
CA MET A 29 2.08 18.66 17.83
C MET A 29 0.84 19.47 18.17
N LYS A 30 0.02 18.95 19.07
CA LYS A 30 -1.14 19.68 19.55
C LYS A 30 -0.69 20.96 20.27
N ILE A 31 0.21 20.80 21.22
CA ILE A 31 0.70 21.93 22.03
C ILE A 31 1.33 23.06 21.20
N ILE A 32 1.99 22.70 20.10
CA ILE A 32 2.75 23.68 19.32
C ILE A 32 1.95 24.31 18.17
N HIS A 33 1.28 23.47 17.38
CA HIS A 33 0.63 23.95 16.17
C HIS A 33 -0.89 24.06 16.26
N GLU A 34 -1.49 23.33 17.20
CA GLU A 34 -2.86 23.60 17.60
C GLU A 34 -2.77 24.64 18.72
N ASP A 35 -3.89 24.99 19.34
CA ASP A 35 -3.88 26.02 20.37
C ASP A 35 -3.23 25.52 21.66
N GLY A 36 -2.94 24.22 21.72
CA GLY A 36 -2.47 23.61 22.95
C GLY A 36 -3.65 23.01 23.67
N TYR A 37 -3.51 22.73 24.96
CA TYR A 37 -4.59 22.16 25.72
C TYR A 37 -5.29 23.19 26.59
N SER A 38 -6.62 23.24 26.51
CA SER A 38 -7.40 24.18 27.29
C SER A 38 -7.58 23.68 28.72
N GLU A 39 -7.77 24.60 29.65
CA GLU A 39 -7.93 24.26 31.06
C GLU A 39 -9.05 23.25 31.33
N ASP A 40 -10.06 23.26 30.47
CA ASP A 40 -11.15 22.29 30.54
C ASP A 40 -10.58 20.88 30.46
N GLU A 41 -9.77 20.64 29.43
CA GLU A 41 -9.16 19.35 29.16
C GLU A 41 -8.14 18.98 30.24
N CYS A 42 -7.31 19.96 30.60
CA CYS A 42 -6.33 19.77 31.67
C CYS A 42 -7.02 19.26 32.92
N LYS A 43 -8.20 19.82 33.23
CA LYS A 43 -9.00 19.32 34.35
C LYS A 43 -9.31 17.85 34.16
N GLN A 44 -9.74 17.50 32.94
CA GLN A 44 -10.10 16.12 32.60
C GLN A 44 -8.95 15.15 32.86
N TYR A 45 -7.71 15.60 32.65
CA TYR A 45 -6.55 14.73 32.81
C TYR A 45 -6.07 14.48 34.24
N LYS A 46 -6.66 15.16 35.23
CA LYS A 46 -6.26 15.03 36.62
C LYS A 46 -6.30 13.57 37.08
N VAL A 47 -7.46 12.94 36.92
CA VAL A 47 -7.67 11.54 37.29
C VAL A 47 -6.61 10.64 36.64
N VAL A 48 -6.32 10.90 35.37
CA VAL A 48 -5.30 10.18 34.63
C VAL A 48 -3.93 10.31 35.31
N VAL A 49 -3.55 11.55 35.63
CA VAL A 49 -2.30 11.81 36.36
C VAL A 49 -2.19 11.00 37.63
N TYR A 50 -3.20 11.12 38.50
CA TYR A 50 -3.21 10.38 39.77
C TYR A 50 -3.07 8.88 39.53
N SER A 51 -3.84 8.40 38.54
CA SER A 51 -3.82 7.00 38.16
C SER A 51 -2.41 6.55 37.80
N ASN A 52 -1.84 7.15 36.76
CA ASN A 52 -0.50 6.81 36.29
C ASN A 52 0.53 6.83 37.42
N THR A 53 0.40 7.80 38.31
CA THR A 53 1.27 7.89 39.49
C THR A 53 1.14 6.61 40.32
N ILE A 54 -0.10 6.25 40.61
CA ILE A 54 -0.40 5.05 41.38
C ILE A 54 0.15 3.77 40.74
N GLN A 55 -0.17 3.55 39.46
CA GLN A 55 0.29 2.33 38.79
C GLN A 55 1.82 2.29 38.72
N SER A 56 2.43 3.46 38.64
CA SER A 56 3.88 3.57 38.64
C SER A 56 4.44 3.02 39.95
N ILE A 57 4.04 3.63 41.06
CA ILE A 57 4.57 3.20 42.36
C ILE A 57 4.26 1.72 42.65
N ILE A 58 3.03 1.30 42.29
CA ILE A 58 2.63 -0.10 42.41
C ILE A 58 3.60 -1.00 41.66
N ALA A 59 3.83 -0.67 40.39
CA ALA A 59 4.71 -1.46 39.53
C ALA A 59 6.08 -1.60 40.15
N ILE A 60 6.59 -0.49 40.70
CA ILE A 60 7.87 -0.54 41.40
C ILE A 60 7.80 -1.54 42.56
N ILE A 61 6.70 -1.51 43.31
CA ILE A 61 6.54 -2.40 44.47
C ILE A 61 6.53 -3.88 44.10
N ARG A 62 5.66 -4.26 43.16
CA ARG A 62 5.64 -5.61 42.59
C ARG A 62 7.04 -6.01 42.14
N ALA A 63 7.75 -5.06 41.55
CA ALA A 63 9.12 -5.30 41.11
C ALA A 63 10.05 -5.64 42.27
N MET A 64 9.92 -4.94 43.39
CA MET A 64 10.72 -5.29 44.58
C MET A 64 10.35 -6.70 45.02
N GLY A 65 9.08 -7.04 44.84
CA GLY A 65 8.62 -8.40 45.07
C GLY A 65 9.45 -9.42 44.29
N ARG A 66 9.36 -9.34 42.96
CA ARG A 66 10.04 -10.31 42.10
C ARG A 66 11.58 -10.28 42.17
N LEU A 67 12.16 -9.14 42.49
CA LEU A 67 13.61 -9.03 42.56
C LEU A 67 14.10 -9.28 43.98
N LYS A 68 13.15 -9.42 44.89
CA LYS A 68 13.42 -9.65 46.31
C LYS A 68 14.32 -8.58 46.93
N ILE A 69 13.78 -7.37 47.05
CA ILE A 69 14.50 -6.29 47.71
C ILE A 69 13.66 -5.74 48.87
N ASP A 70 14.24 -5.80 50.06
CA ASP A 70 13.56 -5.36 51.27
C ASP A 70 13.70 -3.86 51.47
N PHE A 71 12.67 -3.26 52.05
CA PHE A 71 12.64 -1.83 52.32
C PHE A 71 13.79 -1.41 53.23
N GLY A 72 14.10 -0.13 53.27
CA GLY A 72 15.10 0.37 54.20
C GLY A 72 14.55 0.27 55.60
N GLU A 73 13.45 0.99 55.84
CA GLU A 73 12.69 0.85 57.07
C GLU A 73 11.50 -0.07 56.84
N ALA A 74 11.57 -1.28 57.41
CA ALA A 74 10.52 -2.29 57.24
C ALA A 74 9.15 -1.82 57.73
N ALA A 75 9.12 -0.70 58.43
CA ALA A 75 7.89 -0.14 58.96
C ALA A 75 6.94 0.26 57.83
N ARG A 76 7.45 1.03 56.87
CA ARG A 76 6.65 1.57 55.78
C ARG A 76 5.93 0.50 54.95
N ALA A 77 6.34 -0.76 55.13
CA ALA A 77 5.74 -1.89 54.41
C ALA A 77 4.23 -1.92 54.54
N ASP A 78 3.73 -1.50 55.71
CA ASP A 78 2.30 -1.54 55.98
C ASP A 78 1.57 -0.63 54.99
N ASP A 79 2.19 0.51 54.68
CA ASP A 79 1.60 1.45 53.74
C ASP A 79 1.38 0.76 52.40
N ALA A 80 2.33 -0.09 52.02
CA ALA A 80 2.20 -0.87 50.79
C ALA A 80 0.91 -1.65 50.84
N ARG A 81 0.73 -2.41 51.92
CA ARG A 81 -0.49 -3.16 52.14
C ARG A 81 -1.68 -2.22 52.07
N GLN A 82 -1.52 -1.05 52.67
CA GLN A 82 -2.59 -0.06 52.67
C GLN A 82 -2.83 0.52 51.27
N LEU A 83 -1.75 0.66 50.50
CA LEU A 83 -1.83 1.31 49.20
C LEU A 83 -2.81 0.62 48.28
N PHE A 84 -2.63 -0.69 48.12
CA PHE A 84 -3.52 -1.50 47.30
C PHE A 84 -5.00 -1.32 47.65
N VAL A 85 -5.30 -1.01 48.91
CA VAL A 85 -6.67 -0.73 49.29
C VAL A 85 -7.05 0.69 48.89
N LEU A 86 -6.19 1.64 49.25
CA LEU A 86 -6.43 3.05 48.92
C LEU A 86 -6.27 3.35 47.42
N ALA A 87 -5.92 2.33 46.64
CA ALA A 87 -5.66 2.49 45.21
C ALA A 87 -6.85 3.06 44.45
N GLY A 88 -8.06 2.67 44.86
CA GLY A 88 -9.26 3.10 44.16
C GLY A 88 -9.76 4.47 44.57
N SER A 89 -8.93 5.22 45.29
CA SER A 89 -9.34 6.49 45.87
C SER A 89 -9.13 7.69 44.95
N ALA A 90 -8.88 7.42 43.67
CA ALA A 90 -8.61 8.48 42.72
C ALA A 90 -9.72 8.61 41.68
N GLU A 91 -10.31 7.46 41.32
CA GLU A 91 -11.27 7.34 40.22
C GLU A 91 -12.22 8.53 40.06
N GLU A 92 -12.87 8.91 41.15
CA GLU A 92 -13.76 10.06 41.14
C GLU A 92 -12.96 11.36 41.07
N GLY A 93 -12.03 11.52 42.02
CA GLY A 93 -11.22 12.72 42.09
C GLY A 93 -10.40 12.74 43.37
N VAL A 94 -9.66 13.83 43.57
CA VAL A 94 -8.90 14.11 44.80
C VAL A 94 -8.20 12.95 45.53
N MET A 95 -6.89 12.89 45.40
CA MET A 95 -6.10 11.93 46.15
C MET A 95 -6.14 12.33 47.62
N THR A 96 -6.61 11.41 48.46
CA THR A 96 -6.65 11.63 49.91
C THR A 96 -5.25 11.91 50.43
N PRO A 97 -5.13 12.94 51.29
CA PRO A 97 -3.85 13.31 51.90
C PRO A 97 -3.23 12.13 52.64
N GLU A 98 -4.06 11.19 53.06
CA GLU A 98 -3.60 9.93 53.61
C GLU A 98 -2.81 9.14 52.55
N LEU A 99 -3.35 9.07 51.34
CA LEU A 99 -2.72 8.36 50.22
C LEU A 99 -1.40 9.02 49.79
N ALA A 100 -1.44 10.34 49.68
CA ALA A 100 -0.24 11.12 49.36
C ALA A 100 0.90 10.80 50.33
N GLY A 101 0.54 10.56 51.59
CA GLY A 101 1.51 10.24 52.61
C GLY A 101 2.01 8.81 52.47
N VAL A 102 1.20 7.96 51.86
CA VAL A 102 1.61 6.59 51.57
C VAL A 102 2.67 6.63 50.48
N ILE A 103 2.34 7.33 49.40
CA ILE A 103 3.26 7.43 48.27
C ILE A 103 4.56 8.09 48.70
N LYS A 104 4.49 9.30 49.26
CA LYS A 104 5.69 10.00 49.70
C LYS A 104 6.58 9.18 50.63
N ARG A 105 5.96 8.37 51.48
CA ARG A 105 6.70 7.52 52.40
C ARG A 105 7.39 6.38 51.67
N LEU A 106 6.68 5.76 50.72
CA LEU A 106 7.23 4.64 49.97
C LEU A 106 8.33 5.05 48.98
N TRP A 107 8.09 6.16 48.29
CA TRP A 107 9.02 6.68 47.29
C TRP A 107 10.31 7.24 47.87
N ARG A 108 10.26 7.67 49.13
CA ARG A 108 11.45 8.21 49.79
C ARG A 108 12.30 7.08 50.34
N ASP A 109 11.71 5.90 50.44
CA ASP A 109 12.37 4.75 51.05
C ASP A 109 13.52 4.28 50.17
N GLY A 110 14.73 4.35 50.73
CA GLY A 110 15.93 3.97 50.00
C GLY A 110 15.96 2.54 49.48
N GLY A 111 15.06 1.70 50.00
CA GLY A 111 14.92 0.34 49.53
C GLY A 111 14.13 0.33 48.23
N VAL A 112 13.08 1.15 48.20
CA VAL A 112 12.29 1.33 46.98
C VAL A 112 13.12 1.98 45.88
N GLN A 113 13.89 3.01 46.25
CA GLN A 113 14.80 3.67 45.32
C GLN A 113 15.80 2.70 44.70
N ALA A 114 16.27 1.76 45.50
CA ALA A 114 17.21 0.76 45.01
C ALA A 114 16.57 -0.10 43.93
N CYS A 115 15.26 -0.25 44.02
CA CYS A 115 14.51 -0.99 43.01
C CYS A 115 14.33 -0.12 41.77
N PHE A 116 14.04 1.17 42.00
CA PHE A 116 13.85 2.12 40.90
C PHE A 116 15.11 2.26 40.05
N SER A 117 16.27 2.23 40.70
CA SER A 117 17.53 2.41 39.98
C SER A 117 17.96 1.12 39.28
N ARG A 118 17.11 0.09 39.38
CA ARG A 118 17.31 -1.16 38.67
C ARG A 118 16.16 -1.41 37.71
N SER A 119 15.53 -0.33 37.26
CA SER A 119 14.38 -0.41 36.37
C SER A 119 14.71 -1.01 35.00
N ARG A 120 15.98 -1.34 34.78
CA ARG A 120 16.37 -1.99 33.54
C ARG A 120 16.03 -3.47 33.62
N GLU A 121 15.83 -3.95 34.83
CA GLU A 121 15.60 -5.37 35.07
C GLU A 121 14.11 -5.73 35.04
N TYR A 122 13.26 -4.71 35.01
CA TYR A 122 11.83 -4.92 34.83
C TYR A 122 11.22 -3.84 33.93
N GLN A 123 9.90 -3.77 33.90
CA GLN A 123 9.21 -2.82 33.02
C GLN A 123 8.63 -1.65 33.78
N LEU A 124 9.43 -0.62 33.99
CA LEU A 124 8.96 0.58 34.67
C LEU A 124 8.63 1.65 33.66
N ASN A 125 7.54 2.38 33.92
CA ASN A 125 7.11 3.46 33.05
C ASN A 125 8.14 4.58 33.09
N ASP A 126 8.30 5.27 31.97
CA ASP A 126 9.27 6.37 31.89
C ASP A 126 8.70 7.69 32.43
N SER A 127 7.39 7.75 32.61
CA SER A 127 6.74 8.94 33.15
C SER A 127 6.68 8.88 34.67
N ALA A 128 7.17 7.79 35.23
CA ALA A 128 7.06 7.55 36.66
C ALA A 128 7.75 8.65 37.48
N SER A 129 9.05 8.80 37.28
CA SER A 129 9.85 9.76 38.05
C SER A 129 9.22 11.15 38.02
N TYR A 130 8.85 11.58 36.81
CA TYR A 130 8.28 12.92 36.59
C TYR A 130 7.15 13.18 37.57
N TYR A 131 6.32 12.18 37.77
CA TYR A 131 5.19 12.32 38.68
C TYR A 131 5.62 12.19 40.14
N LEU A 132 6.40 11.15 40.43
CA LEU A 132 6.78 10.86 41.81
C LEU A 132 7.61 11.96 42.47
N ASN A 133 8.44 12.64 41.68
CA ASN A 133 9.23 13.76 42.19
C ASN A 133 8.38 15.01 42.39
N ASP A 134 7.37 15.17 41.54
CA ASP A 134 6.50 16.34 41.59
C ASP A 134 5.21 16.05 42.37
N LEU A 135 5.30 15.15 43.34
CA LEU A 135 4.14 14.71 44.11
C LEU A 135 3.41 15.81 44.87
N ASP A 136 4.17 16.65 45.56
CA ASP A 136 3.59 17.73 46.37
C ASP A 136 2.72 18.65 45.52
N ARG A 137 3.25 19.07 44.38
CA ARG A 137 2.57 19.98 43.48
C ARG A 137 1.21 19.46 43.00
N ILE A 138 1.12 18.13 42.82
CA ILE A 138 -0.09 17.52 42.28
C ILE A 138 -1.03 17.00 43.35
N SER A 139 -0.53 16.87 44.57
CA SER A 139 -1.33 16.31 45.66
C SER A 139 -2.18 17.38 46.32
N GLN A 140 -2.02 18.62 45.87
CA GLN A 140 -2.88 19.72 46.29
C GLN A 140 -4.28 19.47 45.75
N SER A 141 -5.29 19.86 46.52
CA SER A 141 -6.68 19.66 46.11
C SER A 141 -7.13 20.66 45.05
N ASN A 142 -6.46 21.80 44.98
CA ASN A 142 -6.77 22.83 44.00
C ASN A 142 -5.96 22.67 42.73
N TYR A 143 -5.37 21.49 42.55
CA TYR A 143 -4.41 21.25 41.47
C TYR A 143 -5.04 21.15 40.09
N ILE A 144 -4.52 21.95 39.16
CA ILE A 144 -4.83 21.82 37.75
C ILE A 144 -3.52 21.54 37.03
N PRO A 145 -3.52 20.55 36.11
CA PRO A 145 -2.29 20.06 35.49
C PRO A 145 -1.65 21.04 34.51
N THR A 146 -0.32 21.06 34.53
CA THR A 146 0.46 21.85 33.57
C THR A 146 0.34 21.12 32.25
N GLN A 147 0.48 21.85 31.15
CA GLN A 147 0.58 21.25 29.83
C GLN A 147 1.60 20.12 29.85
N GLN A 148 2.75 20.40 30.47
CA GLN A 148 3.80 19.41 30.65
C GLN A 148 3.27 18.18 31.40
N ASP A 149 2.45 18.41 32.42
CA ASP A 149 1.85 17.31 33.19
C ASP A 149 1.00 16.43 32.28
N VAL A 150 0.37 17.07 31.28
CA VAL A 150 -0.48 16.35 30.34
C VAL A 150 0.36 15.57 29.33
N LEU A 151 1.52 16.12 28.97
CA LEU A 151 2.44 15.42 28.08
C LEU A 151 2.82 14.06 28.61
N ARG A 152 3.03 13.97 29.92
CA ARG A 152 3.51 12.76 30.54
C ARG A 152 2.39 11.77 30.83
N THR A 153 1.15 12.19 30.61
CA THR A 153 0.01 11.31 30.80
C THR A 153 0.06 10.14 29.83
N ARG A 154 -0.22 8.95 30.33
CA ARG A 154 -0.17 7.77 29.49
C ARG A 154 -1.58 7.24 29.28
N VAL A 155 -2.10 7.44 28.08
CA VAL A 155 -3.46 7.00 27.77
C VAL A 155 -3.44 5.74 26.91
N LYS A 156 -4.28 4.76 27.27
CA LYS A 156 -4.40 3.55 26.47
C LYS A 156 -5.13 3.87 25.17
N THR A 157 -4.56 3.43 24.06
CA THR A 157 -5.08 3.77 22.74
C THR A 157 -6.23 2.86 22.28
N THR A 158 -7.33 3.46 21.85
CA THR A 158 -8.46 2.69 21.33
C THR A 158 -8.06 2.05 20.01
N GLY A 159 -7.63 2.90 19.08
CA GLY A 159 -7.25 2.44 17.75
C GLY A 159 -6.30 3.37 17.03
N ILE A 160 -6.82 4.20 16.13
CA ILE A 160 -5.96 5.07 15.34
C ILE A 160 -5.96 6.49 15.89
N VAL A 161 -4.78 7.01 16.19
CA VAL A 161 -4.62 8.39 16.64
C VAL A 161 -4.24 9.25 15.46
N GLU A 162 -4.79 10.46 15.41
CA GLU A 162 -4.57 11.35 14.28
C GLU A 162 -4.78 12.79 14.68
N THR A 163 -3.81 13.64 14.36
CA THR A 163 -4.00 15.08 14.57
C THR A 163 -3.69 15.78 13.27
N HIS A 164 -4.23 16.99 13.10
CA HIS A 164 -3.99 17.75 11.89
C HIS A 164 -3.81 19.21 12.25
N PHE A 165 -2.98 19.90 11.47
CA PHE A 165 -2.72 21.31 11.75
C PHE A 165 -2.21 22.01 10.49
N THR A 166 -2.14 23.34 10.56
CA THR A 166 -1.64 24.12 9.43
C THR A 166 -0.33 24.75 9.87
N PHE A 167 0.69 24.64 9.02
CA PHE A 167 2.00 25.17 9.35
C PHE A 167 2.81 25.48 8.10
N LYS A 168 3.48 26.63 8.10
CA LYS A 168 4.25 27.13 6.96
C LYS A 168 3.52 27.01 5.62
N ASP A 169 2.28 27.47 5.59
CA ASP A 169 1.43 27.38 4.40
C ASP A 169 1.32 25.94 3.89
N LEU A 170 1.16 24.99 4.81
CA LEU A 170 0.98 23.59 4.47
C LEU A 170 -0.01 22.92 5.40
N TYR A 171 -0.76 21.95 4.87
CA TYR A 171 -1.71 21.20 5.68
C TYR A 171 -1.13 19.87 6.08
N PHE A 172 -0.93 19.69 7.38
CA PHE A 172 -0.33 18.48 7.90
C PHE A 172 -1.39 17.57 8.52
N LYS A 173 -1.47 16.35 8.00
CA LYS A 173 -2.26 15.29 8.63
C LYS A 173 -1.28 14.25 9.16
N MET A 174 -1.32 13.99 10.45
CA MET A 174 -0.35 13.13 11.10
C MET A 174 -1.03 11.97 11.81
N PHE A 175 -0.54 10.76 11.56
CA PHE A 175 -1.19 9.54 12.02
C PHE A 175 -0.30 8.65 12.90
N ASP A 176 -0.89 8.14 13.97
CA ASP A 176 -0.27 7.09 14.79
C ASP A 176 -1.11 5.82 14.68
N VAL A 177 -0.72 4.92 13.77
CA VAL A 177 -1.54 3.76 13.44
C VAL A 177 -1.42 2.62 14.44
N GLY A 178 -0.65 2.83 15.50
CA GLY A 178 -0.19 1.78 16.37
C GLY A 178 -1.23 0.88 17.03
N GLY A 179 -1.12 -0.43 16.79
CA GLY A 179 -1.82 -1.40 17.61
C GLY A 179 -3.29 -1.64 17.29
N GLN A 180 -3.83 -0.82 16.39
CA GLN A 180 -5.26 -0.84 16.07
C GLN A 180 -5.65 -2.04 15.23
N ARG A 181 -5.53 -3.24 15.80
CA ARG A 181 -5.86 -4.50 15.14
C ARG A 181 -7.23 -4.58 14.42
N SER A 182 -8.04 -3.52 14.53
CA SER A 182 -9.35 -3.47 13.89
C SER A 182 -9.44 -2.33 12.87
N GLU A 183 -10.60 -2.20 12.23
CA GLU A 183 -10.84 -1.17 11.20
C GLU A 183 -9.77 -1.21 10.12
N ARG A 184 -9.36 -2.43 9.76
CA ARG A 184 -8.24 -2.67 8.84
C ARG A 184 -8.16 -1.81 7.58
N LYS A 185 -9.29 -1.29 7.09
CA LYS A 185 -9.24 -0.46 5.89
C LYS A 185 -8.72 0.93 6.20
N LYS A 186 -9.24 1.52 7.27
CA LYS A 186 -8.79 2.84 7.70
C LYS A 186 -7.36 2.71 8.23
N TRP A 187 -7.05 1.55 8.80
CA TRP A 187 -5.71 1.26 9.31
C TRP A 187 -4.68 1.20 8.18
N ILE A 188 -5.00 0.45 7.13
CA ILE A 188 -4.11 0.39 5.97
C ILE A 188 -4.00 1.74 5.25
N HIS A 189 -5.09 2.50 5.19
CA HIS A 189 -5.05 3.78 4.50
C HIS A 189 -4.06 4.76 5.13
N CYS A 190 -3.67 4.49 6.39
CA CYS A 190 -2.65 5.30 7.06
C CYS A 190 -1.28 5.11 6.41
N PHE A 191 -1.08 3.96 5.80
CA PHE A 191 0.19 3.65 5.12
C PHE A 191 0.17 4.07 3.66
N GLU A 192 -0.93 4.66 3.22
CA GLU A 192 -1.11 5.01 1.82
C GLU A 192 -0.78 6.47 1.55
N GLY A 193 0.03 6.71 0.53
CA GLY A 193 0.37 8.06 0.12
C GLY A 193 1.04 8.85 1.22
N VAL A 194 2.02 8.24 1.88
CA VAL A 194 2.74 8.90 2.96
C VAL A 194 3.87 9.75 2.41
N THR A 195 3.92 11.01 2.83
CA THR A 195 4.99 11.90 2.38
C THR A 195 6.28 11.59 3.14
N ALA A 196 6.15 11.28 4.42
CA ALA A 196 7.30 10.97 5.27
C ALA A 196 6.93 10.09 6.46
N ILE A 197 7.75 9.07 6.71
CA ILE A 197 7.58 8.23 7.89
C ILE A 197 8.50 8.72 8.99
N ILE A 198 7.98 8.86 10.20
CA ILE A 198 8.81 9.28 11.32
C ILE A 198 8.96 8.11 12.29
N PHE A 199 10.06 7.37 12.15
CA PHE A 199 10.32 6.20 12.97
C PHE A 199 10.97 6.60 14.28
N CYS A 200 10.34 6.26 15.40
CA CYS A 200 10.89 6.59 16.70
C CYS A 200 11.64 5.42 17.33
N VAL A 201 12.80 5.74 17.89
CA VAL A 201 13.61 4.75 18.59
C VAL A 201 13.92 5.25 19.99
N ALA A 202 13.63 4.41 20.98
CA ALA A 202 13.99 4.75 22.36
C ALA A 202 15.43 4.29 22.60
N LEU A 203 16.35 5.26 22.69
CA LEU A 203 17.76 4.96 22.86
C LEU A 203 18.01 4.30 24.23
N SER A 204 17.27 4.76 25.23
CA SER A 204 17.52 4.35 26.60
C SER A 204 17.15 2.88 26.82
N ASP A 205 16.67 2.24 25.76
CA ASP A 205 16.29 0.84 25.80
C ASP A 205 17.51 -0.04 25.50
N TYR A 206 18.68 0.57 25.37
CA TYR A 206 19.85 -0.21 25.01
C TYR A 206 20.28 -1.18 26.14
N ASP A 207 20.08 -0.78 27.39
CA ASP A 207 20.58 -1.56 28.52
C ASP A 207 19.54 -2.49 29.14
N LEU A 208 18.36 -2.55 28.53
CA LEU A 208 17.29 -3.39 29.06
C LEU A 208 17.70 -4.86 29.00
N VAL A 209 17.31 -5.62 30.01
CA VAL A 209 17.65 -7.04 30.07
C VAL A 209 16.70 -7.85 29.20
N LEU A 210 17.23 -8.88 28.55
CA LEU A 210 16.43 -9.73 27.69
C LEU A 210 15.33 -10.33 28.53
N ALA A 211 14.09 -10.17 28.07
CA ALA A 211 12.96 -10.60 28.88
C ALA A 211 12.56 -12.01 28.46
N GLU A 212 11.65 -12.60 29.22
CA GLU A 212 11.27 -13.98 28.99
C GLU A 212 10.58 -14.12 27.64
N ASP A 213 9.95 -13.05 27.19
CA ASP A 213 9.14 -13.09 25.97
C ASP A 213 9.78 -12.52 24.69
N GLU A 214 11.07 -12.21 24.72
CA GLU A 214 11.72 -11.71 23.51
C GLU A 214 12.69 -12.71 22.90
N GLU A 215 12.77 -12.72 21.57
CA GLU A 215 13.72 -13.56 20.85
C GLU A 215 15.10 -12.93 20.87
N MET A 216 15.10 -11.60 20.94
CA MET A 216 16.29 -10.78 20.74
C MET A 216 16.21 -9.53 21.61
N ASN A 217 17.31 -8.81 21.74
CA ASN A 217 17.35 -7.57 22.51
C ASN A 217 16.38 -6.53 21.96
N ARG A 218 15.81 -5.72 22.84
CA ARG A 218 14.78 -4.75 22.49
C ARG A 218 15.19 -3.79 21.36
N MET A 219 16.43 -3.32 21.44
CA MET A 219 16.98 -2.41 20.46
C MET A 219 17.05 -3.11 19.10
N HIS A 220 17.43 -4.38 19.12
CA HIS A 220 17.50 -5.16 17.90
C HIS A 220 16.12 -5.46 17.30
N GLU A 221 15.11 -5.52 18.17
CA GLU A 221 13.73 -5.65 17.71
C GLU A 221 13.37 -4.40 16.92
N SER A 222 13.66 -3.25 17.52
CA SER A 222 13.41 -1.97 16.84
C SER A 222 14.17 -1.87 15.52
N MET A 223 15.42 -2.37 15.51
CA MET A 223 16.23 -2.41 14.31
C MET A 223 15.62 -3.27 13.21
N LYS A 224 15.17 -4.47 13.56
CA LYS A 224 14.52 -5.37 12.60
C LYS A 224 13.29 -4.70 12.01
N LEU A 225 12.52 -4.05 12.88
CA LEU A 225 11.32 -3.33 12.46
C LEU A 225 11.68 -2.23 11.45
N PHE A 226 12.75 -1.50 11.75
CA PHE A 226 13.21 -0.42 10.86
C PHE A 226 13.70 -0.97 9.52
N ASP A 227 14.39 -2.12 9.56
CA ASP A 227 14.81 -2.81 8.36
C ASP A 227 13.61 -3.12 7.49
N SER A 228 12.54 -3.61 8.10
CA SER A 228 11.32 -3.91 7.35
C SER A 228 10.74 -2.65 6.72
N ILE A 229 10.55 -1.61 7.53
CA ILE A 229 9.95 -0.37 7.04
C ILE A 229 10.73 0.33 5.92
N CYS A 230 12.03 0.50 6.15
CA CYS A 230 12.91 1.28 5.29
C CYS A 230 13.03 0.68 3.88
N ASN A 231 13.24 -0.63 3.83
CA ASN A 231 13.47 -1.33 2.57
C ASN A 231 12.20 -1.99 2.03
N ASN A 232 11.06 -1.32 2.19
CA ASN A 232 9.82 -1.82 1.63
C ASN A 232 9.56 -1.10 0.29
N LYS A 233 9.30 -1.89 -0.74
CA LYS A 233 9.14 -1.38 -2.11
C LYS A 233 8.08 -0.29 -2.23
N TRP A 234 7.14 -0.27 -1.30
CA TRP A 234 6.08 0.73 -1.30
C TRP A 234 6.60 2.11 -0.92
N PHE A 235 7.67 2.17 -0.13
CA PHE A 235 8.13 3.42 0.43
C PHE A 235 9.36 3.99 -0.30
N THR A 236 9.67 3.43 -1.47
CA THR A 236 10.81 3.89 -2.27
C THR A 236 10.71 5.39 -2.55
N GLU A 237 9.48 5.89 -2.63
CA GLU A 237 9.26 7.31 -2.85
C GLU A 237 8.79 8.04 -1.59
N THR A 238 9.10 7.47 -0.43
CA THR A 238 8.72 8.09 0.84
C THR A 238 9.96 8.50 1.63
N SER A 239 9.96 9.72 2.15
CA SER A 239 11.07 10.20 2.97
C SER A 239 11.09 9.42 4.29
N ILE A 240 12.28 9.02 4.70
CA ILE A 240 12.43 8.30 5.97
C ILE A 240 13.12 9.17 7.02
N ILE A 241 12.37 9.49 8.06
CA ILE A 241 12.87 10.32 9.15
C ILE A 241 13.01 9.45 10.39
N LEU A 242 14.18 9.49 11.00
CA LEU A 242 14.51 8.63 12.13
C LEU A 242 14.67 9.47 13.39
N PHE A 243 13.77 9.29 14.35
CA PHE A 243 13.86 10.00 15.62
C PHE A 243 14.51 9.13 16.70
N LEU A 244 15.81 9.29 16.90
CA LEU A 244 16.48 8.65 18.01
C LEU A 244 16.08 9.44 19.26
N ASN A 245 15.09 8.91 20.00
CA ASN A 245 14.46 9.65 21.08
C ASN A 245 15.02 9.27 22.45
N LYS A 246 14.50 9.89 23.51
CA LYS A 246 14.93 9.64 24.89
C LYS A 246 16.44 9.84 25.04
N LYS A 247 16.96 10.89 24.40
CA LYS A 247 18.39 11.16 24.41
C LYS A 247 18.92 11.54 25.79
N ASP A 248 18.06 12.15 26.60
CA ASP A 248 18.42 12.54 27.96
C ASP A 248 18.73 11.32 28.83
N LEU A 249 17.76 10.40 28.86
CA LEU A 249 17.88 9.19 29.64
C LEU A 249 19.04 8.35 29.12
N PHE A 250 19.29 8.43 27.81
CA PHE A 250 20.42 7.73 27.23
C PHE A 250 21.75 8.32 27.70
N GLU A 251 21.78 9.65 27.81
CA GLU A 251 23.00 10.33 28.23
C GLU A 251 23.31 9.98 29.67
N GLU A 252 22.30 10.01 30.53
CA GLU A 252 22.52 9.61 31.92
C GLU A 252 22.90 8.13 32.05
N LYS A 253 22.16 7.25 31.39
CA LYS A 253 22.43 5.80 31.44
C LYS A 253 23.82 5.43 30.94
N ILE A 254 24.28 6.08 29.88
CA ILE A 254 25.52 5.68 29.24
C ILE A 254 26.74 5.93 30.12
N LYS A 255 26.57 6.78 31.13
CA LYS A 255 27.60 7.05 32.12
C LYS A 255 27.89 5.77 32.90
N ARG A 256 26.83 5.03 33.23
CA ARG A 256 26.95 3.84 34.05
C ARG A 256 26.92 2.53 33.25
N SER A 257 25.91 2.35 32.41
CA SER A 257 25.72 1.10 31.67
C SER A 257 26.36 1.13 30.28
N PRO A 258 27.41 0.32 30.09
CA PRO A 258 28.16 0.17 28.83
C PRO A 258 27.27 -0.22 27.65
N LEU A 259 27.61 0.23 26.45
CA LEU A 259 26.86 -0.12 25.26
C LEU A 259 27.11 -1.58 24.88
N THR A 260 28.18 -2.16 25.41
CA THR A 260 28.52 -3.55 25.10
C THR A 260 27.41 -4.49 25.56
N ILE A 261 26.62 -4.02 26.53
CA ILE A 261 25.41 -4.68 26.98
C ILE A 261 24.52 -5.02 25.80
N CYS A 262 24.43 -4.08 24.86
CA CYS A 262 23.47 -4.19 23.76
C CYS A 262 24.19 -4.49 22.43
N TYR A 263 25.36 -3.90 22.24
CA TYR A 263 26.20 -4.23 21.10
C TYR A 263 27.55 -4.71 21.63
N PRO A 264 27.70 -6.03 21.80
CA PRO A 264 28.91 -6.61 22.37
C PRO A 264 30.15 -6.36 21.51
N GLU A 265 29.95 -6.22 20.21
CA GLU A 265 31.05 -6.03 19.28
C GLU A 265 31.57 -4.59 19.32
N TYR A 266 30.90 -3.74 20.09
CA TYR A 266 31.24 -2.32 20.16
C TYR A 266 32.57 -2.12 20.85
N THR A 267 33.53 -1.56 20.11
CA THR A 267 34.88 -1.35 20.63
C THR A 267 35.14 0.10 20.96
N GLY A 268 34.15 0.97 20.72
CA GLY A 268 34.31 2.40 20.92
C GLY A 268 34.33 2.80 22.39
N SER A 269 34.28 4.10 22.66
CA SER A 269 34.29 4.58 24.05
C SER A 269 32.88 4.85 24.56
N ASN A 270 32.76 5.09 25.87
CA ASN A 270 31.45 5.28 26.48
C ASN A 270 31.01 6.73 26.60
N THR A 271 31.52 7.60 25.73
CA THR A 271 31.01 8.95 25.67
C THR A 271 29.63 8.89 25.03
N TYR A 272 28.72 9.73 25.49
CA TYR A 272 27.38 9.83 24.92
C TYR A 272 27.43 10.03 23.41
N GLU A 273 28.24 10.99 23.00
CA GLU A 273 28.33 11.40 21.61
C GLU A 273 28.82 10.30 20.67
N GLU A 274 29.80 9.52 21.12
CA GLU A 274 30.35 8.45 20.29
C GLU A 274 29.40 7.26 20.21
N ALA A 275 28.78 6.96 21.35
CA ALA A 275 27.83 5.84 21.43
C ALA A 275 26.60 6.10 20.56
N ALA A 276 26.01 7.29 20.71
CA ALA A 276 24.84 7.68 19.93
C ALA A 276 25.15 7.57 18.44
N ALA A 277 26.36 8.01 18.08
CA ALA A 277 26.79 7.94 16.70
C ALA A 277 26.86 6.49 16.25
N TYR A 278 27.31 5.60 17.14
CA TYR A 278 27.37 4.19 16.81
C TYR A 278 25.99 3.58 16.58
N ILE A 279 25.02 3.94 17.42
CA ILE A 279 23.66 3.46 17.27
C ILE A 279 23.04 3.95 15.95
N GLN A 280 23.15 5.26 15.71
CA GLN A 280 22.67 5.87 14.47
C GLN A 280 23.27 5.16 13.28
N CYS A 281 24.56 4.83 13.36
CA CYS A 281 25.22 4.07 12.32
C CYS A 281 24.54 2.71 12.15
N GLN A 282 24.37 1.98 13.24
CA GLN A 282 23.72 0.67 13.21
C GLN A 282 22.35 0.67 12.53
N PHE A 283 21.57 1.72 12.77
CA PHE A 283 20.26 1.83 12.14
C PHE A 283 20.35 2.24 10.66
N GLU A 284 21.15 3.26 10.37
CA GLU A 284 21.25 3.80 9.01
C GLU A 284 21.88 2.78 8.06
N ASP A 285 22.64 1.84 8.61
CA ASP A 285 23.30 0.82 7.80
C ASP A 285 22.26 -0.15 7.23
N LEU A 286 21.08 -0.15 7.82
CA LEU A 286 20.01 -1.07 7.42
C LEU A 286 19.36 -0.66 6.12
N ASN A 287 19.53 0.60 5.74
CA ASN A 287 19.05 1.06 4.44
C ASN A 287 19.86 0.31 3.40
N ARG A 288 19.19 -0.52 2.61
CA ARG A 288 19.87 -1.34 1.61
C ARG A 288 19.79 -0.71 0.22
N ARG A 289 19.00 0.34 0.11
CA ARG A 289 18.99 1.18 -1.08
C ARG A 289 19.67 2.51 -0.75
N LYS A 290 20.93 2.43 -0.33
CA LYS A 290 21.68 3.58 0.19
C LYS A 290 21.82 4.75 -0.77
N ASP A 291 22.07 4.43 -2.04
CA ASP A 291 22.27 5.46 -3.05
C ASP A 291 20.94 6.11 -3.43
N THR A 292 19.92 5.28 -3.62
CA THR A 292 18.63 5.75 -4.11
C THR A 292 17.78 6.38 -3.00
N LYS A 293 18.18 6.21 -1.75
CA LYS A 293 17.43 6.74 -0.61
C LYS A 293 18.32 7.23 0.53
N GLU A 294 18.01 8.41 1.07
CA GLU A 294 18.78 8.98 2.16
C GLU A 294 17.90 9.04 3.42
N ILE A 295 18.52 8.92 4.59
CA ILE A 295 17.75 8.87 5.83
C ILE A 295 17.99 10.12 6.66
N TYR A 296 16.92 10.84 6.99
CA TYR A 296 17.05 12.05 7.78
C TYR A 296 16.99 11.71 9.26
N THR A 297 18.15 11.76 9.93
CA THR A 297 18.23 11.34 11.32
C THR A 297 18.27 12.54 12.26
N HIS A 298 17.50 12.45 13.35
CA HIS A 298 17.48 13.49 14.37
C HIS A 298 17.52 12.85 15.75
N PHE A 299 18.08 13.57 16.72
CA PHE A 299 18.15 13.08 18.10
C PHE A 299 17.21 13.90 18.97
N THR A 300 16.12 13.30 19.42
CA THR A 300 15.06 14.04 20.09
C THR A 300 14.94 13.72 21.57
N CYS A 301 14.28 14.63 22.29
CA CYS A 301 13.77 14.36 23.62
C CYS A 301 12.32 14.80 23.58
N ALA A 302 11.43 13.84 23.32
CA ALA A 302 10.04 14.13 22.98
C ALA A 302 9.27 14.89 24.05
N THR A 303 9.78 14.87 25.29
CA THR A 303 9.14 15.59 26.38
C THR A 303 9.58 17.05 26.40
N ASP A 304 10.62 17.36 25.63
CA ASP A 304 11.10 18.74 25.52
C ASP A 304 10.40 19.38 24.33
N THR A 305 9.43 20.25 24.64
CA THR A 305 8.61 20.88 23.61
C THR A 305 9.44 21.76 22.68
N LYS A 306 10.40 22.46 23.26
CA LYS A 306 11.29 23.33 22.51
C LYS A 306 12.04 22.52 21.45
N ASN A 307 12.64 21.42 21.91
CA ASN A 307 13.41 20.53 21.05
C ASN A 307 12.56 20.00 19.90
N VAL A 308 11.42 19.42 20.22
CA VAL A 308 10.51 18.85 19.23
C VAL A 308 10.07 19.89 18.21
N GLN A 309 9.81 21.11 18.70
CA GLN A 309 9.42 22.21 17.85
C GLN A 309 10.54 22.50 16.84
N PHE A 310 11.77 22.57 17.34
CA PHE A 310 12.93 22.81 16.48
C PHE A 310 13.07 21.73 15.41
N VAL A 311 13.18 20.49 15.87
CA VAL A 311 13.38 19.33 15.00
C VAL A 311 12.32 19.28 13.92
N PHE A 312 11.07 19.50 14.33
CA PHE A 312 9.96 19.43 13.40
C PHE A 312 10.03 20.56 12.38
N ASP A 313 10.44 21.75 12.85
CA ASP A 313 10.70 22.87 11.95
C ASP A 313 11.70 22.46 10.88
N ALA A 314 12.80 21.85 11.30
CA ALA A 314 13.83 21.38 10.37
C ALA A 314 13.28 20.37 9.36
N VAL A 315 12.48 19.44 9.86
CA VAL A 315 11.84 18.44 9.01
C VAL A 315 10.99 19.12 7.94
N THR A 316 10.19 20.09 8.37
CA THR A 316 9.32 20.86 7.49
C THR A 316 10.13 21.57 6.41
N ASP A 317 11.24 22.17 6.83
CA ASP A 317 12.15 22.85 5.91
C ASP A 317 12.65 21.88 4.84
N VAL A 318 13.00 20.66 5.26
CA VAL A 318 13.47 19.66 4.30
C VAL A 318 12.36 19.32 3.32
N ILE A 319 11.14 19.22 3.83
CA ILE A 319 9.98 18.92 2.99
C ILE A 319 9.76 20.00 1.93
N ILE A 320 9.74 21.26 2.37
CA ILE A 320 9.62 22.41 1.47
C ILE A 320 10.71 22.39 0.41
N LYS A 321 11.96 22.15 0.83
CA LYS A 321 13.08 22.13 -0.10
C LYS A 321 12.90 21.00 -1.12
N ASN A 322 12.24 19.92 -0.71
CA ASN A 322 11.92 18.84 -1.62
C ASN A 322 10.77 19.22 -2.57
N ASN A 323 9.92 20.14 -2.12
CA ASN A 323 8.82 20.66 -2.93
C ASN A 323 9.31 21.63 -4.01
N LEU A 324 10.30 22.45 -3.66
CA LEU A 324 10.90 23.38 -4.61
C LEU A 324 11.61 22.61 -5.73
N LYS A 325 12.00 21.38 -5.43
CA LYS A 325 12.63 20.51 -6.40
C LYS A 325 11.62 20.07 -7.46
N GLU A 326 10.35 20.01 -7.06
CA GLU A 326 9.27 19.62 -7.96
C GLU A 326 8.81 20.78 -8.84
N LYS B 8 54.88 7.78 42.69
CA LYS B 8 53.45 7.98 42.85
C LYS B 8 53.04 9.40 42.52
N GLU B 9 53.94 10.14 41.88
CA GLU B 9 53.66 11.53 41.50
C GLU B 9 53.23 11.57 40.04
N VAL B 10 52.20 12.37 39.77
CA VAL B 10 51.60 12.43 38.44
C VAL B 10 51.58 13.87 37.91
N LYS B 11 52.19 14.08 36.75
CA LYS B 11 52.34 15.41 36.17
C LYS B 11 51.41 15.65 34.99
N LEU B 12 50.39 16.48 35.20
CA LEU B 12 49.45 16.85 34.16
C LEU B 12 49.79 18.21 33.57
N LEU B 13 49.83 18.26 32.24
CA LEU B 13 50.11 19.52 31.54
C LEU B 13 48.93 19.88 30.64
N LEU B 14 48.31 21.02 30.90
CA LEU B 14 47.23 21.50 30.07
C LEU B 14 47.77 22.31 28.88
N LEU B 15 47.38 21.90 27.68
CA LEU B 15 47.69 22.66 26.49
C LEU B 15 46.39 22.95 25.73
N GLY B 16 46.52 23.58 24.57
CA GLY B 16 45.35 24.00 23.82
C GLY B 16 45.44 25.50 23.61
N ALA B 17 44.79 26.02 22.56
CA ALA B 17 44.90 27.43 22.24
C ALA B 17 44.33 28.32 23.34
N GLY B 18 44.39 29.63 23.13
CA GLY B 18 43.89 30.57 24.10
C GLY B 18 42.38 30.46 24.14
N GLU B 19 41.78 30.75 25.29
CA GLU B 19 40.33 30.75 25.44
C GLU B 19 39.72 29.37 25.19
N SER B 20 40.41 28.33 25.65
CA SER B 20 39.96 26.97 25.38
C SER B 20 39.42 26.27 26.64
N GLY B 21 39.72 26.81 27.81
CA GLY B 21 39.16 26.29 29.05
C GLY B 21 40.20 25.89 30.08
N LYS B 22 41.47 25.99 29.71
CA LYS B 22 42.58 25.55 30.56
C LYS B 22 42.52 26.10 31.99
N SER B 23 42.62 27.41 32.13
CA SER B 23 42.53 28.06 33.45
C SER B 23 41.27 27.66 34.19
N THR B 24 40.16 27.59 33.46
CA THR B 24 38.88 27.17 34.00
C THR B 24 38.98 25.75 34.57
N ILE B 25 39.60 24.85 33.82
CA ILE B 25 39.80 23.48 34.28
C ILE B 25 40.63 23.48 35.58
N VAL B 26 41.63 24.34 35.64
CA VAL B 26 42.46 24.48 36.85
C VAL B 26 41.62 24.89 38.07
N LYS B 27 40.84 25.97 37.90
CA LYS B 27 39.94 26.43 38.95
C LYS B 27 39.01 25.32 39.41
N GLN B 28 38.46 24.58 38.45
CA GLN B 28 37.60 23.45 38.76
C GLN B 28 38.33 22.44 39.62
N MET B 29 39.60 22.17 39.29
CA MET B 29 40.40 21.26 40.08
C MET B 29 40.53 21.76 41.52
N LYS B 30 40.64 23.08 41.68
CA LYS B 30 40.64 23.69 43.01
C LYS B 30 39.33 23.40 43.74
N ILE B 31 38.22 23.71 43.09
CA ILE B 31 36.89 23.52 43.69
C ILE B 31 36.60 22.06 44.06
N ILE B 32 37.15 21.13 43.29
CA ILE B 32 36.82 19.70 43.44
C ILE B 32 37.76 18.97 44.40
N HIS B 33 39.07 19.19 44.27
CA HIS B 33 40.01 18.40 45.07
C HIS B 33 40.66 19.18 46.21
N GLU B 34 40.68 20.50 46.10
CA GLU B 34 41.01 21.36 47.23
C GLU B 34 39.72 21.70 47.96
N ASP B 35 39.80 22.56 48.97
CA ASP B 35 38.62 22.89 49.77
C ASP B 35 37.64 23.80 49.04
N GLY B 36 38.03 24.30 47.89
CA GLY B 36 37.23 25.27 47.17
C GLY B 36 37.70 26.67 47.54
N TYR B 37 36.87 27.67 47.26
CA TYR B 37 37.24 29.05 47.55
C TYR B 37 36.57 29.58 48.81
N SER B 38 37.38 30.21 49.66
CA SER B 38 36.90 30.80 50.90
C SER B 38 36.25 32.14 50.60
N GLU B 39 35.32 32.54 51.46
CA GLU B 39 34.60 33.79 51.30
C GLU B 39 35.56 34.98 51.18
N ASP B 40 36.72 34.84 51.79
CA ASP B 40 37.79 35.83 51.73
C ASP B 40 38.20 36.16 50.29
N GLU B 41 38.47 35.12 49.51
CA GLU B 41 38.96 35.27 48.13
C GLU B 41 37.92 35.85 47.16
N CYS B 42 36.69 35.36 47.24
CA CYS B 42 35.58 35.84 46.41
C CYS B 42 35.46 37.37 46.48
N LYS B 43 35.67 37.87 47.69
CA LYS B 43 35.67 39.29 48.00
C LYS B 43 36.68 39.97 47.09
N GLN B 44 37.88 39.41 47.03
CA GLN B 44 38.91 39.91 46.12
C GLN B 44 38.45 39.83 44.66
N TYR B 45 37.66 38.81 44.33
CA TYR B 45 37.25 38.59 42.96
C TYR B 45 36.11 39.52 42.51
N LYS B 46 35.55 40.26 43.46
CA LYS B 46 34.47 41.21 43.18
C LYS B 46 34.83 42.19 42.06
N VAL B 47 35.91 42.94 42.27
CA VAL B 47 36.38 43.93 41.31
C VAL B 47 36.56 43.30 39.93
N VAL B 48 37.12 42.09 39.92
CA VAL B 48 37.33 41.33 38.69
C VAL B 48 36.01 41.12 37.96
N VAL B 49 35.00 40.65 38.69
CA VAL B 49 33.66 40.46 38.13
C VAL B 49 33.17 41.74 37.45
N TYR B 50 33.16 42.84 38.21
CA TYR B 50 32.66 44.12 37.69
C TYR B 50 33.42 44.55 36.43
N SER B 51 34.75 44.41 36.48
CA SER B 51 35.61 44.74 35.37
C SER B 51 35.17 43.99 34.14
N ASN B 52 35.24 42.65 34.22
CA ASN B 52 34.88 41.78 33.09
C ASN B 52 33.51 42.14 32.50
N THR B 53 32.56 42.47 33.37
CA THR B 53 31.24 42.90 32.92
C THR B 53 31.36 44.14 32.03
N ILE B 54 32.08 45.13 32.55
CA ILE B 54 32.29 46.39 31.83
C ILE B 54 32.99 46.20 30.46
N GLN B 55 34.13 45.51 30.46
CA GLN B 55 34.88 45.28 29.22
C GLN B 55 34.05 44.48 28.22
N SER B 56 33.20 43.61 28.75
CA SER B 56 32.29 42.84 27.92
C SER B 56 31.37 43.77 27.16
N ILE B 57 30.56 44.54 27.89
CA ILE B 57 29.61 45.44 27.23
C ILE B 57 30.29 46.46 26.30
N ILE B 58 31.41 47.02 26.74
CA ILE B 58 32.20 47.92 25.89
C ILE B 58 32.53 47.24 24.56
N ALA B 59 33.06 46.03 24.66
CA ALA B 59 33.45 45.26 23.48
C ALA B 59 32.26 45.09 22.54
N ILE B 60 31.10 44.77 23.12
CA ILE B 60 29.87 44.64 22.33
C ILE B 60 29.54 45.92 21.57
N ILE B 61 29.62 47.06 22.26
CA ILE B 61 29.26 48.35 21.67
C ILE B 61 30.21 48.74 20.52
N ARG B 62 31.51 48.73 20.80
CA ARG B 62 32.52 48.94 19.76
C ARG B 62 32.26 48.00 18.57
N ALA B 63 31.84 46.79 18.89
CA ALA B 63 31.48 45.82 17.86
C ALA B 63 30.31 46.29 17.00
N MET B 64 29.28 46.89 17.62
CA MET B 64 28.19 47.47 16.81
C MET B 64 28.74 48.58 15.95
N GLY B 65 29.73 49.29 16.48
CA GLY B 65 30.45 50.28 15.69
C GLY B 65 30.97 49.70 14.40
N ARG B 66 31.87 48.72 14.51
CA ARG B 66 32.49 48.13 13.33
C ARG B 66 31.52 47.39 12.42
N LEU B 67 30.43 46.88 12.99
CA LEU B 67 29.49 46.05 12.26
C LEU B 67 28.34 46.85 11.66
N LYS B 68 28.32 48.14 11.96
CA LYS B 68 27.26 49.05 11.51
C LYS B 68 25.90 48.53 11.95
N ILE B 69 25.69 48.52 13.28
CA ILE B 69 24.44 48.06 13.86
C ILE B 69 23.85 49.19 14.69
N ASP B 70 22.63 49.60 14.35
CA ASP B 70 21.98 50.71 15.04
C ASP B 70 21.24 50.29 16.31
N PHE B 71 21.27 51.16 17.31
CA PHE B 71 20.63 50.93 18.60
C PHE B 71 19.12 50.77 18.43
N GLY B 72 18.46 50.20 19.43
CA GLY B 72 17.01 50.09 19.44
C GLY B 72 16.30 51.43 19.67
N ALA B 74 17.83 54.48 19.43
CA ALA B 74 18.87 55.49 19.38
C ALA B 74 18.91 56.35 20.64
N ALA B 75 17.88 56.20 21.47
CA ALA B 75 17.79 57.00 22.70
C ALA B 75 18.90 56.69 23.72
N ARG B 76 19.03 55.42 24.09
CA ARG B 76 19.98 55.00 25.13
C ARG B 76 21.45 55.31 24.77
N ALA B 77 21.68 55.68 23.51
CA ALA B 77 23.03 55.97 23.01
C ALA B 77 23.80 56.94 23.90
N ASP B 78 23.08 57.88 24.53
CA ASP B 78 23.71 58.89 25.35
C ASP B 78 24.44 58.27 26.53
N ASP B 79 23.86 57.24 27.13
CA ASP B 79 24.56 56.54 28.20
C ASP B 79 25.83 55.85 27.72
N ALA B 80 25.85 55.41 26.46
CA ALA B 80 27.05 54.78 25.92
C ALA B 80 28.23 55.72 26.09
N ARG B 81 28.09 56.94 25.59
CA ARG B 81 29.10 57.97 25.79
C ARG B 81 29.37 58.16 27.28
N GLN B 82 28.29 58.15 28.06
CA GLN B 82 28.41 58.30 29.51
C GLN B 82 29.07 57.05 30.11
N LEU B 83 28.79 55.89 29.52
CA LEU B 83 29.35 54.63 30.01
C LEU B 83 30.86 54.69 29.94
N PHE B 84 31.38 55.05 28.76
CA PHE B 84 32.82 55.23 28.56
C PHE B 84 33.42 56.11 29.65
N VAL B 85 32.63 57.06 30.14
CA VAL B 85 33.07 57.93 31.22
C VAL B 85 32.95 57.24 32.58
N LEU B 86 31.79 56.64 32.84
CA LEU B 86 31.53 55.97 34.12
C LEU B 86 32.34 54.69 34.32
N ALA B 87 33.15 54.34 33.33
CA ALA B 87 33.96 53.12 33.33
C ALA B 87 34.91 53.02 34.52
N GLY B 88 35.40 54.17 34.98
CA GLY B 88 36.39 54.23 36.05
C GLY B 88 35.85 54.02 37.45
N SER B 89 34.65 53.44 37.54
CA SER B 89 33.92 53.34 38.80
C SER B 89 34.30 52.12 39.65
N ALA B 90 35.43 51.50 39.35
CA ALA B 90 35.84 50.29 40.07
C ALA B 90 37.05 50.57 40.96
N VAL B 94 33.36 48.64 43.11
CA VAL B 94 31.99 48.91 43.55
C VAL B 94 31.26 49.81 42.55
N MET B 95 30.40 49.19 41.75
CA MET B 95 29.61 49.90 40.74
C MET B 95 28.48 50.77 41.27
N THR B 96 28.42 51.99 40.75
CA THR B 96 27.34 52.93 41.01
C THR B 96 26.01 52.37 40.48
N PRO B 97 24.94 52.43 41.29
CA PRO B 97 23.62 51.99 40.81
C PRO B 97 23.18 52.75 39.56
N GLU B 98 23.73 53.95 39.38
CA GLU B 98 23.57 54.70 38.14
C GLU B 98 24.16 53.93 36.97
N LEU B 99 25.35 53.36 37.19
CA LEU B 99 26.03 52.58 36.16
C LEU B 99 25.20 51.35 35.80
N ALA B 100 24.67 50.68 36.82
CA ALA B 100 23.75 49.58 36.64
C ALA B 100 22.58 49.97 35.74
N GLY B 101 22.15 51.22 35.84
CA GLY B 101 21.03 51.70 35.04
C GLY B 101 21.44 51.93 33.59
N VAL B 102 22.72 52.19 33.37
CA VAL B 102 23.27 52.29 32.02
C VAL B 102 23.36 50.90 31.40
N ILE B 103 24.01 49.99 32.13
CA ILE B 103 24.24 48.63 31.68
C ILE B 103 22.95 47.88 31.42
N LYS B 104 22.11 47.76 32.45
CA LYS B 104 20.84 47.03 32.33
C LYS B 104 20.03 47.52 31.14
N ARG B 105 20.17 48.81 30.85
CA ARG B 105 19.51 49.42 29.70
C ARG B 105 20.15 48.95 28.40
N LEU B 106 21.47 48.88 28.38
CA LEU B 106 22.17 48.45 27.17
C LEU B 106 21.95 46.97 26.85
N TRP B 107 21.96 46.15 27.89
CA TRP B 107 21.77 44.70 27.76
C TRP B 107 20.33 44.35 27.41
N ARG B 108 19.40 45.26 27.69
CA ARG B 108 17.98 45.05 27.39
C ARG B 108 17.66 45.34 25.92
N ASP B 109 18.53 46.08 25.26
CA ASP B 109 18.27 46.53 23.90
C ASP B 109 18.34 45.39 22.88
N GLY B 110 17.21 45.12 22.24
CA GLY B 110 17.13 44.11 21.19
C GLY B 110 18.03 44.41 20.01
N GLY B 111 18.48 45.65 19.91
CA GLY B 111 19.43 46.05 18.89
C GLY B 111 20.83 45.66 19.30
N VAL B 112 21.13 45.86 20.59
CA VAL B 112 22.38 45.39 21.18
C VAL B 112 22.40 43.87 21.16
N GLN B 113 21.27 43.27 21.54
CA GLN B 113 21.09 41.81 21.52
C GLN B 113 21.34 41.26 20.12
N ALA B 114 20.89 42.00 19.12
CA ALA B 114 21.06 41.61 17.72
C ALA B 114 22.53 41.60 17.31
N CYS B 115 23.33 42.44 17.96
CA CYS B 115 24.78 42.45 17.75
C CYS B 115 25.41 41.30 18.52
N PHE B 116 24.90 41.07 19.72
CA PHE B 116 25.36 40.00 20.59
C PHE B 116 25.21 38.64 19.93
N SER B 117 24.14 38.48 19.16
CA SER B 117 23.90 37.22 18.45
C SER B 117 24.78 37.12 17.19
N ARG B 118 25.62 38.12 17.00
CA ARG B 118 26.58 38.11 15.90
C ARG B 118 27.99 38.09 16.48
N SER B 119 28.12 37.56 17.68
CA SER B 119 29.40 37.54 18.39
C SER B 119 30.45 36.70 17.68
N ARG B 120 30.05 36.03 16.59
CA ARG B 120 30.98 35.25 15.80
C ARG B 120 31.75 36.16 14.86
N GLU B 121 31.22 37.38 14.65
CA GLU B 121 31.81 38.31 13.71
C GLU B 121 32.85 39.22 14.35
N TYR B 122 32.92 39.18 15.68
CA TYR B 122 33.95 39.93 16.39
C TYR B 122 34.50 39.13 17.56
N GLN B 123 35.24 39.79 18.44
CA GLN B 123 35.93 39.10 19.52
C GLN B 123 35.24 39.32 20.86
N LEU B 124 34.22 38.51 21.15
CA LEU B 124 33.53 38.62 22.43
C LEU B 124 33.91 37.47 23.36
N ASN B 125 34.10 37.77 24.64
CA ASN B 125 34.39 36.74 25.63
C ASN B 125 33.15 35.86 25.83
N ASP B 126 33.36 34.60 26.18
CA ASP B 126 32.25 33.66 26.37
C ASP B 126 31.59 33.74 27.76
N SER B 127 32.19 34.50 28.68
CA SER B 127 31.64 34.67 30.02
C SER B 127 30.65 35.84 30.15
N ALA B 128 30.46 36.58 29.07
CA ALA B 128 29.63 37.78 29.07
C ALA B 128 28.17 37.55 29.50
N SER B 129 27.50 36.68 28.76
CA SER B 129 26.09 36.36 28.99
C SER B 129 25.86 35.98 30.46
N TYR B 130 26.76 35.18 31.02
CA TYR B 130 26.65 34.73 32.40
C TYR B 130 26.46 35.89 33.37
N TYR B 131 27.25 36.94 33.18
CA TYR B 131 27.18 38.10 34.08
C TYR B 131 26.03 39.03 33.75
N LEU B 132 25.89 39.39 32.47
CA LEU B 132 24.84 40.32 32.07
C LEU B 132 23.44 39.81 32.39
N ASN B 133 23.26 38.49 32.34
CA ASN B 133 21.98 37.89 32.70
C ASN B 133 21.79 37.81 34.22
N ASP B 134 22.90 37.72 34.94
CA ASP B 134 22.87 37.65 36.40
C ASP B 134 23.16 39.01 37.03
N LEU B 135 22.80 40.09 36.33
CA LEU B 135 23.12 41.45 36.75
C LEU B 135 22.55 41.86 38.11
N ASP B 136 21.27 41.53 38.36
CA ASP B 136 20.62 41.90 39.61
C ASP B 136 21.35 41.32 40.82
N ARG B 137 21.64 40.03 40.74
CA ARG B 137 22.33 39.31 41.82
C ARG B 137 23.69 39.90 42.18
N ILE B 138 24.38 40.45 41.19
CA ILE B 138 25.74 40.98 41.41
C ILE B 138 25.70 42.47 41.72
N SER B 139 24.56 43.11 41.45
CA SER B 139 24.44 44.55 41.62
C SER B 139 24.09 44.96 43.06
N GLN B 140 23.92 43.98 43.94
CA GLN B 140 23.73 44.26 45.37
C GLN B 140 24.99 44.89 45.95
N SER B 141 24.81 45.79 46.92
CA SER B 141 25.93 46.45 47.55
C SER B 141 26.64 45.49 48.50
N ASN B 142 25.90 44.49 48.96
CA ASN B 142 26.45 43.47 49.85
C ASN B 142 26.91 42.25 49.06
N TYR B 143 27.07 42.41 47.76
CA TYR B 143 27.31 41.25 46.89
C TYR B 143 28.69 40.63 47.04
N ILE B 144 28.69 39.31 47.29
CA ILE B 144 29.89 38.50 47.24
C ILE B 144 29.66 37.40 46.19
N PRO B 145 30.68 37.13 45.37
CA PRO B 145 30.47 36.20 44.25
C PRO B 145 30.28 34.75 44.70
N THR B 146 29.38 34.04 44.03
CA THR B 146 29.20 32.62 44.27
C THR B 146 30.40 31.94 43.62
N GLN B 147 30.74 30.74 44.07
CA GLN B 147 31.80 29.94 43.47
C GLN B 147 31.73 29.94 41.94
N GLN B 148 30.55 29.70 41.39
CA GLN B 148 30.33 29.76 39.95
C GLN B 148 30.72 31.13 39.37
N ASP B 149 30.34 32.19 40.08
CA ASP B 149 30.68 33.56 39.64
C ASP B 149 32.19 33.73 39.60
N VAL B 150 32.89 33.05 40.50
CA VAL B 150 34.35 33.12 40.56
C VAL B 150 34.96 32.31 39.42
N LEU B 151 34.32 31.21 39.06
CA LEU B 151 34.75 30.37 37.95
C LEU B 151 34.80 31.14 36.63
N ARG B 152 33.82 32.03 36.44
CA ARG B 152 33.68 32.76 35.19
C ARG B 152 34.57 33.99 35.12
N THR B 153 35.26 34.30 36.23
CA THR B 153 36.16 35.45 36.27
C THR B 153 37.31 35.30 35.29
N ARG B 154 37.61 36.38 34.58
CA ARG B 154 38.65 36.37 33.56
C ARG B 154 39.84 37.20 34.01
N VAL B 155 40.91 36.51 34.42
CA VAL B 155 42.11 37.16 34.92
C VAL B 155 43.21 37.14 33.88
N LYS B 156 43.89 38.28 33.70
CA LYS B 156 45.02 38.36 32.79
C LYS B 156 46.12 37.49 33.39
N THR B 157 46.77 36.69 32.55
CA THR B 157 47.67 35.67 33.05
C THR B 157 48.99 36.25 33.55
N THR B 158 49.33 35.89 34.78
CA THR B 158 50.56 36.34 35.40
C THR B 158 51.74 35.68 34.72
N GLY B 159 51.78 34.35 34.82
CA GLY B 159 52.86 33.58 34.23
C GLY B 159 52.45 32.13 34.06
N ILE B 160 52.94 31.29 34.96
CA ILE B 160 52.63 29.88 34.94
C ILE B 160 51.64 29.62 36.06
N VAL B 161 50.50 29.03 35.73
CA VAL B 161 49.55 28.64 36.75
C VAL B 161 49.79 27.17 37.05
N GLU B 162 49.71 26.82 38.33
CA GLU B 162 49.97 25.44 38.74
C GLU B 162 49.26 25.17 40.04
N THR B 163 48.48 24.10 40.06
CA THR B 163 47.86 23.69 41.31
C THR B 163 48.18 22.22 41.52
N HIS B 164 48.16 21.80 42.76
CA HIS B 164 48.44 20.41 43.07
C HIS B 164 47.51 19.90 44.15
N PHE B 165 47.21 18.62 44.09
CA PHE B 165 46.23 18.03 45.01
C PHE B 165 46.41 16.53 45.15
N THR B 166 45.72 15.93 46.10
CA THR B 166 45.79 14.49 46.30
C THR B 166 44.44 13.89 45.93
N PHE B 167 44.46 12.81 45.15
CA PHE B 167 43.25 12.16 44.70
C PHE B 167 43.51 10.69 44.39
N LYS B 168 42.60 9.83 44.83
CA LYS B 168 42.74 8.37 44.68
C LYS B 168 44.12 7.85 45.04
N ASP B 169 44.63 8.29 46.19
CA ASP B 169 45.95 7.93 46.66
C ASP B 169 47.05 8.25 45.63
N LEU B 170 46.92 9.43 45.02
CA LEU B 170 47.91 9.91 44.05
C LEU B 170 48.13 11.40 44.20
N TYR B 171 49.35 11.85 43.95
CA TYR B 171 49.65 13.28 44.02
C TYR B 171 49.72 13.88 42.63
N PHE B 172 48.79 14.78 42.33
CA PHE B 172 48.70 15.40 41.03
C PHE B 172 49.29 16.79 41.07
N LYS B 173 50.25 17.04 40.19
CA LYS B 173 50.73 18.40 39.94
C LYS B 173 50.26 18.78 38.55
N MET B 174 49.48 19.87 38.46
CA MET B 174 48.84 20.25 37.21
C MET B 174 49.25 21.66 36.79
N PHE B 175 49.70 21.78 35.54
CA PHE B 175 50.32 23.00 35.04
C PHE B 175 49.63 23.61 33.83
N ASP B 176 49.46 24.92 33.84
CA ASP B 176 49.00 25.67 32.67
C ASP B 176 50.12 26.61 32.22
N VAL B 177 50.89 26.18 31.23
CA VAL B 177 52.09 26.90 30.80
C VAL B 177 51.80 28.06 29.87
N GLY B 178 50.51 28.34 29.64
CA GLY B 178 50.07 29.15 28.53
C GLY B 178 50.58 30.56 28.31
N GLY B 179 51.25 30.75 27.17
CA GLY B 179 51.47 32.06 26.56
C GLY B 179 52.53 33.02 27.07
N GLN B 180 53.08 32.78 28.25
CA GLN B 180 54.02 33.74 28.83
C GLN B 180 55.43 33.63 28.25
N ARG B 181 55.76 34.58 27.36
CA ARG B 181 57.05 34.62 26.69
C ARG B 181 58.25 34.85 27.60
N SER B 182 58.01 35.06 28.90
CA SER B 182 59.08 35.28 29.87
C SER B 182 59.34 34.00 30.67
N GLU B 183 60.26 34.08 31.63
CA GLU B 183 60.66 32.95 32.50
C GLU B 183 60.74 31.58 31.79
N ARG B 184 61.20 31.59 30.54
CA ARG B 184 61.19 30.42 29.67
C ARG B 184 61.82 29.12 30.23
N LYS B 185 62.67 29.21 31.24
CA LYS B 185 63.25 27.99 31.77
C LYS B 185 62.26 27.22 32.62
N LYS B 186 61.56 27.93 33.51
CA LYS B 186 60.55 27.29 34.35
C LYS B 186 59.40 26.84 33.46
N TRP B 187 59.18 27.60 32.39
CA TRP B 187 58.16 27.29 31.40
C TRP B 187 58.44 25.99 30.68
N ILE B 188 59.66 25.86 30.18
CA ILE B 188 60.09 24.64 29.49
C ILE B 188 60.09 23.43 30.42
N HIS B 189 60.45 23.63 31.69
CA HIS B 189 60.49 22.48 32.60
C HIS B 189 59.12 21.82 32.80
N CYS B 190 58.05 22.55 32.47
CA CYS B 190 56.70 21.99 32.54
C CYS B 190 56.48 20.88 31.52
N PHE B 191 57.27 20.89 30.45
CA PHE B 191 57.17 19.88 29.41
C PHE B 191 58.07 18.68 29.69
N GLU B 192 58.75 18.69 30.83
CA GLU B 192 59.66 17.61 31.16
C GLU B 192 58.99 16.60 32.09
N GLY B 193 59.09 15.32 31.75
CA GLY B 193 58.55 14.27 32.59
C GLY B 193 57.05 14.40 32.82
N VAL B 194 56.32 14.63 31.75
CA VAL B 194 54.87 14.76 31.84
C VAL B 194 54.22 13.40 31.75
N THR B 195 53.34 13.10 32.70
CA THR B 195 52.63 11.82 32.67
C THR B 195 51.49 11.84 31.66
N ALA B 196 50.81 12.98 31.57
CA ALA B 196 49.68 13.12 30.66
C ALA B 196 49.45 14.55 30.22
N ILE B 197 49.24 14.73 28.92
CA ILE B 197 48.86 16.01 28.35
C ILE B 197 47.34 16.07 28.16
N ILE B 198 46.72 17.15 28.61
CA ILE B 198 45.29 17.34 28.40
C ILE B 198 45.10 18.49 27.43
N PHE B 199 44.86 18.16 26.17
CA PHE B 199 44.65 19.18 25.14
C PHE B 199 43.20 19.64 25.14
N CYS B 200 43.00 20.94 25.31
CA CYS B 200 41.66 21.49 25.31
C CYS B 200 41.32 22.11 23.95
N VAL B 201 40.09 21.84 23.50
CA VAL B 201 39.59 22.42 22.26
C VAL B 201 38.28 23.13 22.53
N ALA B 202 38.18 24.37 22.10
CA ALA B 202 36.92 25.10 22.18
C ALA B 202 36.13 24.77 20.93
N LEU B 203 35.07 23.97 21.08
CA LEU B 203 34.27 23.57 19.93
C LEU B 203 33.53 24.76 19.31
N SER B 204 33.09 25.69 20.14
CA SER B 204 32.22 26.77 19.67
C SER B 204 32.94 27.78 18.78
N ASP B 205 34.22 27.53 18.52
CA ASP B 205 35.02 28.39 17.67
C ASP B 205 34.91 27.98 16.20
N TYR B 206 34.04 27.03 15.90
CA TYR B 206 33.91 26.55 14.52
C TYR B 206 33.31 27.62 13.62
N ASP B 207 32.40 28.42 14.18
CA ASP B 207 31.66 29.38 13.37
C ASP B 207 32.26 30.78 13.41
N LEU B 208 33.39 30.93 14.11
CA LEU B 208 34.04 32.24 14.20
C LEU B 208 34.52 32.66 12.82
N VAL B 209 34.39 33.95 12.54
CA VAL B 209 34.79 34.46 11.24
C VAL B 209 36.29 34.73 11.28
N LEU B 210 36.96 34.42 10.17
CA LEU B 210 38.39 34.62 10.06
C LEU B 210 38.71 36.10 10.25
N ALA B 211 39.65 36.39 11.15
CA ALA B 211 39.94 37.78 11.49
C ALA B 211 41.11 38.29 10.69
N GLU B 212 41.37 39.59 10.79
CA GLU B 212 42.39 40.22 9.96
C GLU B 212 43.77 39.71 10.30
N ASP B 213 43.99 39.35 11.57
CA ASP B 213 45.30 38.88 11.99
C ASP B 213 45.33 37.37 12.18
N GLU B 214 45.31 36.63 11.07
CA GLU B 214 45.37 35.17 11.14
C GLU B 214 45.58 34.55 9.76
N GLU B 215 46.39 33.50 9.71
CA GLU B 215 46.61 32.76 8.47
C GLU B 215 45.44 31.83 8.18
N MET B 216 44.80 31.36 9.25
CA MET B 216 43.80 30.31 9.13
C MET B 216 42.71 30.44 10.19
N ASN B 217 41.61 29.75 9.99
CA ASN B 217 40.51 29.75 10.94
C ASN B 217 40.96 29.15 12.28
N ARG B 218 40.40 29.64 13.38
CA ARG B 218 40.84 29.24 14.72
C ARG B 218 40.87 27.72 14.98
N MET B 219 39.86 27.03 14.48
CA MET B 219 39.76 25.59 14.66
C MET B 219 40.94 24.87 13.98
N HIS B 220 41.32 25.34 12.80
CA HIS B 220 42.47 24.78 12.10
C HIS B 220 43.79 25.12 12.80
N GLU B 221 43.81 26.24 13.52
CA GLU B 221 44.96 26.58 14.35
C GLU B 221 45.11 25.54 15.45
N SER B 222 44.01 25.29 16.15
CA SER B 222 44.00 24.29 17.22
C SER B 222 44.37 22.91 16.69
N MET B 223 43.86 22.57 15.51
CA MET B 223 44.19 21.31 14.85
C MET B 223 45.67 21.18 14.53
N LYS B 224 46.25 22.22 13.94
CA LYS B 224 47.69 22.22 13.62
C LYS B 224 48.51 22.05 14.90
N LEU B 225 48.09 22.75 15.94
CA LEU B 225 48.74 22.68 17.25
C LEU B 225 48.68 21.25 17.80
N PHE B 226 47.52 20.62 17.69
CA PHE B 226 47.34 19.26 18.16
C PHE B 226 48.18 18.27 17.35
N ASP B 227 48.24 18.48 16.04
CA ASP B 227 49.10 17.69 15.17
C ASP B 227 50.53 17.77 15.68
N SER B 228 50.95 18.98 16.03
CA SER B 228 52.30 19.19 16.54
C SER B 228 52.54 18.39 17.83
N ILE B 229 51.67 18.55 18.80
CA ILE B 229 51.82 17.86 20.08
C ILE B 229 51.77 16.33 19.99
N CYS B 230 50.75 15.83 19.29
CA CYS B 230 50.46 14.41 19.23
C CYS B 230 51.59 13.60 18.61
N ASN B 231 52.09 14.08 17.48
CA ASN B 231 53.11 13.34 16.75
C ASN B 231 54.52 13.82 17.06
N ASN B 232 54.75 14.19 18.32
CA ASN B 232 56.09 14.56 18.75
C ASN B 232 56.75 13.37 19.46
N LYS B 233 57.97 13.03 19.03
CA LYS B 233 58.70 11.88 19.55
C LYS B 233 58.86 11.96 21.08
N TRP B 234 58.77 13.17 21.61
CA TRP B 234 58.97 13.42 23.03
C TRP B 234 57.83 12.87 23.88
N PHE B 235 56.64 12.85 23.31
CA PHE B 235 55.44 12.56 24.07
C PHE B 235 54.88 11.16 23.77
N THR B 236 55.68 10.36 23.07
CA THR B 236 55.31 8.98 22.74
C THR B 236 54.97 8.19 23.99
N GLU B 237 55.62 8.54 25.10
CA GLU B 237 55.38 7.86 26.37
C GLU B 237 54.50 8.70 27.28
N THR B 238 53.77 9.64 26.69
CA THR B 238 52.86 10.49 27.46
C THR B 238 51.43 10.26 26.98
N SER B 239 50.51 10.10 27.93
CA SER B 239 49.11 9.90 27.57
C SER B 239 48.59 11.17 26.94
N ILE B 240 47.84 11.04 25.86
CA ILE B 240 47.26 12.21 25.22
C ILE B 240 45.76 12.24 25.42
N ILE B 241 45.30 13.22 26.18
CA ILE B 241 43.89 13.36 26.48
C ILE B 241 43.34 14.59 25.79
N LEU B 242 42.25 14.43 25.06
CA LEU B 242 41.69 15.50 24.25
C LEU B 242 40.35 15.93 24.82
N PHE B 243 40.28 17.17 25.30
CA PHE B 243 39.04 17.74 25.82
C PHE B 243 38.35 18.60 24.78
N LEU B 244 37.38 18.04 24.07
CA LEU B 244 36.55 18.85 23.20
C LEU B 244 35.58 19.59 24.11
N ASN B 245 35.90 20.85 24.40
CA ASN B 245 35.18 21.62 25.42
C ASN B 245 34.13 22.54 24.82
N LYS B 246 33.40 23.26 25.68
CA LYS B 246 32.33 24.16 25.27
C LYS B 246 31.26 23.49 24.41
N LYS B 247 30.87 22.28 24.81
CA LYS B 247 29.89 21.50 24.06
C LYS B 247 28.49 22.13 24.11
N ASP B 248 28.20 22.85 25.19
CA ASP B 248 26.92 23.54 25.32
C ASP B 248 26.76 24.63 24.26
N LEU B 249 27.74 25.54 24.26
CA LEU B 249 27.76 26.65 23.34
C LEU B 249 27.84 26.10 21.93
N PHE B 250 28.50 24.96 21.78
CA PHE B 250 28.58 24.31 20.47
C PHE B 250 27.23 23.79 19.99
N GLU B 251 26.43 23.26 20.91
CA GLU B 251 25.12 22.73 20.53
C GLU B 251 24.19 23.88 20.13
N GLU B 252 24.18 24.91 20.97
CA GLU B 252 23.35 26.08 20.69
C GLU B 252 23.75 26.72 19.37
N LYS B 253 25.06 26.92 19.18
CA LYS B 253 25.56 27.47 17.94
C LYS B 253 25.23 26.60 16.74
N ILE B 254 25.39 25.29 16.89
CA ILE B 254 25.23 24.39 15.75
C ILE B 254 23.76 24.29 15.32
N LYS B 255 22.85 24.68 16.21
CA LYS B 255 21.45 24.78 15.80
C LYS B 255 21.32 25.80 14.68
N ARG B 256 22.09 26.88 14.79
CA ARG B 256 22.00 28.01 13.87
C ARG B 256 23.10 28.07 12.79
N SER B 257 24.36 28.00 13.21
CA SER B 257 25.49 28.16 12.29
C SER B 257 26.01 26.82 11.78
N PRO B 258 25.91 26.59 10.47
CA PRO B 258 26.38 25.36 9.81
C PRO B 258 27.88 25.11 10.02
N LEU B 259 28.26 23.84 10.11
CA LEU B 259 29.66 23.48 10.30
C LEU B 259 30.47 23.73 9.02
N THR B 260 29.79 23.88 7.89
CA THR B 260 30.46 24.10 6.62
C THR B 260 31.27 25.40 6.62
N ILE B 261 30.90 26.31 7.52
CA ILE B 261 31.68 27.51 7.80
C ILE B 261 33.14 27.16 8.05
N CYS B 262 33.35 26.08 8.79
CA CYS B 262 34.69 25.72 9.26
C CYS B 262 35.23 24.52 8.48
N TYR B 263 34.36 23.57 8.15
CA TYR B 263 34.72 22.48 7.26
C TYR B 263 33.79 22.52 6.07
N PRO B 264 34.20 23.22 5.01
CA PRO B 264 33.36 23.39 3.81
C PRO B 264 33.05 22.08 3.11
N GLU B 265 33.95 21.10 3.24
CA GLU B 265 33.80 19.81 2.59
C GLU B 265 32.81 18.89 3.32
N TYR B 266 32.31 19.36 4.46
CA TYR B 266 31.44 18.55 5.32
C TYR B 266 30.08 18.30 4.68
N THR B 267 29.77 17.03 4.46
CA THR B 267 28.53 16.63 3.80
C THR B 267 27.49 16.10 4.78
N GLY B 268 27.86 16.01 6.06
CA GLY B 268 26.98 15.44 7.07
C GLY B 268 25.86 16.40 7.44
N SER B 269 25.11 16.08 8.50
CA SER B 269 23.99 16.90 8.93
C SER B 269 24.44 17.87 10.02
N ASN B 270 23.59 18.84 10.35
CA ASN B 270 23.94 19.83 11.35
C ASN B 270 23.43 19.45 12.73
N THR B 271 23.28 18.15 12.96
CA THR B 271 22.95 17.65 14.29
C THR B 271 24.21 17.76 15.15
N TYR B 272 24.03 18.09 16.43
CA TYR B 272 25.14 18.20 17.36
C TYR B 272 26.02 16.96 17.40
N GLU B 273 25.39 15.79 17.53
CA GLU B 273 26.14 14.55 17.67
C GLU B 273 26.99 14.22 16.44
N GLU B 274 26.42 14.43 15.25
CA GLU B 274 27.09 14.10 14.01
C GLU B 274 28.21 15.10 13.72
N ALA B 275 27.95 16.36 14.03
CA ALA B 275 28.93 17.42 13.85
C ALA B 275 30.12 17.20 14.78
N ALA B 276 29.83 17.00 16.05
CA ALA B 276 30.84 16.73 17.06
C ALA B 276 31.65 15.49 16.69
N ALA B 277 30.94 14.48 16.20
CA ALA B 277 31.61 13.25 15.79
C ALA B 277 32.58 13.57 14.65
N TYR B 278 32.14 14.44 13.75
CA TYR B 278 32.99 14.82 12.62
C TYR B 278 34.24 15.55 13.09
N ILE B 279 34.07 16.47 14.04
CA ILE B 279 35.21 17.21 14.58
C ILE B 279 36.22 16.29 15.27
N GLN B 280 35.71 15.44 16.16
CA GLN B 280 36.55 14.47 16.86
C GLN B 280 37.31 13.62 15.85
N CYS B 281 36.63 13.23 14.78
CA CYS B 281 37.28 12.49 13.72
C CYS B 281 38.43 13.31 13.17
N GLN B 282 38.14 14.56 12.79
CA GLN B 282 39.15 15.46 12.24
C GLN B 282 40.42 15.57 13.10
N PHE B 283 40.23 15.62 14.42
CA PHE B 283 41.38 15.70 15.32
C PHE B 283 42.13 14.38 15.47
N GLU B 284 41.38 13.31 15.73
CA GLU B 284 41.97 12.00 16.02
C GLU B 284 42.67 11.42 14.81
N ASP B 285 42.25 11.86 13.63
CA ASP B 285 42.82 11.38 12.37
C ASP B 285 44.24 11.89 12.17
N LEU B 286 44.61 12.90 12.94
CA LEU B 286 45.92 13.54 12.79
C LEU B 286 47.04 12.69 13.37
N ASN B 287 46.67 11.74 14.22
CA ASN B 287 47.63 10.81 14.80
C ASN B 287 48.25 9.94 13.70
N ARG B 288 49.57 9.98 13.57
CA ARG B 288 50.24 9.22 12.51
C ARG B 288 50.73 7.88 13.06
N ARG B 289 50.68 7.74 14.37
CA ARG B 289 50.94 6.47 15.03
C ARG B 289 49.63 5.89 15.58
N LYS B 290 48.68 5.64 14.68
CA LYS B 290 47.31 5.31 15.06
C LYS B 290 47.21 4.04 15.92
N ASP B 291 47.98 3.02 15.56
CA ASP B 291 47.97 1.76 16.30
C ASP B 291 48.74 1.85 17.62
N THR B 292 49.94 2.43 17.57
CA THR B 292 50.83 2.43 18.73
C THR B 292 50.49 3.49 19.79
N LYS B 293 49.63 4.44 19.45
CA LYS B 293 49.22 5.46 20.42
C LYS B 293 47.74 5.77 20.33
N GLU B 294 47.11 5.83 21.50
CA GLU B 294 45.67 6.02 21.59
C GLU B 294 45.35 7.37 22.21
N ILE B 295 44.25 7.96 21.78
CA ILE B 295 43.87 9.30 22.21
C ILE B 295 42.61 9.23 23.04
N TYR B 296 42.70 9.67 24.29
CA TYR B 296 41.55 9.62 25.19
C TYR B 296 40.71 10.89 25.04
N THR B 297 39.58 10.76 24.36
CA THR B 297 38.76 11.92 24.04
C THR B 297 37.55 12.01 24.94
N HIS B 298 37.25 13.21 25.40
CA HIS B 298 36.09 13.46 26.24
C HIS B 298 35.40 14.73 25.78
N PHE B 299 34.09 14.83 26.01
CA PHE B 299 33.36 16.02 25.64
C PHE B 299 32.97 16.76 26.91
N THR B 300 33.63 17.90 27.16
CA THR B 300 33.49 18.57 28.43
C THR B 300 32.73 19.89 28.35
N CYS B 301 32.26 20.34 29.51
CA CYS B 301 31.81 21.70 29.70
C CYS B 301 32.52 22.19 30.95
N ALA B 302 33.63 22.91 30.74
CA ALA B 302 34.54 23.23 31.83
C ALA B 302 33.91 24.03 32.96
N THR B 303 32.78 24.67 32.68
CA THR B 303 32.09 25.44 33.71
C THR B 303 31.17 24.55 34.55
N ASP B 304 30.94 23.32 34.10
CA ASP B 304 30.13 22.36 34.84
C ASP B 304 31.05 21.56 35.76
N THR B 305 30.99 21.86 37.05
CA THR B 305 31.86 21.22 38.03
C THR B 305 31.58 19.71 38.11
N LYS B 306 30.31 19.35 38.03
CA LYS B 306 29.89 17.95 38.02
C LYS B 306 30.52 17.19 36.84
N ASN B 307 30.35 17.75 35.65
CA ASN B 307 30.91 17.17 34.42
C ASN B 307 32.41 17.00 34.51
N VAL B 308 33.09 18.09 34.86
CA VAL B 308 34.55 18.09 34.97
C VAL B 308 35.00 17.04 35.98
N GLN B 309 34.25 16.92 37.08
CA GLN B 309 34.54 15.95 38.12
C GLN B 309 34.46 14.54 37.55
N PHE B 310 33.40 14.27 36.80
CA PHE B 310 33.18 12.98 36.17
C PHE B 310 34.31 12.63 35.21
N VAL B 311 34.51 13.50 34.23
CA VAL B 311 35.51 13.31 33.18
C VAL B 311 36.90 13.10 33.77
N PHE B 312 37.24 13.92 34.75
CA PHE B 312 38.56 13.84 35.36
C PHE B 312 38.70 12.53 36.13
N ASP B 313 37.64 12.12 36.81
CA ASP B 313 37.62 10.83 37.47
C ASP B 313 37.96 9.72 36.47
N ALA B 314 37.28 9.73 35.32
CA ALA B 314 37.52 8.75 34.27
C ALA B 314 38.99 8.76 33.81
N VAL B 315 39.52 9.97 33.63
CA VAL B 315 40.92 10.14 33.26
C VAL B 315 41.87 9.49 34.28
N THR B 316 41.60 9.75 35.56
CA THR B 316 42.39 9.21 36.66
C THR B 316 42.36 7.69 36.64
N ASP B 317 41.16 7.13 36.48
CA ASP B 317 40.97 5.70 36.41
C ASP B 317 41.81 5.10 35.28
N VAL B 318 41.82 5.79 34.14
CA VAL B 318 42.58 5.33 32.99
C VAL B 318 44.08 5.33 33.30
N ILE B 319 44.54 6.37 33.98
CA ILE B 319 45.95 6.47 34.39
C ILE B 319 46.34 5.32 35.33
N ILE B 320 45.52 5.10 36.36
CA ILE B 320 45.72 3.99 37.28
C ILE B 320 45.83 2.66 36.53
N LYS B 321 44.90 2.45 35.59
CA LYS B 321 44.88 1.23 34.79
C LYS B 321 46.17 1.11 33.97
N ASN B 322 46.72 2.23 33.55
CA ASN B 322 48.00 2.23 32.83
C ASN B 322 49.19 1.95 33.75
N ASN B 323 49.04 2.27 35.03
CA ASN B 323 50.09 2.00 36.02
C ASN B 323 50.17 0.52 36.41
N LEU B 324 49.00 -0.11 36.57
CA LEU B 324 48.93 -1.54 36.86
C LEU B 324 49.41 -2.38 35.68
N GLU C 9 -16.12 8.69 -4.17
CA GLU C 9 -15.10 8.50 -5.19
C GLU C 9 -14.74 7.02 -5.32
N VAL C 10 -14.59 6.54 -6.56
CA VAL C 10 -14.29 5.13 -6.80
C VAL C 10 -13.05 4.95 -7.66
N LYS C 11 -12.06 4.24 -7.13
CA LYS C 11 -10.79 4.04 -7.83
C LYS C 11 -10.65 2.61 -8.34
N LEU C 12 -10.75 2.43 -9.65
CA LEU C 12 -10.61 1.11 -10.27
C LEU C 12 -9.23 0.90 -10.85
N LEU C 13 -8.64 -0.26 -10.58
CA LEU C 13 -7.33 -0.60 -11.14
C LEU C 13 -7.41 -1.87 -11.98
N LEU C 14 -7.07 -1.75 -13.26
CA LEU C 14 -6.99 -2.89 -14.15
C LEU C 14 -5.61 -3.54 -14.10
N LEU C 15 -5.59 -4.84 -13.81
CA LEU C 15 -4.37 -5.61 -13.91
C LEU C 15 -4.62 -6.84 -14.78
N GLY C 16 -3.60 -7.67 -14.95
CA GLY C 16 -3.70 -8.83 -15.83
C GLY C 16 -2.59 -8.75 -16.86
N ALA C 17 -2.21 -9.89 -17.41
CA ALA C 17 -1.06 -9.97 -18.32
C ALA C 17 -1.27 -9.14 -19.60
N GLY C 18 -0.26 -9.17 -20.47
CA GLY C 18 -0.34 -8.42 -21.71
C GLY C 18 -1.37 -9.06 -22.62
N GLU C 19 -1.99 -8.24 -23.46
CA GLU C 19 -2.95 -8.72 -24.46
C GLU C 19 -4.15 -9.39 -23.77
N SER C 20 -4.60 -8.81 -22.66
CA SER C 20 -5.69 -9.40 -21.88
C SER C 20 -6.99 -8.62 -21.97
N GLY C 21 -6.92 -7.36 -22.40
CA GLY C 21 -8.12 -6.58 -22.61
C GLY C 21 -8.17 -5.26 -21.87
N LYS C 22 -7.14 -5.00 -21.08
CA LYS C 22 -7.08 -3.81 -20.22
C LYS C 22 -7.39 -2.50 -20.97
N SER C 23 -6.52 -2.15 -21.91
CA SER C 23 -6.72 -0.95 -22.73
C SER C 23 -8.09 -0.97 -23.41
N THR C 24 -8.48 -2.15 -23.89
CA THR C 24 -9.77 -2.34 -24.54
C THR C 24 -10.92 -2.00 -23.60
N ILE C 25 -10.86 -2.49 -22.37
CA ILE C 25 -11.87 -2.18 -21.36
C ILE C 25 -11.91 -0.67 -21.09
N VAL C 26 -10.75 -0.03 -21.04
CA VAL C 26 -10.69 1.42 -20.86
C VAL C 26 -11.46 2.14 -21.97
N LYS C 27 -11.14 1.80 -23.21
CA LYS C 27 -11.84 2.32 -24.38
C LYS C 27 -13.35 2.10 -24.31
N GLN C 28 -13.75 0.89 -23.92
CA GLN C 28 -15.16 0.58 -23.75
C GLN C 28 -15.81 1.52 -22.74
N MET C 29 -15.11 1.78 -21.65
CA MET C 29 -15.59 2.71 -20.63
C MET C 29 -15.77 4.10 -21.22
N LYS C 30 -14.88 4.47 -22.13
CA LYS C 30 -15.02 5.73 -22.85
C LYS C 30 -16.30 5.75 -23.70
N ILE C 31 -16.46 4.72 -24.52
CA ILE C 31 -17.61 4.60 -25.42
C ILE C 31 -18.96 4.59 -24.69
N ILE C 32 -18.97 4.02 -23.49
CA ILE C 32 -20.22 3.83 -22.77
C ILE C 32 -20.52 4.99 -21.82
N HIS C 33 -19.53 5.43 -21.06
CA HIS C 33 -19.78 6.42 -20.01
C HIS C 33 -19.31 7.83 -20.31
N GLU C 34 -18.35 7.99 -21.22
CA GLU C 34 -18.09 9.30 -21.78
C GLU C 34 -18.94 9.47 -23.05
N ASP C 35 -18.77 10.57 -23.75
CA ASP C 35 -19.57 10.84 -24.95
C ASP C 35 -19.17 9.94 -26.13
N GLY C 36 -18.07 9.21 -25.97
CA GLY C 36 -17.52 8.44 -27.07
C GLY C 36 -16.40 9.22 -27.76
N TYR C 37 -16.05 8.80 -28.96
CA TYR C 37 -14.96 9.45 -29.69
C TYR C 37 -15.47 10.38 -30.79
N SER C 38 -14.93 11.59 -30.84
CA SER C 38 -15.33 12.59 -31.82
C SER C 38 -14.68 12.32 -33.17
N GLU C 39 -15.30 12.78 -34.24
CA GLU C 39 -14.80 12.56 -35.59
C GLU C 39 -13.36 13.02 -35.78
N ASP C 40 -12.96 14.04 -35.03
CA ASP C 40 -11.57 14.50 -35.02
C ASP C 40 -10.66 13.35 -34.56
N GLU C 41 -11.04 12.77 -33.43
CA GLU C 41 -10.28 11.69 -32.80
C GLU C 41 -10.29 10.45 -33.69
N CYS C 42 -11.46 10.10 -34.21
CA CYS C 42 -11.58 9.00 -35.17
C CYS C 42 -10.64 9.20 -36.35
N LYS C 43 -10.57 10.45 -36.84
CA LYS C 43 -9.62 10.81 -37.88
C LYS C 43 -8.19 10.52 -37.46
N GLN C 44 -7.83 10.94 -36.25
CA GLN C 44 -6.46 10.72 -35.75
C GLN C 44 -6.06 9.24 -35.79
N TYR C 45 -7.01 8.36 -35.53
CA TYR C 45 -6.74 6.92 -35.45
C TYR C 45 -6.69 6.19 -36.80
N LYS C 46 -7.02 6.91 -37.88
CA LYS C 46 -7.02 6.33 -39.23
C LYS C 46 -5.68 5.68 -39.56
N VAL C 47 -4.62 6.49 -39.49
CA VAL C 47 -3.26 6.05 -39.78
C VAL C 47 -2.92 4.81 -38.93
N VAL C 48 -3.34 4.85 -37.67
CA VAL C 48 -3.17 3.74 -36.76
C VAL C 48 -3.83 2.47 -37.28
N VAL C 49 -5.09 2.58 -37.70
CA VAL C 49 -5.82 1.46 -38.29
C VAL C 49 -5.02 0.84 -39.43
N TYR C 50 -4.65 1.68 -40.40
CA TYR C 50 -3.90 1.21 -41.56
C TYR C 50 -2.61 0.49 -41.12
N SER C 51 -1.93 1.10 -40.16
CA SER C 51 -0.71 0.52 -39.61
C SER C 51 -0.98 -0.89 -39.10
N ASN C 52 -1.83 -0.99 -38.08
CA ASN C 52 -2.15 -2.27 -37.45
C ASN C 52 -2.53 -3.35 -38.47
N THR C 53 -3.28 -2.93 -39.50
CA THR C 53 -3.65 -3.82 -40.59
C THR C 53 -2.39 -4.38 -41.27
N ILE C 54 -1.50 -3.45 -41.64
CA ILE C 54 -0.24 -3.80 -42.28
C ILE C 54 0.63 -4.72 -41.41
N GLN C 55 0.88 -4.32 -40.16
CA GLN C 55 1.72 -5.12 -39.26
C GLN C 55 1.12 -6.50 -39.03
N SER C 56 -0.21 -6.57 -39.05
CA SER C 56 -0.92 -7.83 -38.92
C SER C 56 -0.57 -8.75 -40.07
N ILE C 57 -0.89 -8.32 -41.29
CA ILE C 57 -0.63 -9.16 -42.45
C ILE C 57 0.87 -9.51 -42.59
N ILE C 58 1.73 -8.54 -42.32
CA ILE C 58 3.18 -8.77 -42.29
C ILE C 58 3.53 -9.90 -41.34
N ALA C 59 3.05 -9.78 -40.11
CA ALA C 59 3.33 -10.76 -39.06
C ALA C 59 2.92 -12.15 -39.51
N ILE C 60 1.72 -12.24 -40.10
CA ILE C 60 1.24 -13.51 -40.64
C ILE C 60 2.20 -14.05 -41.70
N ILE C 61 2.66 -13.17 -42.59
CA ILE C 61 3.52 -13.58 -43.70
C ILE C 61 4.88 -14.11 -43.23
N ARG C 62 5.61 -13.32 -42.43
CA ARG C 62 6.83 -13.80 -41.81
C ARG C 62 6.58 -15.12 -41.07
N ALA C 63 5.39 -15.24 -40.46
CA ALA C 63 5.03 -16.48 -39.80
C ALA C 63 4.99 -17.67 -40.78
N MET C 64 4.43 -17.45 -41.97
CA MET C 64 4.47 -18.50 -43.01
C MET C 64 5.90 -18.78 -43.40
N GLY C 65 6.73 -17.75 -43.32
CA GLY C 65 8.17 -17.87 -43.49
C GLY C 65 8.70 -18.95 -42.56
N ARG C 66 8.53 -18.73 -41.27
CA ARG C 66 9.03 -19.67 -40.27
C ARG C 66 8.38 -21.05 -40.37
N LEU C 67 7.16 -21.10 -40.87
CA LEU C 67 6.41 -22.35 -40.90
C LEU C 67 6.58 -23.15 -42.18
N LYS C 68 7.24 -22.56 -43.18
CA LYS C 68 7.40 -23.20 -44.48
C LYS C 68 6.04 -23.58 -45.05
N ILE C 69 5.27 -22.55 -45.41
CA ILE C 69 3.92 -22.76 -45.91
C ILE C 69 3.81 -22.24 -47.34
N ASP C 70 3.40 -23.12 -48.26
CA ASP C 70 3.31 -22.74 -49.66
C ASP C 70 2.00 -22.02 -49.93
N PHE C 71 2.09 -20.99 -50.75
CA PHE C 71 0.93 -20.21 -51.14
C PHE C 71 -0.02 -21.07 -51.96
N GLY C 72 -1.29 -20.64 -52.05
CA GLY C 72 -2.25 -21.32 -52.91
C GLY C 72 -1.88 -21.03 -54.35
N GLU C 73 -1.91 -19.75 -54.71
CA GLU C 73 -1.39 -19.30 -55.98
C GLU C 73 0.02 -18.74 -55.75
N ALA C 74 1.03 -19.50 -56.16
CA ALA C 74 2.43 -19.12 -55.96
C ALA C 74 2.83 -17.81 -56.64
N ALA C 75 1.95 -17.30 -57.49
CA ALA C 75 2.21 -16.06 -58.23
C ALA C 75 2.33 -14.86 -57.31
N ARG C 76 1.33 -14.66 -56.46
CA ARG C 76 1.23 -13.47 -55.61
C ARG C 76 2.41 -13.22 -54.67
N ALA C 77 3.27 -14.22 -54.46
CA ALA C 77 4.34 -14.10 -53.47
C ALA C 77 5.23 -12.86 -53.59
N ASP C 78 5.57 -12.47 -54.82
CA ASP C 78 6.52 -11.37 -55.02
C ASP C 78 5.98 -10.05 -54.49
N ASP C 79 4.67 -9.85 -54.66
CA ASP C 79 4.03 -8.63 -54.18
C ASP C 79 4.21 -8.45 -52.69
N ALA C 80 4.32 -9.58 -51.97
CA ALA C 80 4.57 -9.52 -50.53
C ALA C 80 5.82 -8.69 -50.29
N ARG C 81 6.90 -9.02 -50.98
CA ARG C 81 8.12 -8.22 -50.88
C ARG C 81 7.80 -6.78 -51.23
N GLN C 82 7.04 -6.60 -52.31
CA GLN C 82 6.67 -5.27 -52.76
C GLN C 82 5.79 -4.62 -51.70
N LEU C 83 4.96 -5.43 -51.05
CA LEU C 83 4.15 -4.94 -49.95
C LEU C 83 5.13 -4.53 -48.85
N PHE C 84 6.05 -5.44 -48.51
CA PHE C 84 7.11 -5.17 -47.53
C PHE C 84 7.88 -3.91 -47.90
N VAL C 85 7.99 -3.64 -49.19
CA VAL C 85 8.60 -2.41 -49.69
C VAL C 85 7.60 -1.26 -49.56
N LEU C 86 6.38 -1.49 -50.04
CA LEU C 86 5.31 -0.49 -49.96
C LEU C 86 4.82 -0.27 -48.53
N ALA C 87 5.44 -1.00 -47.59
CA ALA C 87 5.08 -0.96 -46.18
C ALA C 87 5.16 0.45 -45.59
N GLY C 88 6.12 1.25 -46.06
CA GLY C 88 6.31 2.58 -45.50
C GLY C 88 5.35 3.62 -46.06
N SER C 89 4.32 3.15 -46.75
CA SER C 89 3.37 4.04 -47.42
C SER C 89 2.15 4.41 -46.57
N ALA C 90 2.23 4.19 -45.26
CA ALA C 90 1.08 4.45 -44.40
C ALA C 90 1.31 5.62 -43.45
N GLU C 91 2.55 5.76 -42.98
CA GLU C 91 2.93 6.75 -41.96
C GLU C 91 2.25 8.11 -42.10
N GLU C 92 2.26 8.64 -43.31
CA GLU C 92 1.61 9.92 -43.60
C GLU C 92 0.09 9.77 -43.54
N GLY C 93 -0.44 8.75 -44.20
CA GLY C 93 -1.87 8.53 -44.21
C GLY C 93 -2.34 7.36 -45.06
N VAL C 94 -3.17 7.67 -46.05
CA VAL C 94 -3.76 6.67 -46.96
C VAL C 94 -2.83 5.60 -47.55
N MET C 95 -3.27 4.36 -47.44
CA MET C 95 -2.64 3.24 -48.13
C MET C 95 -3.07 3.30 -49.59
N THR C 96 -2.13 3.05 -50.49
CA THR C 96 -2.42 3.02 -51.93
C THR C 96 -3.45 1.94 -52.28
N PRO C 97 -4.46 2.29 -53.09
CA PRO C 97 -5.45 1.29 -53.53
C PRO C 97 -4.79 0.10 -54.24
N GLU C 98 -3.58 0.30 -54.77
CA GLU C 98 -2.77 -0.80 -55.27
C GLU C 98 -2.47 -1.75 -54.11
N LEU C 99 -2.08 -1.15 -52.99
CA LEU C 99 -1.76 -1.90 -51.78
C LEU C 99 -2.99 -2.62 -51.25
N ALA C 100 -4.15 -1.97 -51.27
CA ALA C 100 -5.40 -2.63 -50.91
C ALA C 100 -5.62 -3.92 -51.72
N GLY C 101 -5.24 -3.90 -52.99
CA GLY C 101 -5.42 -5.06 -53.84
C GLY C 101 -4.36 -6.10 -53.54
N VAL C 102 -3.20 -5.64 -53.08
CA VAL C 102 -2.13 -6.54 -52.65
C VAL C 102 -2.60 -7.29 -51.42
N ILE C 103 -3.12 -6.54 -50.46
CA ILE C 103 -3.61 -7.09 -49.22
C ILE C 103 -4.74 -8.07 -49.47
N LYS C 104 -5.82 -7.63 -50.12
CA LYS C 104 -6.94 -8.53 -50.38
C LYS C 104 -6.52 -9.80 -51.14
N ARG C 105 -5.54 -9.66 -52.02
CA ARG C 105 -5.05 -10.81 -52.75
C ARG C 105 -4.33 -11.79 -51.82
N LEU C 106 -3.53 -11.24 -50.90
CA LEU C 106 -2.79 -12.08 -49.95
C LEU C 106 -3.72 -12.74 -48.93
N TRP C 107 -4.69 -11.96 -48.47
CA TRP C 107 -5.67 -12.37 -47.47
C TRP C 107 -6.63 -13.41 -48.06
N ARG C 108 -6.74 -13.43 -49.39
CA ARG C 108 -7.59 -14.41 -50.06
C ARG C 108 -6.89 -15.76 -50.20
N ASP C 109 -5.56 -15.76 -50.05
CA ASP C 109 -4.76 -16.96 -50.30
C ASP C 109 -5.01 -18.04 -49.26
N GLY C 110 -5.53 -19.18 -49.70
CA GLY C 110 -5.83 -20.30 -48.83
C GLY C 110 -4.62 -20.88 -48.09
N GLY C 111 -3.43 -20.58 -48.59
CA GLY C 111 -2.20 -20.99 -47.94
C GLY C 111 -1.90 -20.02 -46.81
N VAL C 112 -2.12 -18.74 -47.10
CA VAL C 112 -2.01 -17.69 -46.10
C VAL C 112 -3.05 -17.94 -45.01
N GLN C 113 -4.29 -18.24 -45.42
CA GLN C 113 -5.36 -18.58 -44.48
C GLN C 113 -4.96 -19.81 -43.66
N ALA C 114 -4.32 -20.77 -44.34
CA ALA C 114 -3.86 -21.99 -43.67
C ALA C 114 -2.81 -21.65 -42.63
N CYS C 115 -2.10 -20.55 -42.83
CA CYS C 115 -1.15 -20.07 -41.83
C CYS C 115 -1.89 -19.37 -40.69
N PHE C 116 -2.91 -18.61 -41.05
CA PHE C 116 -3.72 -17.89 -40.06
C PHE C 116 -4.42 -18.83 -39.08
N SER C 117 -4.84 -19.98 -39.58
CA SER C 117 -5.55 -20.94 -38.73
C SER C 117 -4.59 -21.69 -37.82
N ARG C 118 -3.32 -21.33 -37.86
CA ARG C 118 -2.31 -21.90 -36.99
C ARG C 118 -1.72 -20.81 -36.11
N SER C 119 -2.52 -19.78 -35.85
CA SER C 119 -2.08 -18.62 -35.09
C SER C 119 -1.70 -18.93 -33.63
N ARG C 120 -1.91 -20.18 -33.22
CA ARG C 120 -1.55 -20.62 -31.89
C ARG C 120 -0.07 -20.97 -31.83
N GLU C 121 0.54 -21.14 -32.99
CA GLU C 121 1.94 -21.55 -33.08
C GLU C 121 2.88 -20.36 -33.11
N TYR C 122 2.32 -19.17 -33.29
CA TYR C 122 3.10 -17.94 -33.24
C TYR C 122 2.37 -16.80 -32.51
N GLN C 123 2.89 -15.60 -32.67
CA GLN C 123 2.35 -14.43 -31.98
C GLN C 123 1.53 -13.62 -32.96
N LEU C 124 0.25 -13.96 -33.09
CA LEU C 124 -0.62 -13.22 -33.99
C LEU C 124 -1.55 -12.29 -33.21
N ASN C 125 -1.74 -11.10 -33.74
CA ASN C 125 -2.63 -10.11 -33.15
C ASN C 125 -4.07 -10.61 -33.20
N ASP C 126 -4.85 -10.27 -32.17
CA ASP C 126 -6.25 -10.68 -32.11
C ASP C 126 -7.17 -9.72 -32.87
N SER C 127 -6.65 -8.56 -33.23
CA SER C 127 -7.40 -7.57 -34.01
C SER C 127 -7.22 -7.73 -35.52
N ALA C 128 -6.37 -8.66 -35.93
CA ALA C 128 -6.02 -8.84 -37.33
C ALA C 128 -7.24 -9.18 -38.20
N SER C 129 -7.90 -10.29 -37.85
CA SER C 129 -9.05 -10.78 -38.58
C SER C 129 -10.10 -9.69 -38.77
N TYR C 130 -10.36 -8.95 -37.69
CA TYR C 130 -11.35 -7.87 -37.69
C TYR C 130 -11.15 -6.87 -38.81
N TYR C 131 -9.90 -6.45 -39.01
CA TYR C 131 -9.58 -5.46 -40.02
C TYR C 131 -9.52 -6.08 -41.41
N LEU C 132 -8.82 -7.20 -41.51
CA LEU C 132 -8.65 -7.86 -42.80
C LEU C 132 -9.97 -8.30 -43.45
N ASN C 133 -10.96 -8.66 -42.64
CA ASN C 133 -12.27 -9.03 -43.16
C ASN C 133 -13.11 -7.83 -43.60
N ASP C 134 -12.92 -6.70 -42.94
CA ASP C 134 -13.65 -5.47 -43.26
C ASP C 134 -12.81 -4.54 -44.12
N LEU C 135 -11.95 -5.14 -44.95
CA LEU C 135 -10.97 -4.41 -45.77
C LEU C 135 -11.56 -3.35 -46.69
N ASP C 136 -12.64 -3.67 -47.38
CA ASP C 136 -13.25 -2.76 -48.33
C ASP C 136 -13.67 -1.44 -47.66
N ARG C 137 -14.35 -1.56 -46.53
CA ARG C 137 -14.85 -0.41 -45.77
C ARG C 137 -13.74 0.58 -45.37
N ILE C 138 -12.54 0.05 -45.10
CA ILE C 138 -11.43 0.87 -44.64
C ILE C 138 -10.52 1.29 -45.79
N SER C 139 -10.68 0.66 -46.95
CA SER C 139 -9.81 0.93 -48.10
C SER C 139 -10.28 2.13 -48.91
N GLN C 140 -11.42 2.70 -48.53
CA GLN C 140 -11.86 3.96 -49.12
C GLN C 140 -10.89 5.07 -48.71
N SER C 141 -10.65 6.01 -49.62
CA SER C 141 -9.77 7.12 -49.31
C SER C 141 -10.52 8.10 -48.42
N ASN C 142 -11.85 8.01 -48.49
CA ASN C 142 -12.74 8.85 -47.69
C ASN C 142 -13.13 8.16 -46.38
N TYR C 143 -12.35 7.16 -46.00
CA TYR C 143 -12.70 6.31 -44.86
C TYR C 143 -12.61 6.99 -43.50
N ILE C 144 -13.69 6.91 -42.75
CA ILE C 144 -13.68 7.33 -41.35
C ILE C 144 -14.07 6.16 -40.46
N PRO C 145 -13.30 5.95 -39.37
CA PRO C 145 -13.47 4.77 -38.50
C PRO C 145 -14.73 4.82 -37.63
N THR C 146 -15.37 3.66 -37.47
CA THR C 146 -16.48 3.51 -36.55
C THR C 146 -15.83 3.49 -35.17
N GLN C 147 -16.59 3.84 -34.14
CA GLN C 147 -16.12 3.68 -32.78
C GLN C 147 -15.53 2.28 -32.59
N GLN C 148 -16.27 1.28 -33.09
CA GLN C 148 -15.82 -0.11 -33.08
C GLN C 148 -14.46 -0.26 -33.76
N ASP C 149 -14.27 0.43 -34.87
CA ASP C 149 -12.99 0.41 -35.58
C ASP C 149 -11.89 0.94 -34.69
N VAL C 150 -12.24 1.88 -33.83
CA VAL C 150 -11.26 2.49 -32.92
C VAL C 150 -10.93 1.53 -31.78
N LEU C 151 -11.92 0.74 -31.36
CA LEU C 151 -11.70 -0.25 -30.30
C LEU C 151 -10.57 -1.23 -30.62
N ARG C 152 -10.50 -1.66 -31.88
CA ARG C 152 -9.56 -2.71 -32.27
C ARG C 152 -8.16 -2.17 -32.55
N THR C 153 -8.02 -0.85 -32.50
CA THR C 153 -6.73 -0.21 -32.71
C THR C 153 -5.70 -0.59 -31.66
N ARG C 154 -4.46 -0.79 -32.09
CA ARG C 154 -3.38 -1.18 -31.19
C ARG C 154 -2.37 -0.04 -31.00
N VAL C 155 -2.42 0.61 -29.84
CA VAL C 155 -1.51 1.71 -29.56
C VAL C 155 -0.44 1.29 -28.55
N LYS C 156 0.82 1.59 -28.84
CA LYS C 156 1.92 1.30 -27.93
C LYS C 156 1.84 2.21 -26.71
N THR C 157 1.96 1.63 -25.53
CA THR C 157 1.78 2.38 -24.28
C THR C 157 3.04 3.12 -23.81
N THR C 158 2.90 4.40 -23.52
CA THR C 158 4.00 5.19 -22.97
C THR C 158 4.22 4.72 -21.54
N GLY C 159 3.16 4.82 -20.76
CA GLY C 159 3.21 4.49 -19.34
C GLY C 159 1.84 4.19 -18.76
N ILE C 160 1.26 5.19 -18.11
CA ILE C 160 -0.02 4.98 -17.41
C ILE C 160 -1.22 5.50 -18.21
N VAL C 161 -2.19 4.63 -18.46
CA VAL C 161 -3.45 5.04 -19.06
C VAL C 161 -4.47 5.24 -17.94
N GLU C 162 -5.29 6.26 -18.06
CA GLU C 162 -6.25 6.57 -17.00
C GLU C 162 -7.43 7.35 -17.56
N THR C 163 -8.64 6.88 -17.26
CA THR C 163 -9.82 7.63 -17.65
C THR C 163 -10.72 7.82 -16.45
N HIS C 164 -11.57 8.84 -16.50
CA HIS C 164 -12.48 9.09 -15.39
C HIS C 164 -13.85 9.45 -15.92
N PHE C 165 -14.89 9.07 -15.19
CA PHE C 165 -16.24 9.33 -15.65
C PHE C 165 -17.25 9.31 -14.52
N THR C 166 -18.48 9.73 -14.81
CA THR C 166 -19.53 9.73 -13.81
C THR C 166 -20.58 8.70 -14.20
N PHE C 167 -20.95 7.86 -13.24
CA PHE C 167 -21.94 6.81 -13.48
C PHE C 167 -22.60 6.40 -12.18
N LYS C 168 -23.92 6.22 -12.23
CA LYS C 168 -24.74 5.93 -11.06
C LYS C 168 -24.44 6.83 -9.87
N ASP C 169 -24.36 8.13 -10.14
CA ASP C 169 -24.03 9.14 -9.14
C ASP C 169 -22.72 8.83 -8.40
N LEU C 170 -21.72 8.38 -9.16
CA LEU C 170 -20.40 8.07 -8.61
C LEU C 170 -19.30 8.49 -9.57
N TYR C 171 -18.17 8.92 -9.01
CA TYR C 171 -17.04 9.33 -9.82
C TYR C 171 -16.00 8.21 -9.87
N PHE C 172 -15.80 7.69 -11.08
CA PHE C 172 -14.90 6.58 -11.30
C PHE C 172 -13.57 7.06 -11.88
N LYS C 173 -12.48 6.72 -11.20
CA LYS C 173 -11.13 6.89 -11.73
C LYS C 173 -10.56 5.51 -12.02
N MET C 174 -10.22 5.27 -13.28
CA MET C 174 -9.80 3.95 -13.72
C MET C 174 -8.42 3.97 -14.35
N PHE C 175 -7.57 3.05 -13.90
CA PHE C 175 -6.14 3.03 -14.22
C PHE C 175 -5.75 1.73 -14.92
N ASP C 176 -4.81 1.81 -15.86
CA ASP C 176 -4.29 0.62 -16.54
C ASP C 176 -2.88 0.28 -16.09
N VAL C 177 -2.02 1.29 -16.01
CA VAL C 177 -0.61 1.12 -15.61
C VAL C 177 0.21 0.31 -16.62
N GLN C 180 4.98 -0.72 -17.63
CA GLN C 180 5.10 0.71 -17.90
C GLN C 180 6.45 1.26 -17.43
N ARG C 181 7.42 0.36 -17.25
CA ARG C 181 8.77 0.71 -16.82
C ARG C 181 8.85 1.40 -15.46
N SER C 182 7.69 1.66 -14.86
CA SER C 182 7.57 2.34 -13.57
C SER C 182 8.29 3.69 -13.64
N GLU C 183 7.85 4.54 -14.56
CA GLU C 183 8.48 5.84 -14.78
C GLU C 183 7.91 6.93 -13.87
N ARG C 184 7.54 6.56 -12.64
CA ARG C 184 6.93 7.51 -11.71
C ARG C 184 6.66 6.96 -10.30
N LYS C 185 6.40 7.89 -9.38
CA LYS C 185 5.95 7.59 -8.03
C LYS C 185 4.46 7.30 -8.11
N LYS C 186 3.80 8.02 -9.02
CA LYS C 186 2.36 7.89 -9.27
C LYS C 186 2.01 6.47 -9.69
N TRP C 187 3.00 5.78 -10.24
CA TRP C 187 2.85 4.39 -10.64
C TRP C 187 2.45 3.56 -9.42
N ILE C 188 3.16 3.74 -8.31
CA ILE C 188 2.79 3.09 -7.05
C ILE C 188 1.45 3.62 -6.55
N HIS C 189 1.22 4.92 -6.74
CA HIS C 189 0.00 5.55 -6.25
C HIS C 189 -1.25 4.96 -6.92
N CYS C 190 -1.08 4.33 -8.07
CA CYS C 190 -2.19 3.65 -8.73
C CYS C 190 -2.64 2.45 -7.90
N PHE C 191 -1.73 1.90 -7.10
CA PHE C 191 -2.03 0.74 -6.27
C PHE C 191 -2.56 1.14 -4.89
N GLU C 192 -2.65 2.45 -4.64
CA GLU C 192 -3.07 2.95 -3.35
C GLU C 192 -4.54 3.36 -3.32
N GLY C 193 -5.25 2.90 -2.29
CA GLY C 193 -6.65 3.26 -2.11
C GLY C 193 -7.50 2.80 -3.26
N VAL C 194 -7.31 1.56 -3.67
CA VAL C 194 -8.11 0.99 -4.75
C VAL C 194 -9.37 0.38 -4.17
N THR C 195 -10.52 0.75 -4.74
CA THR C 195 -11.80 0.20 -4.28
C THR C 195 -12.01 -1.20 -4.85
N ALA C 196 -11.55 -1.40 -6.09
CA ALA C 196 -11.71 -2.70 -6.76
C ALA C 196 -10.62 -2.93 -7.80
N ILE C 197 -10.02 -4.12 -7.77
CA ILE C 197 -9.05 -4.53 -8.78
C ILE C 197 -9.77 -5.37 -9.84
N ILE C 198 -9.52 -5.06 -11.11
CA ILE C 198 -10.12 -5.83 -12.19
C ILE C 198 -9.02 -6.59 -12.92
N PHE C 199 -8.88 -7.87 -12.58
CA PHE C 199 -7.87 -8.71 -13.22
C PHE C 199 -8.44 -9.30 -14.50
N CYS C 200 -7.79 -9.04 -15.62
CA CYS C 200 -8.26 -9.57 -16.88
C CYS C 200 -7.47 -10.81 -17.28
N VAL C 201 -8.18 -11.82 -17.75
CA VAL C 201 -7.56 -13.06 -18.21
C VAL C 201 -7.99 -13.41 -19.63
N ALA C 202 -7.03 -13.65 -20.51
CA ALA C 202 -7.33 -14.09 -21.85
C ALA C 202 -7.49 -15.60 -21.85
N LEU C 203 -8.72 -16.07 -21.97
CA LEU C 203 -9.01 -17.50 -21.92
C LEU C 203 -8.38 -18.19 -23.12
N SER C 204 -8.37 -17.49 -24.25
CA SER C 204 -7.96 -18.05 -25.53
C SER C 204 -6.46 -18.34 -25.58
N ASP C 205 -5.78 -18.07 -24.46
CA ASP C 205 -4.37 -18.36 -24.34
C ASP C 205 -4.16 -19.78 -23.87
N TYR C 206 -5.23 -20.57 -23.75
CA TYR C 206 -5.07 -21.91 -23.21
C TYR C 206 -4.33 -22.82 -24.19
N ASP C 207 -4.49 -22.57 -25.49
CA ASP C 207 -3.95 -23.43 -26.54
C ASP C 207 -2.61 -22.97 -27.13
N LEU C 208 -2.04 -21.91 -26.57
CA LEU C 208 -0.77 -21.38 -27.08
C LEU C 208 0.41 -22.35 -26.95
N VAL C 209 1.29 -22.29 -27.95
CA VAL C 209 2.49 -23.13 -28.01
C VAL C 209 3.62 -22.50 -27.19
N LEU C 210 4.37 -23.31 -26.44
CA LEU C 210 5.49 -22.78 -25.67
C LEU C 210 6.56 -22.17 -26.59
N ASP C 213 13.14 -20.42 -23.83
CA ASP C 213 11.85 -21.07 -23.67
C ASP C 213 11.17 -20.64 -22.38
N GLU C 214 9.95 -21.14 -22.14
CA GLU C 214 9.22 -20.82 -20.92
C GLU C 214 9.17 -22.00 -19.96
N GLU C 215 9.24 -21.69 -18.67
CA GLU C 215 9.17 -22.71 -17.64
C GLU C 215 7.74 -23.19 -17.43
N MET C 216 6.78 -22.32 -17.75
CA MET C 216 5.39 -22.54 -17.38
C MET C 216 4.42 -22.09 -18.47
N ASN C 217 3.21 -22.64 -18.43
CA ASN C 217 2.14 -22.27 -19.36
C ASN C 217 1.68 -20.83 -19.17
N ARG C 218 1.28 -20.19 -20.26
CA ARG C 218 0.88 -18.79 -20.25
C ARG C 218 -0.26 -18.53 -19.25
N MET C 219 -1.24 -19.43 -19.28
CA MET C 219 -2.40 -19.35 -18.42
C MET C 219 -1.98 -19.48 -16.97
N HIS C 220 -1.03 -20.38 -16.71
CA HIS C 220 -0.51 -20.57 -15.36
C HIS C 220 0.35 -19.40 -14.89
N GLU C 221 0.97 -18.68 -15.83
CA GLU C 221 1.67 -17.45 -15.49
C GLU C 221 0.65 -16.45 -14.97
N SER C 222 -0.45 -16.31 -15.72
CA SER C 222 -1.54 -15.43 -15.29
C SER C 222 -2.09 -15.86 -13.92
N MET C 223 -2.20 -17.17 -13.71
CA MET C 223 -2.64 -17.70 -12.44
C MET C 223 -1.69 -17.29 -11.33
N LYS C 224 -0.38 -17.45 -11.55
CA LYS C 224 0.62 -17.07 -10.55
C LYS C 224 0.50 -15.61 -10.18
N LEU C 225 0.33 -14.78 -11.20
CA LEU C 225 0.16 -13.35 -10.99
C LEU C 225 -1.08 -13.10 -10.12
N PHE C 226 -2.15 -13.81 -10.43
CA PHE C 226 -3.40 -13.64 -9.69
C PHE C 226 -3.25 -14.08 -8.24
N ASP C 227 -2.52 -15.18 -8.02
CA ASP C 227 -2.20 -15.67 -6.69
C ASP C 227 -1.50 -14.55 -5.93
N SER C 228 -0.57 -13.87 -6.60
CA SER C 228 0.15 -12.76 -5.99
C SER C 228 -0.78 -11.62 -5.57
N ILE C 229 -1.57 -11.14 -6.51
CA ILE C 229 -2.46 -10.01 -6.25
C ILE C 229 -3.52 -10.30 -5.18
N CYS C 230 -4.16 -11.45 -5.32
CA CYS C 230 -5.30 -11.83 -4.50
C CYS C 230 -4.88 -11.95 -3.03
N ASN C 231 -3.75 -12.61 -2.80
CA ASN C 231 -3.27 -12.86 -1.44
C ASN C 231 -2.25 -11.83 -0.98
N ASN C 232 -2.42 -10.58 -1.38
CA ASN C 232 -1.54 -9.52 -0.92
C ASN C 232 -2.18 -8.81 0.27
N LYS C 233 -1.42 -8.70 1.35
CA LYS C 233 -1.90 -8.13 2.61
C LYS C 233 -2.41 -6.71 2.41
N TRP C 234 -1.93 -6.06 1.36
CA TRP C 234 -2.32 -4.70 1.03
C TRP C 234 -3.75 -4.64 0.52
N PHE C 235 -4.19 -5.70 -0.14
CA PHE C 235 -5.49 -5.68 -0.82
C PHE C 235 -6.58 -6.49 -0.10
N THR C 236 -6.31 -6.91 1.14
CA THR C 236 -7.29 -7.69 1.91
C THR C 236 -8.64 -6.98 2.01
N GLU C 237 -8.61 -5.65 1.99
CA GLU C 237 -9.83 -4.85 2.02
C GLU C 237 -10.17 -4.26 0.66
N THR C 238 -9.67 -4.89 -0.40
CA THR C 238 -9.94 -4.44 -1.77
C THR C 238 -10.74 -5.50 -2.52
N SER C 239 -11.76 -5.07 -3.24
CA SER C 239 -12.59 -6.00 -4.01
C SER C 239 -11.79 -6.58 -5.18
N ILE C 240 -11.91 -7.88 -5.39
CA ILE C 240 -11.21 -8.54 -6.49
C ILE C 240 -12.16 -9.01 -7.59
N ILE C 241 -12.04 -8.40 -8.75
CA ILE C 241 -12.91 -8.73 -9.88
C ILE C 241 -12.09 -9.42 -10.94
N LEU C 242 -12.57 -10.58 -11.38
CA LEU C 242 -11.85 -11.41 -12.32
C LEU C 242 -12.61 -11.44 -13.65
N PHE C 243 -12.01 -10.87 -14.68
CA PHE C 243 -12.58 -10.88 -16.02
C PHE C 243 -12.00 -12.01 -16.85
N LEU C 244 -12.67 -13.15 -16.89
CA LEU C 244 -12.24 -14.20 -17.80
C LEU C 244 -12.68 -13.77 -19.19
N ASN C 245 -11.76 -13.16 -19.94
CA ASN C 245 -12.09 -12.47 -21.17
C ASN C 245 -11.84 -13.33 -22.40
N LYS C 246 -12.14 -12.79 -23.58
CA LYS C 246 -11.98 -13.48 -24.86
C LYS C 246 -12.73 -14.80 -24.87
N LYS C 247 -13.93 -14.79 -24.30
CA LYS C 247 -14.76 -15.99 -24.20
C LYS C 247 -15.23 -16.47 -25.56
N ASP C 248 -15.40 -15.55 -26.50
CA ASP C 248 -15.81 -15.89 -27.86
C ASP C 248 -14.76 -16.77 -28.53
N LEU C 249 -13.53 -16.26 -28.56
CA LEU C 249 -12.40 -16.96 -29.14
C LEU C 249 -12.17 -18.26 -28.38
N PHE C 250 -12.46 -18.24 -27.07
CA PHE C 250 -12.30 -19.44 -26.28
C PHE C 250 -13.28 -20.52 -26.71
N GLU C 251 -14.51 -20.11 -26.99
CA GLU C 251 -15.56 -21.04 -27.38
C GLU C 251 -15.22 -21.63 -28.73
N GLU C 252 -14.75 -20.79 -29.65
CA GLU C 252 -14.33 -21.29 -30.95
C GLU C 252 -13.15 -22.26 -30.83
N LYS C 253 -12.13 -21.85 -30.08
CA LYS C 253 -10.92 -22.64 -29.90
C LYS C 253 -11.20 -24.00 -29.27
N ILE C 254 -12.10 -24.05 -28.28
CA ILE C 254 -12.33 -25.28 -27.53
C ILE C 254 -13.00 -26.36 -28.38
N LYS C 255 -13.57 -25.95 -29.50
CA LYS C 255 -14.20 -26.88 -30.44
C LYS C 255 -13.16 -27.87 -30.97
N ARG C 256 -11.96 -27.36 -31.24
CA ARG C 256 -10.88 -28.17 -31.81
C ARG C 256 -9.83 -28.59 -30.77
N SER C 257 -9.33 -27.61 -30.02
CA SER C 257 -8.22 -27.83 -29.09
C SER C 257 -8.70 -28.16 -27.68
N PRO C 258 -8.42 -29.39 -27.22
CA PRO C 258 -8.77 -29.88 -25.87
C PRO C 258 -8.16 -29.01 -24.77
N LEU C 259 -8.85 -28.92 -23.63
CA LEU C 259 -8.35 -28.14 -22.49
C LEU C 259 -7.16 -28.82 -21.84
N THR C 260 -6.99 -30.12 -22.09
CA THR C 260 -5.91 -30.89 -21.47
C THR C 260 -4.53 -30.33 -21.82
N ILE C 261 -4.45 -29.58 -22.92
CA ILE C 261 -3.23 -28.85 -23.29
C ILE C 261 -2.67 -28.04 -22.13
N CYS C 262 -3.56 -27.36 -21.41
CA CYS C 262 -3.18 -26.37 -20.43
C CYS C 262 -3.43 -26.91 -19.02
N TYR C 263 -4.52 -27.64 -18.84
CA TYR C 263 -4.78 -28.35 -17.59
C TYR C 263 -4.89 -29.84 -17.90
N PRO C 264 -3.75 -30.55 -17.80
CA PRO C 264 -3.67 -31.98 -18.15
C PRO C 264 -4.51 -32.86 -17.23
N GLU C 265 -4.74 -32.41 -16.00
CA GLU C 265 -5.50 -33.17 -15.02
C GLU C 265 -7.00 -33.10 -15.27
N TYR C 266 -7.39 -32.32 -16.27
CA TYR C 266 -8.80 -32.09 -16.55
C TYR C 266 -9.45 -33.38 -17.03
N THR C 267 -10.42 -33.86 -16.25
CA THR C 267 -11.07 -35.13 -16.54
C THR C 267 -12.45 -34.86 -17.15
N GLY C 268 -12.80 -33.59 -17.25
CA GLY C 268 -14.11 -33.17 -17.73
C GLY C 268 -14.31 -33.35 -19.22
N SER C 269 -15.39 -32.78 -19.74
CA SER C 269 -15.73 -32.88 -21.15
C SER C 269 -15.19 -31.68 -21.91
N ASN C 270 -15.23 -31.74 -23.24
CA ASN C 270 -14.68 -30.67 -24.05
C ASN C 270 -15.73 -29.62 -24.41
N THR C 271 -16.78 -29.55 -23.60
CA THR C 271 -17.80 -28.51 -23.74
C THR C 271 -17.25 -27.17 -23.27
N TYR C 272 -17.64 -26.09 -23.94
CA TYR C 272 -17.24 -24.74 -23.57
C TYR C 272 -17.56 -24.40 -22.12
N GLU C 273 -18.80 -24.66 -21.71
CA GLU C 273 -19.24 -24.26 -20.38
C GLU C 273 -18.47 -24.96 -19.26
N GLU C 274 -18.21 -26.25 -19.42
CA GLU C 274 -17.56 -27.02 -18.38
C GLU C 274 -16.10 -26.59 -18.29
N ALA C 275 -15.50 -26.31 -19.44
CA ALA C 275 -14.12 -25.86 -19.48
C ALA C 275 -13.99 -24.51 -18.78
N ALA C 276 -14.85 -23.58 -19.16
CA ALA C 276 -14.87 -22.25 -18.56
C ALA C 276 -15.07 -22.35 -17.04
N ALA C 277 -15.95 -23.26 -16.64
CA ALA C 277 -16.20 -23.48 -15.23
C ALA C 277 -14.95 -24.00 -14.52
N TYR C 278 -14.23 -24.90 -15.19
CA TYR C 278 -13.02 -25.47 -14.59
C TYR C 278 -11.97 -24.38 -14.39
N ILE C 279 -11.84 -23.52 -15.39
CA ILE C 279 -10.88 -22.42 -15.32
C ILE C 279 -11.22 -21.46 -14.18
N GLN C 280 -12.49 -21.06 -14.11
CA GLN C 280 -12.95 -20.17 -13.05
C GLN C 280 -12.64 -20.79 -11.68
N CYS C 281 -12.85 -22.10 -11.58
CA CYS C 281 -12.53 -22.83 -10.35
C CYS C 281 -11.04 -22.70 -10.02
N GLN C 282 -10.20 -23.06 -11.00
CA GLN C 282 -8.74 -23.00 -10.83
C GLN C 282 -8.23 -21.64 -10.36
N PHE C 283 -8.82 -20.57 -10.89
CA PHE C 283 -8.43 -19.22 -10.46
C PHE C 283 -8.96 -18.87 -9.08
N GLU C 284 -10.25 -19.14 -8.84
CA GLU C 284 -10.89 -18.76 -7.58
C GLU C 284 -10.28 -19.52 -6.41
N ASP C 285 -9.70 -20.68 -6.70
CA ASP C 285 -9.08 -21.51 -5.67
C ASP C 285 -7.80 -20.88 -5.11
N LEU C 286 -7.26 -19.89 -5.82
CA LEU C 286 -6.00 -19.26 -5.43
C LEU C 286 -6.19 -18.32 -4.24
N ASN C 287 -7.43 -17.93 -3.97
CA ASN C 287 -7.72 -17.13 -2.78
C ASN C 287 -7.45 -17.96 -1.53
N ARG C 288 -6.54 -17.50 -0.68
CA ARG C 288 -6.20 -18.25 0.53
C ARG C 288 -6.97 -17.73 1.74
N ARG C 289 -7.65 -16.60 1.55
CA ARG C 289 -8.58 -16.08 2.55
C ARG C 289 -10.01 -16.24 2.05
N LYS C 290 -10.42 -17.49 1.80
CA LYS C 290 -11.68 -17.79 1.11
C LYS C 290 -12.95 -17.25 1.77
N ASP C 291 -13.03 -17.36 3.10
CA ASP C 291 -14.19 -16.89 3.84
C ASP C 291 -14.21 -15.37 3.96
N THR C 292 -13.06 -14.81 4.31
CA THR C 292 -12.96 -13.37 4.59
C THR C 292 -12.91 -12.51 3.32
N LYS C 293 -12.72 -13.16 2.17
CA LYS C 293 -12.69 -12.48 0.89
C LYS C 293 -13.37 -13.29 -0.20
N GLU C 294 -14.22 -12.64 -0.98
CA GLU C 294 -14.95 -13.30 -2.05
C GLU C 294 -14.50 -12.72 -3.39
N ILE C 295 -14.52 -13.55 -4.44
CA ILE C 295 -13.98 -13.15 -5.73
C ILE C 295 -15.10 -13.00 -6.75
N TYR C 296 -15.24 -11.80 -7.31
CA TYR C 296 -16.31 -11.54 -8.26
C TYR C 296 -15.92 -11.88 -9.70
N THR C 297 -16.44 -12.99 -10.20
CA THR C 297 -16.05 -13.52 -11.51
C THR C 297 -17.06 -13.18 -12.60
N HIS C 298 -16.55 -12.76 -13.75
CA HIS C 298 -17.41 -12.49 -14.90
C HIS C 298 -16.75 -13.04 -16.15
N PHE C 299 -17.56 -13.42 -17.12
CA PHE C 299 -17.06 -13.92 -18.39
C PHE C 299 -17.33 -12.87 -19.46
N THR C 300 -16.27 -12.21 -19.91
CA THR C 300 -16.44 -11.06 -20.78
C THR C 300 -15.97 -11.32 -22.21
N CYS C 301 -16.46 -10.48 -23.11
CA CYS C 301 -15.89 -10.34 -24.44
C CYS C 301 -15.71 -8.84 -24.60
N ALA C 302 -14.51 -8.39 -24.29
CA ALA C 302 -14.24 -6.96 -24.12
C ALA C 302 -14.55 -6.13 -25.36
N THR C 303 -14.66 -6.79 -26.52
CA THR C 303 -15.00 -6.09 -27.74
C THR C 303 -16.51 -5.92 -27.93
N ASP C 304 -17.30 -6.65 -27.14
CA ASP C 304 -18.75 -6.53 -27.21
C ASP C 304 -19.18 -5.46 -26.20
N THR C 305 -19.53 -4.29 -26.71
CA THR C 305 -19.87 -3.15 -25.88
C THR C 305 -21.09 -3.43 -25.01
N LYS C 306 -22.06 -4.14 -25.57
CA LYS C 306 -23.24 -4.54 -24.81
C LYS C 306 -22.83 -5.35 -23.59
N ASN C 307 -22.03 -6.38 -23.83
CA ASN C 307 -21.55 -7.25 -22.76
C ASN C 307 -20.79 -6.49 -21.69
N VAL C 308 -19.80 -5.71 -22.11
CA VAL C 308 -18.97 -4.94 -21.19
C VAL C 308 -19.82 -3.96 -20.36
N GLN C 309 -20.81 -3.34 -21.01
CA GLN C 309 -21.71 -2.40 -20.35
C GLN C 309 -22.50 -3.15 -19.27
N PHE C 310 -23.01 -4.33 -19.62
CA PHE C 310 -23.76 -5.17 -18.69
C PHE C 310 -22.94 -5.55 -17.47
N VAL C 311 -21.80 -6.20 -17.75
CA VAL C 311 -20.90 -6.67 -16.71
C VAL C 311 -20.51 -5.53 -15.79
N PHE C 312 -20.19 -4.37 -16.36
CA PHE C 312 -19.78 -3.25 -15.55
C PHE C 312 -20.94 -2.74 -14.69
N ASP C 313 -22.16 -2.75 -15.24
CA ASP C 313 -23.34 -2.42 -14.45
C ASP C 313 -23.40 -3.32 -13.21
N ALA C 314 -23.29 -4.63 -13.42
CA ALA C 314 -23.33 -5.57 -12.30
C ALA C 314 -22.24 -5.32 -11.27
N VAL C 315 -21.03 -5.08 -11.77
CA VAL C 315 -19.88 -4.77 -10.92
C VAL C 315 -20.17 -3.55 -10.06
N THR C 316 -20.71 -2.51 -10.68
CA THR C 316 -21.05 -1.27 -9.99
C THR C 316 -22.08 -1.53 -8.90
N ASP C 317 -23.09 -2.34 -9.21
CA ASP C 317 -24.09 -2.71 -8.22
C ASP C 317 -23.44 -3.36 -7.00
N VAL C 318 -22.50 -4.26 -7.25
CA VAL C 318 -21.79 -4.95 -6.17
C VAL C 318 -20.99 -3.95 -5.33
N ILE C 319 -20.35 -3.02 -6.02
CA ILE C 319 -19.54 -1.98 -5.37
C ILE C 319 -20.39 -1.12 -4.44
N ILE C 320 -21.52 -0.64 -4.96
CA ILE C 320 -22.49 0.13 -4.19
C ILE C 320 -22.96 -0.66 -2.95
N LYS C 321 -23.28 -1.93 -3.15
CA LYS C 321 -23.75 -2.76 -2.03
C LYS C 321 -22.68 -2.88 -0.94
N ASN C 322 -21.42 -2.95 -1.36
CA ASN C 322 -20.32 -3.03 -0.40
C ASN C 322 -20.05 -1.69 0.28
N ASN C 323 -20.38 -0.60 -0.41
CA ASN C 323 -20.22 0.73 0.18
C ASN C 323 -21.28 0.97 1.24
N LEU C 324 -22.51 0.56 0.97
CA LEU C 324 -23.57 0.66 1.96
C LEU C 324 -23.28 -0.33 3.10
N LYS C 325 -22.58 -1.42 2.75
CA LYS C 325 -22.21 -2.43 3.73
C LYS C 325 -21.12 -1.94 4.68
N GLU C 326 -20.29 -1.01 4.20
CA GLU C 326 -19.18 -0.50 4.99
C GLU C 326 -19.60 0.56 6.01
N CYS C 327 -20.74 1.20 5.77
CA CYS C 327 -21.21 2.25 6.67
C CYS C 327 -21.74 1.71 8.01
N GLY C 328 -22.90 1.06 7.99
CA GLY C 328 -23.52 0.57 9.19
C GLY C 328 -24.38 -0.67 8.97
N LEU C 329 -23.93 -1.53 8.06
CA LEU C 329 -24.62 -2.79 7.74
C LEU C 329 -26.04 -2.55 7.24
N LYS D 8 -25.41 -52.74 -39.51
CA LYS D 8 -25.11 -51.32 -39.70
C LYS D 8 -26.21 -50.43 -39.14
N GLU D 9 -27.09 -51.00 -38.33
CA GLU D 9 -28.21 -50.24 -37.79
C GLU D 9 -27.92 -49.74 -36.37
N VAL D 10 -28.28 -48.48 -36.15
CA VAL D 10 -28.06 -47.80 -34.88
C VAL D 10 -29.40 -47.26 -34.41
N LYS D 11 -29.81 -47.64 -33.20
CA LYS D 11 -31.13 -47.25 -32.72
C LYS D 11 -31.06 -46.14 -31.68
N LEU D 12 -31.45 -44.95 -32.09
CA LEU D 12 -31.47 -43.79 -31.21
C LEU D 12 -32.87 -43.56 -30.69
N LEU D 13 -32.98 -43.38 -29.38
CA LEU D 13 -34.25 -43.08 -28.77
C LEU D 13 -34.17 -41.74 -28.06
N LEU D 14 -35.00 -40.80 -28.49
CA LEU D 14 -35.09 -39.51 -27.81
C LEU D 14 -36.05 -39.61 -26.66
N LEU D 15 -35.58 -39.24 -25.48
CA LEU D 15 -36.44 -39.11 -24.33
C LEU D 15 -36.26 -37.72 -23.75
N GLY D 16 -36.97 -37.42 -22.68
CA GLY D 16 -36.95 -36.09 -22.11
C GLY D 16 -38.38 -35.58 -22.05
N ALA D 17 -38.64 -34.66 -21.13
CA ALA D 17 -40.00 -34.18 -20.90
C ALA D 17 -40.59 -33.46 -22.11
N GLY D 18 -41.83 -33.01 -21.98
CA GLY D 18 -42.48 -32.28 -23.05
C GLY D 18 -41.81 -30.93 -23.16
N GLU D 19 -41.80 -30.36 -24.36
CA GLU D 19 -41.25 -29.03 -24.60
C GLU D 19 -39.73 -28.98 -24.33
N SER D 20 -39.04 -30.07 -24.67
CA SER D 20 -37.61 -30.16 -24.39
C SER D 20 -36.75 -30.08 -25.65
N GLY D 21 -37.36 -30.33 -26.82
CA GLY D 21 -36.66 -30.18 -28.08
C GLY D 21 -36.68 -31.41 -28.97
N LYS D 22 -37.25 -32.50 -28.49
CA LYS D 22 -37.22 -33.79 -29.19
C LYS D 22 -37.62 -33.70 -30.67
N SER D 23 -38.87 -33.31 -30.92
CA SER D 23 -39.39 -33.16 -32.28
C SER D 23 -38.49 -32.24 -33.12
N THR D 24 -38.06 -31.15 -32.49
CA THR D 24 -37.18 -30.19 -33.15
C THR D 24 -35.88 -30.86 -33.58
N ILE D 25 -35.29 -31.65 -32.71
CA ILE D 25 -34.08 -32.39 -33.06
C ILE D 25 -34.34 -33.34 -34.23
N VAL D 26 -35.51 -33.98 -34.24
CA VAL D 26 -35.88 -34.85 -35.35
C VAL D 26 -35.87 -34.09 -36.66
N LYS D 27 -36.57 -32.96 -36.67
CA LYS D 27 -36.61 -32.07 -37.82
C LYS D 27 -35.20 -31.67 -38.27
N GLN D 28 -34.34 -31.33 -37.32
CA GLN D 28 -32.95 -31.00 -37.63
C GLN D 28 -32.24 -32.15 -38.34
N MET D 29 -32.49 -33.36 -37.86
CA MET D 29 -31.92 -34.55 -38.48
C MET D 29 -32.40 -34.65 -39.92
N LYS D 30 -33.65 -34.27 -40.15
CA LYS D 30 -34.19 -34.21 -41.51
C LYS D 30 -33.42 -33.20 -42.36
N ILE D 31 -33.31 -31.98 -41.86
CA ILE D 31 -32.66 -30.89 -42.57
C ILE D 31 -31.21 -31.18 -42.92
N ILE D 32 -30.52 -31.92 -42.06
CA ILE D 32 -29.09 -32.15 -42.24
C ILE D 32 -28.77 -33.46 -42.99
N HIS D 33 -29.43 -34.55 -42.59
CA HIS D 33 -29.05 -35.86 -43.11
C HIS D 33 -30.04 -36.47 -44.10
N GLU D 34 -31.30 -36.02 -44.06
CA GLU D 34 -32.20 -36.30 -45.17
C GLU D 34 -32.03 -35.16 -46.17
N ASP D 35 -32.87 -35.13 -47.21
CA ASP D 35 -32.71 -34.13 -48.26
C ASP D 35 -33.08 -32.74 -47.76
N GLY D 36 -33.64 -32.67 -46.57
CA GLY D 36 -34.15 -31.41 -46.04
C GLY D 36 -35.62 -31.32 -46.40
N TYR D 37 -36.18 -30.12 -46.28
CA TYR D 37 -37.59 -29.95 -46.61
C TYR D 37 -37.77 -29.27 -47.95
N SER D 38 -38.59 -29.88 -48.81
CA SER D 38 -38.87 -29.34 -50.12
C SER D 38 -39.88 -28.23 -49.98
N GLU D 39 -39.87 -27.28 -50.91
CA GLU D 39 -40.78 -26.14 -50.87
C GLU D 39 -42.25 -26.55 -50.76
N ASP D 40 -42.57 -27.73 -51.29
CA ASP D 40 -43.91 -28.31 -51.18
C ASP D 40 -44.35 -28.49 -49.72
N GLU D 41 -43.48 -29.14 -48.93
CA GLU D 41 -43.78 -29.40 -47.53
C GLU D 41 -43.85 -28.09 -46.75
N CYS D 42 -42.88 -27.22 -47.03
CA CYS D 42 -42.85 -25.88 -46.44
C CYS D 42 -44.19 -25.20 -46.69
N LYS D 43 -44.72 -25.37 -47.90
CA LYS D 43 -46.06 -24.88 -48.24
C LYS D 43 -47.09 -25.50 -47.31
N GLN D 44 -47.01 -26.81 -47.12
CA GLN D 44 -47.96 -27.49 -46.24
C GLN D 44 -47.98 -26.93 -44.81
N TYR D 45 -46.83 -26.48 -44.32
CA TYR D 45 -46.72 -26.01 -42.93
C TYR D 45 -47.25 -24.59 -42.68
N LYS D 46 -47.64 -23.90 -43.74
CA LYS D 46 -48.14 -22.52 -43.68
C LYS D 46 -49.28 -22.34 -42.68
N VAL D 47 -50.35 -23.10 -42.88
CA VAL D 47 -51.52 -23.06 -41.99
C VAL D 47 -51.09 -23.29 -40.54
N VAL D 48 -50.20 -24.26 -40.34
CA VAL D 48 -49.67 -24.58 -39.01
C VAL D 48 -49.03 -23.36 -38.38
N VAL D 49 -48.15 -22.71 -39.13
CA VAL D 49 -47.51 -21.48 -38.69
C VAL D 49 -48.53 -20.45 -38.22
N TYR D 50 -49.49 -20.13 -39.10
CA TYR D 50 -50.50 -19.15 -38.76
C TYR D 50 -51.27 -19.51 -37.48
N SER D 51 -51.64 -20.78 -37.38
CA SER D 51 -52.32 -21.27 -36.19
C SER D 51 -51.47 -20.97 -34.96
N ASN D 52 -50.25 -21.52 -34.91
CA ASN D 52 -49.35 -21.33 -33.77
C ASN D 52 -49.18 -19.86 -33.38
N THR D 53 -49.13 -18.98 -34.38
CA THR D 53 -49.08 -17.53 -34.13
C THR D 53 -50.32 -17.09 -33.35
N ILE D 54 -51.48 -17.50 -33.86
CA ILE D 54 -52.75 -17.16 -33.24
C ILE D 54 -52.85 -17.67 -31.80
N GLN D 55 -52.60 -18.96 -31.60
CA GLN D 55 -52.70 -19.56 -30.26
C GLN D 55 -51.69 -18.92 -29.30
N SER D 56 -50.55 -18.49 -29.85
CA SER D 56 -49.56 -17.79 -29.05
C SER D 56 -50.13 -16.48 -28.51
N ILE D 57 -50.53 -15.59 -29.41
CA ILE D 57 -51.07 -14.30 -28.96
C ILE D 57 -52.30 -14.48 -28.05
N ILE D 58 -53.15 -15.44 -28.39
CA ILE D 58 -54.29 -15.78 -27.56
C ILE D 58 -53.83 -16.11 -26.14
N ALA D 59 -52.88 -17.03 -26.04
CA ALA D 59 -52.36 -17.47 -24.75
C ALA D 59 -51.86 -16.30 -23.92
N ILE D 60 -51.11 -15.39 -24.57
CA ILE D 60 -50.63 -14.20 -23.88
C ILE D 60 -51.80 -13.36 -23.35
N ILE D 61 -52.81 -13.15 -24.19
CA ILE D 61 -53.95 -12.30 -23.81
C ILE D 61 -54.75 -12.89 -22.63
N ARG D 62 -55.16 -14.15 -22.77
CA ARG D 62 -55.79 -14.88 -21.67
C ARG D 62 -54.95 -14.80 -20.39
N ALA D 63 -53.63 -14.87 -20.56
CA ALA D 63 -52.74 -14.72 -19.43
C ALA D 63 -52.85 -13.35 -18.76
N MET D 64 -52.96 -12.28 -19.57
CA MET D 64 -53.20 -10.94 -18.98
C MET D 64 -54.55 -10.94 -18.27
N GLY D 65 -55.48 -11.70 -18.82
CA GLY D 65 -56.77 -11.93 -18.20
C GLY D 65 -56.62 -12.38 -16.76
N ARG D 66 -56.03 -13.56 -16.59
CA ARG D 66 -55.86 -14.12 -15.25
C ARG D 66 -54.96 -13.28 -14.34
N LEU D 67 -54.04 -12.53 -14.94
CA LEU D 67 -53.06 -11.78 -14.18
C LEU D 67 -53.55 -10.36 -13.90
N LYS D 68 -54.68 -10.01 -14.49
CA LYS D 68 -55.27 -8.67 -14.36
C LYS D 68 -54.26 -7.60 -14.79
N ILE D 69 -53.98 -7.56 -16.09
CA ILE D 69 -53.04 -6.58 -16.64
C ILE D 69 -53.74 -5.70 -17.66
N ASP D 70 -53.70 -4.39 -17.43
CA ASP D 70 -54.37 -3.45 -18.33
C ASP D 70 -53.51 -3.10 -19.53
N PHE D 71 -54.15 -2.95 -20.68
CA PHE D 71 -53.48 -2.58 -21.92
C PHE D 71 -52.86 -1.19 -21.81
N GLY D 72 -51.91 -0.89 -22.69
CA GLY D 72 -51.35 0.44 -22.78
C GLY D 72 -52.38 1.38 -23.37
N GLU D 73 -52.82 1.06 -24.58
CA GLU D 73 -53.94 1.73 -25.21
C GLU D 73 -55.21 0.91 -24.99
N ALA D 74 -56.11 1.42 -24.15
CA ALA D 74 -57.33 0.71 -23.77
C ALA D 74 -58.25 0.34 -24.94
N ALA D 75 -57.99 0.90 -26.11
CA ALA D 75 -58.78 0.62 -27.30
C ALA D 75 -58.69 -0.84 -27.73
N ARG D 76 -57.47 -1.35 -27.77
CA ARG D 76 -57.17 -2.67 -28.31
C ARG D 76 -58.02 -3.80 -27.70
N ALA D 77 -58.65 -3.50 -26.57
CA ALA D 77 -59.52 -4.45 -25.88
C ALA D 77 -60.57 -5.00 -26.83
N ASP D 78 -61.08 -4.15 -27.73
CA ASP D 78 -62.10 -4.60 -28.66
C ASP D 78 -61.56 -5.60 -29.67
N ASP D 79 -60.35 -5.35 -30.18
CA ASP D 79 -59.74 -6.26 -31.15
C ASP D 79 -59.57 -7.64 -30.56
N ALA D 80 -59.32 -7.70 -29.25
CA ALA D 80 -59.24 -8.98 -28.55
C ALA D 80 -60.52 -9.77 -28.81
N ARG D 81 -61.65 -9.13 -28.52
CA ARG D 81 -62.95 -9.74 -28.81
C ARG D 81 -63.03 -10.10 -30.28
N GLN D 82 -62.54 -9.21 -31.13
CA GLN D 82 -62.54 -9.43 -32.57
C GLN D 82 -61.54 -10.52 -32.94
N LEU D 83 -60.46 -10.62 -32.19
CA LEU D 83 -59.44 -11.63 -32.45
C LEU D 83 -60.02 -13.02 -32.29
N PHE D 84 -60.60 -13.25 -31.11
CA PHE D 84 -61.28 -14.51 -30.79
C PHE D 84 -62.27 -14.92 -31.88
N VAL D 85 -62.85 -13.93 -32.56
CA VAL D 85 -63.77 -14.17 -33.66
C VAL D 85 -63.04 -14.56 -34.94
N LEU D 86 -62.04 -13.77 -35.32
CA LEU D 86 -61.29 -14.03 -36.57
C LEU D 86 -60.43 -15.29 -36.51
N ALA D 87 -60.46 -15.96 -35.35
CA ALA D 87 -59.62 -17.12 -35.07
C ALA D 87 -59.72 -18.24 -36.09
N GLY D 88 -60.92 -18.45 -36.65
CA GLY D 88 -61.13 -19.53 -37.59
C GLY D 88 -60.64 -19.16 -38.97
N SER D 89 -60.62 -17.86 -39.25
CA SER D 89 -60.32 -17.34 -40.59
C SER D 89 -58.91 -17.72 -41.08
N ALA D 90 -58.31 -18.68 -40.40
CA ALA D 90 -56.94 -19.09 -40.63
C ALA D 90 -56.87 -20.40 -41.36
N GLU D 91 -57.84 -21.27 -41.09
CA GLU D 91 -57.83 -22.65 -41.59
C GLU D 91 -57.30 -22.76 -43.03
N GLU D 92 -57.86 -21.96 -43.94
CA GLU D 92 -57.39 -21.90 -45.30
C GLU D 92 -56.10 -21.10 -45.45
N GLY D 93 -56.11 -19.85 -44.99
CA GLY D 93 -54.95 -18.97 -45.09
C GLY D 93 -55.18 -17.53 -44.67
N VAL D 94 -54.85 -17.20 -43.42
CA VAL D 94 -55.05 -15.84 -42.91
C VAL D 94 -54.10 -14.79 -43.48
N MET D 95 -54.08 -14.67 -44.79
CA MET D 95 -53.29 -13.61 -45.41
C MET D 95 -53.99 -12.26 -45.23
N THR D 96 -55.10 -12.25 -44.51
CA THR D 96 -55.87 -11.03 -44.26
C THR D 96 -55.05 -9.98 -43.52
N PRO D 97 -54.82 -8.83 -44.18
CA PRO D 97 -54.11 -7.68 -43.61
C PRO D 97 -54.86 -7.08 -42.43
N GLU D 98 -56.17 -7.28 -42.39
CA GLU D 98 -56.97 -6.83 -41.27
C GLU D 98 -56.54 -7.55 -39.98
N LEU D 99 -56.37 -8.87 -40.06
CA LEU D 99 -55.94 -9.64 -38.91
C LEU D 99 -54.53 -9.24 -38.48
N ALA D 100 -53.63 -9.10 -39.44
CA ALA D 100 -52.30 -8.58 -39.18
C ALA D 100 -52.38 -7.23 -38.46
N GLY D 101 -53.40 -6.45 -38.82
CA GLY D 101 -53.59 -5.13 -38.24
C GLY D 101 -54.10 -5.24 -36.82
N VAL D 102 -54.78 -6.34 -36.51
CA VAL D 102 -55.17 -6.62 -35.12
C VAL D 102 -53.96 -7.07 -34.31
N ILE D 103 -53.29 -8.12 -34.80
CA ILE D 103 -52.16 -8.72 -34.10
C ILE D 103 -50.99 -7.78 -33.90
N LYS D 104 -50.43 -7.23 -34.96
CA LYS D 104 -49.26 -6.34 -34.82
C LYS D 104 -49.53 -5.21 -33.83
N ARG D 105 -50.78 -4.75 -33.80
CA ARG D 105 -51.20 -3.71 -32.88
C ARG D 105 -51.18 -4.23 -31.45
N LEU D 106 -51.64 -5.47 -31.26
CA LEU D 106 -51.64 -6.07 -29.93
C LEU D 106 -50.20 -6.34 -29.46
N TRP D 107 -49.36 -6.80 -30.37
CA TRP D 107 -47.96 -7.13 -30.11
C TRP D 107 -47.13 -5.89 -29.82
N ARG D 108 -47.58 -4.73 -30.31
CA ARG D 108 -46.86 -3.49 -30.01
C ARG D 108 -47.22 -2.94 -28.65
N ASP D 109 -48.33 -3.41 -28.09
CA ASP D 109 -48.85 -2.86 -26.84
C ASP D 109 -47.91 -3.18 -25.67
N GLY D 110 -47.35 -2.13 -25.07
CA GLY D 110 -46.42 -2.27 -23.97
C GLY D 110 -46.97 -3.00 -22.75
N GLY D 111 -48.30 -3.09 -22.67
CA GLY D 111 -48.92 -3.85 -21.59
C GLY D 111 -48.90 -5.33 -21.93
N VAL D 112 -49.16 -5.63 -23.19
CA VAL D 112 -49.06 -6.99 -23.69
C VAL D 112 -47.61 -7.47 -23.58
N GLN D 113 -46.66 -6.60 -23.99
CA GLN D 113 -45.24 -6.89 -23.81
C GLN D 113 -44.89 -7.07 -22.34
N ALA D 114 -45.48 -6.25 -21.49
CA ALA D 114 -45.24 -6.34 -20.05
C ALA D 114 -45.72 -7.68 -19.52
N CYS D 115 -46.73 -8.25 -20.18
CA CYS D 115 -47.21 -9.57 -19.81
C CYS D 115 -46.28 -10.64 -20.37
N PHE D 116 -45.80 -10.43 -21.60
CA PHE D 116 -44.90 -11.35 -22.28
C PHE D 116 -43.61 -11.54 -21.49
N SER D 117 -43.13 -10.46 -20.88
CA SER D 117 -41.89 -10.53 -20.11
C SER D 117 -42.14 -11.19 -18.76
N ARG D 118 -43.38 -11.65 -18.57
CA ARG D 118 -43.76 -12.39 -17.38
C ARG D 118 -44.18 -13.80 -17.77
N SER D 119 -43.67 -14.27 -18.89
CA SER D 119 -44.05 -15.57 -19.44
C SER D 119 -43.64 -16.76 -18.54
N ARG D 120 -42.93 -16.46 -17.46
CA ARG D 120 -42.53 -17.46 -16.48
C ARG D 120 -43.69 -17.74 -15.53
N GLU D 121 -44.66 -16.83 -15.51
CA GLU D 121 -45.78 -16.93 -14.60
C GLU D 121 -46.95 -17.70 -15.20
N TYR D 122 -46.88 -17.96 -16.51
CA TYR D 122 -47.89 -18.77 -17.19
C TYR D 122 -47.29 -19.70 -18.23
N GLN D 123 -48.13 -20.27 -19.08
CA GLN D 123 -47.68 -21.27 -20.04
C GLN D 123 -47.61 -20.67 -21.43
N LEU D 124 -46.49 -20.02 -21.74
CA LEU D 124 -46.30 -19.39 -23.04
C LEU D 124 -45.41 -20.24 -23.93
N ASN D 125 -45.73 -20.25 -25.21
CA ASN D 125 -44.98 -20.98 -26.21
C ASN D 125 -43.57 -20.42 -26.40
N ASP D 126 -42.62 -21.31 -26.72
CA ASP D 126 -41.25 -20.88 -26.97
C ASP D 126 -41.08 -20.39 -28.42
N SER D 127 -42.05 -20.68 -29.26
CA SER D 127 -42.03 -20.24 -30.65
C SER D 127 -42.72 -18.89 -30.86
N ALA D 128 -43.29 -18.36 -29.79
CA ALA D 128 -44.10 -17.14 -29.87
C ALA D 128 -43.32 -15.93 -30.41
N SER D 129 -42.26 -15.56 -29.71
CA SER D 129 -41.45 -14.41 -30.09
C SER D 129 -40.97 -14.50 -31.55
N TYR D 130 -40.51 -15.69 -31.93
CA TYR D 130 -39.98 -15.93 -33.28
C TYR D 130 -40.97 -15.56 -34.38
N TYR D 131 -42.23 -15.94 -34.21
CA TYR D 131 -43.26 -15.68 -35.21
C TYR D 131 -43.77 -14.25 -35.11
N LEU D 132 -44.11 -13.83 -33.90
CA LEU D 132 -44.66 -12.50 -33.68
C LEU D 132 -43.71 -11.37 -34.14
N ASN D 133 -42.41 -11.60 -34.03
CA ASN D 133 -41.43 -10.62 -34.50
C ASN D 133 -41.27 -10.63 -36.02
N ASP D 134 -41.49 -11.80 -36.62
CA ASP D 134 -41.40 -11.95 -38.07
C ASP D 134 -42.78 -11.87 -38.72
N LEU D 135 -43.69 -11.15 -38.08
CA LEU D 135 -45.08 -11.07 -38.51
C LEU D 135 -45.26 -10.52 -39.92
N ASP D 136 -44.55 -9.43 -40.21
CA ASP D 136 -44.66 -8.76 -41.51
C ASP D 136 -44.26 -9.73 -42.63
N ARG D 137 -43.14 -10.41 -42.44
CA ARG D 137 -42.62 -11.37 -43.41
C ARG D 137 -43.60 -12.51 -43.75
N ILE D 138 -44.38 -12.92 -42.75
CA ILE D 138 -45.28 -14.07 -42.90
C ILE D 138 -46.72 -13.69 -43.25
N SER D 139 -47.07 -12.42 -43.08
CA SER D 139 -48.44 -11.99 -43.35
C SER D 139 -48.67 -11.64 -44.83
N GLN D 140 -47.60 -11.70 -45.61
CA GLN D 140 -47.69 -11.55 -47.06
C GLN D 140 -48.46 -12.73 -47.64
N SER D 141 -49.21 -12.49 -48.72
CA SER D 141 -50.02 -13.55 -49.32
C SER D 141 -49.19 -14.54 -50.12
N ASN D 142 -48.02 -14.11 -50.58
CA ASN D 142 -47.13 -14.99 -51.34
C ASN D 142 -46.12 -15.70 -50.45
N TYR D 143 -46.39 -15.74 -49.14
CA TYR D 143 -45.46 -16.27 -48.15
C TYR D 143 -45.32 -17.80 -48.19
N ILE D 144 -44.07 -18.25 -48.30
CA ILE D 144 -43.73 -19.65 -48.10
C ILE D 144 -42.69 -19.75 -46.98
N PRO D 145 -42.90 -20.68 -46.04
CA PRO D 145 -42.05 -20.76 -44.84
C PRO D 145 -40.63 -21.25 -45.09
N THR D 146 -39.68 -20.66 -44.36
CA THR D 146 -38.28 -21.05 -44.37
C THR D 146 -38.17 -22.37 -43.61
N GLN D 147 -37.15 -23.17 -43.90
CA GLN D 147 -36.85 -24.33 -43.05
C GLN D 147 -36.86 -23.96 -41.58
N GLN D 148 -36.24 -22.84 -41.23
CA GLN D 148 -36.29 -22.33 -39.86
C GLN D 148 -37.74 -22.12 -39.39
N ASP D 149 -38.59 -21.58 -40.28
CA ASP D 149 -39.99 -21.37 -39.95
C ASP D 149 -40.68 -22.70 -39.66
N VAL D 150 -40.22 -23.75 -40.34
CA VAL D 150 -40.75 -25.10 -40.15
C VAL D 150 -40.24 -25.72 -38.86
N LEU D 151 -39.00 -25.41 -38.51
CA LEU D 151 -38.37 -25.88 -37.28
C LEU D 151 -39.17 -25.41 -36.07
N ARG D 152 -39.69 -24.18 -36.16
CA ARG D 152 -40.40 -23.56 -35.05
C ARG D 152 -41.87 -23.96 -35.03
N THR D 153 -42.31 -24.68 -36.06
CA THR D 153 -43.69 -25.14 -36.11
C THR D 153 -43.95 -26.14 -34.99
N ARG D 154 -45.11 -26.01 -34.38
CA ARG D 154 -45.53 -26.86 -33.30
C ARG D 154 -46.67 -27.75 -33.74
N VAL D 155 -46.34 -29.03 -33.95
CA VAL D 155 -47.33 -29.98 -34.42
C VAL D 155 -47.82 -30.87 -33.29
N LYS D 156 -49.14 -31.01 -33.21
CA LYS D 156 -49.75 -31.88 -32.19
C LYS D 156 -49.41 -33.31 -32.54
N THR D 157 -48.86 -34.03 -31.57
CA THR D 157 -48.37 -35.39 -31.82
C THR D 157 -49.46 -36.46 -31.65
N THR D 158 -49.63 -37.30 -32.66
CA THR D 158 -50.57 -38.41 -32.57
C THR D 158 -50.00 -39.47 -31.64
N GLY D 159 -48.80 -39.94 -31.96
CA GLY D 159 -48.14 -41.00 -31.22
C GLY D 159 -46.64 -41.01 -31.41
N ILE D 160 -46.15 -41.87 -32.31
CA ILE D 160 -44.72 -42.05 -32.50
C ILE D 160 -44.17 -41.28 -33.70
N VAL D 161 -43.16 -40.45 -33.45
CA VAL D 161 -42.42 -39.77 -34.51
C VAL D 161 -41.16 -40.58 -34.76
N GLU D 162 -40.76 -40.70 -36.02
CA GLU D 162 -39.61 -41.54 -36.35
C GLU D 162 -38.97 -41.13 -37.67
N THR D 163 -37.66 -40.91 -37.65
CA THR D 163 -36.93 -40.65 -38.90
C THR D 163 -35.73 -41.57 -38.98
N HIS D 164 -35.24 -41.79 -40.20
CA HIS D 164 -34.07 -42.63 -40.40
C HIS D 164 -33.17 -42.05 -41.47
N PHE D 165 -31.86 -42.19 -41.32
CA PHE D 165 -30.95 -41.57 -42.29
C PHE D 165 -29.58 -42.23 -42.33
N THR D 166 -28.76 -41.85 -43.29
CA THR D 166 -27.42 -42.42 -43.41
C THR D 166 -26.37 -41.35 -43.08
N PHE D 167 -25.42 -41.71 -42.23
CA PHE D 167 -24.38 -40.78 -41.82
C PHE D 167 -23.14 -41.55 -41.38
N LYS D 168 -21.98 -41.08 -41.83
CA LYS D 168 -20.69 -41.76 -41.59
C LYS D 168 -20.74 -43.27 -41.80
N ASP D 169 -21.29 -43.67 -42.95
CA ASP D 169 -21.45 -45.08 -43.30
C ASP D 169 -22.21 -45.84 -42.20
N LEU D 170 -23.28 -45.22 -41.71
CA LEU D 170 -24.12 -45.84 -40.69
C LEU D 170 -25.59 -45.55 -40.95
N TYR D 171 -26.44 -46.51 -40.62
CA TYR D 171 -27.88 -46.37 -40.77
C TYR D 171 -28.51 -46.06 -39.41
N PHE D 172 -29.06 -44.87 -39.28
CA PHE D 172 -29.65 -44.42 -38.03
C PHE D 172 -31.15 -44.53 -38.09
N LYS D 173 -31.73 -45.24 -37.12
CA LYS D 173 -33.17 -45.20 -36.90
C LYS D 173 -33.41 -44.45 -35.61
N MET D 174 -34.13 -43.34 -35.69
CA MET D 174 -34.29 -42.43 -34.57
C MET D 174 -35.76 -42.22 -34.21
N PHE D 175 -36.09 -42.40 -32.93
CA PHE D 175 -37.47 -42.44 -32.48
C PHE D 175 -37.80 -41.41 -31.40
N ASP D 176 -38.94 -40.75 -31.55
CA ASP D 176 -39.51 -39.92 -30.50
C ASP D 176 -40.80 -40.61 -30.05
N VAL D 177 -41.10 -40.53 -28.76
CA VAL D 177 -42.30 -41.18 -28.22
C VAL D 177 -43.13 -40.25 -27.36
N GLU D 183 -51.65 -47.81 -25.03
CA GLU D 183 -51.56 -49.25 -24.81
C GLU D 183 -51.08 -49.98 -26.07
N ARG D 184 -50.16 -49.36 -26.80
CA ARG D 184 -49.68 -49.92 -28.06
C ARG D 184 -48.48 -50.84 -27.85
N LYS D 185 -48.40 -51.88 -28.68
CA LYS D 185 -47.28 -52.81 -28.64
C LYS D 185 -46.05 -52.21 -29.30
N LYS D 186 -46.27 -51.50 -30.40
CA LYS D 186 -45.21 -50.86 -31.17
C LYS D 186 -44.49 -49.77 -30.36
N TRP D 187 -45.23 -49.14 -29.44
CA TRP D 187 -44.66 -48.12 -28.57
C TRP D 187 -43.53 -48.73 -27.74
N ILE D 188 -43.79 -49.90 -27.19
CA ILE D 188 -42.81 -50.64 -26.39
C ILE D 188 -41.56 -51.07 -27.17
N HIS D 189 -41.72 -51.48 -28.44
CA HIS D 189 -40.58 -51.98 -29.22
C HIS D 189 -39.48 -50.93 -29.46
N CYS D 190 -39.82 -49.66 -29.30
CA CYS D 190 -38.84 -48.59 -29.44
C CYS D 190 -37.78 -48.67 -28.34
N PHE D 191 -38.13 -49.30 -27.23
CA PHE D 191 -37.24 -49.44 -26.09
C PHE D 191 -36.36 -50.69 -26.18
N GLU D 192 -36.50 -51.45 -27.26
CA GLU D 192 -35.78 -52.72 -27.39
C GLU D 192 -34.53 -52.56 -28.25
N GLY D 193 -33.40 -53.05 -27.74
CA GLY D 193 -32.15 -53.01 -28.48
C GLY D 193 -31.74 -51.59 -28.83
N VAL D 194 -31.79 -50.70 -27.86
CA VAL D 194 -31.43 -49.31 -28.09
C VAL D 194 -29.94 -49.13 -27.97
N THR D 195 -29.33 -48.55 -28.99
CA THR D 195 -27.89 -48.30 -29.00
C THR D 195 -27.52 -47.04 -28.22
N ALA D 196 -28.34 -46.00 -28.30
CA ALA D 196 -28.07 -44.75 -27.59
C ALA D 196 -29.33 -43.95 -27.29
N ILE D 197 -29.44 -43.49 -26.04
CA ILE D 197 -30.52 -42.61 -25.63
C ILE D 197 -30.08 -41.14 -25.63
N ILE D 198 -30.90 -40.27 -26.21
CA ILE D 198 -30.62 -38.84 -26.16
C ILE D 198 -31.68 -38.16 -25.30
N PHE D 199 -31.33 -37.92 -24.04
CA PHE D 199 -32.24 -37.26 -23.11
C PHE D 199 -32.13 -35.75 -23.26
N CYS D 200 -33.24 -35.10 -23.58
CA CYS D 200 -33.24 -33.64 -23.74
C CYS D 200 -33.76 -32.93 -22.51
N VAL D 201 -33.08 -31.85 -22.13
CA VAL D 201 -33.50 -31.04 -21.00
C VAL D 201 -33.63 -29.57 -21.41
N ALA D 202 -34.77 -28.97 -21.12
CA ALA D 202 -34.96 -27.55 -21.39
C ALA D 202 -34.42 -26.76 -20.21
N LEU D 203 -33.28 -26.12 -20.40
CA LEU D 203 -32.62 -25.40 -19.31
C LEU D 203 -33.49 -24.25 -18.82
N SER D 204 -34.22 -23.63 -19.74
CA SER D 204 -34.95 -22.41 -19.45
C SER D 204 -36.18 -22.65 -18.56
N ASP D 205 -36.41 -23.89 -18.15
CA ASP D 205 -37.53 -24.22 -17.29
C ASP D 205 -37.19 -24.02 -15.81
N TYR D 206 -36.00 -23.48 -15.53
CA TYR D 206 -35.58 -23.30 -14.15
C TYR D 206 -36.38 -22.21 -13.44
N ASP D 207 -36.80 -21.19 -14.19
CA ASP D 207 -37.47 -20.03 -13.57
C ASP D 207 -39.00 -20.13 -13.64
N LEU D 208 -39.50 -21.26 -14.14
CA LEU D 208 -40.94 -21.47 -14.22
C LEU D 208 -41.55 -21.49 -12.83
N VAL D 209 -42.76 -20.97 -12.71
CA VAL D 209 -43.43 -20.90 -11.42
C VAL D 209 -44.09 -22.23 -11.07
N LEU D 210 -43.91 -22.67 -9.83
CA LEU D 210 -44.49 -23.92 -9.36
C LEU D 210 -46.01 -23.81 -9.40
N ALA D 211 -46.67 -24.71 -10.12
CA ALA D 211 -48.12 -24.62 -10.33
C ALA D 211 -48.88 -25.59 -9.41
N GLU D 212 -50.18 -25.36 -9.24
CA GLU D 212 -51.06 -26.29 -8.49
C GLU D 212 -50.46 -26.93 -7.24
N ASP D 213 -49.44 -26.26 -6.68
CA ASP D 213 -48.48 -26.91 -5.78
C ASP D 213 -48.12 -28.31 -6.27
N GLU D 214 -47.27 -28.37 -7.30
CA GLU D 214 -46.75 -29.64 -7.79
C GLU D 214 -45.83 -30.14 -6.69
N GLU D 215 -45.65 -31.45 -6.59
CA GLU D 215 -44.78 -31.98 -5.55
C GLU D 215 -43.35 -31.54 -5.81
N MET D 216 -43.02 -31.27 -7.07
CA MET D 216 -41.64 -31.00 -7.45
C MET D 216 -41.50 -30.00 -8.61
N ASN D 217 -40.31 -29.41 -8.73
CA ASN D 217 -39.98 -28.48 -9.81
C ASN D 217 -39.97 -29.16 -11.17
N ARG D 218 -40.35 -28.43 -12.21
CA ARG D 218 -40.41 -28.98 -13.57
C ARG D 218 -39.03 -29.56 -13.95
N MET D 219 -37.99 -28.80 -13.60
CA MET D 219 -36.61 -29.22 -13.85
C MET D 219 -36.29 -30.47 -13.05
N HIS D 220 -36.75 -30.51 -11.81
CA HIS D 220 -36.55 -31.67 -10.94
C HIS D 220 -37.40 -32.85 -11.38
N GLU D 221 -38.54 -32.58 -12.02
CA GLU D 221 -39.34 -33.66 -12.62
C GLU D 221 -38.49 -34.30 -13.70
N SER D 222 -37.90 -33.46 -14.53
CA SER D 222 -37.01 -33.94 -15.59
C SER D 222 -35.86 -34.75 -15.00
N MET D 223 -35.33 -34.27 -13.88
CA MET D 223 -34.27 -34.97 -13.17
C MET D 223 -34.73 -36.35 -12.73
N LYS D 224 -35.93 -36.42 -12.14
CA LYS D 224 -36.50 -37.68 -11.67
C LYS D 224 -36.61 -38.67 -12.81
N LEU D 225 -37.09 -38.17 -13.95
CA LEU D 225 -37.22 -38.99 -15.14
C LEU D 225 -35.85 -39.51 -15.57
N PHE D 226 -34.84 -38.64 -15.50
CA PHE D 226 -33.49 -39.04 -15.90
C PHE D 226 -32.90 -40.08 -14.96
N ASP D 227 -33.14 -39.94 -13.66
CA ASP D 227 -32.73 -40.94 -12.68
C ASP D 227 -33.36 -42.29 -13.01
N SER D 228 -34.66 -42.28 -13.28
CA SER D 228 -35.36 -43.52 -13.62
C SER D 228 -34.77 -44.16 -14.87
N ILE D 229 -34.63 -43.39 -15.94
CA ILE D 229 -34.09 -43.92 -17.21
C ILE D 229 -32.66 -44.44 -17.09
N CYS D 230 -31.80 -43.64 -16.46
CA CYS D 230 -30.37 -43.93 -16.37
C CYS D 230 -30.11 -45.18 -15.54
N ASN D 231 -30.80 -45.29 -14.41
CA ASN D 231 -30.60 -46.40 -13.48
C ASN D 231 -31.60 -47.53 -13.68
N ASN D 232 -31.96 -47.78 -14.94
CA ASN D 232 -32.83 -48.90 -15.29
C ASN D 232 -32.02 -50.06 -15.85
N LYS D 233 -32.33 -51.26 -15.39
CA LYS D 233 -31.60 -52.48 -15.77
C LYS D 233 -31.50 -52.71 -17.28
N TRP D 234 -32.41 -52.10 -18.05
CA TRP D 234 -32.41 -52.28 -19.49
C TRP D 234 -31.22 -51.65 -20.21
N PHE D 235 -30.75 -50.52 -19.72
CA PHE D 235 -29.81 -49.69 -20.47
C PHE D 235 -28.38 -49.71 -19.96
N THR D 236 -28.05 -50.67 -19.09
CA THR D 236 -26.70 -50.78 -18.54
C THR D 236 -25.64 -50.84 -19.64
N GLU D 237 -26.00 -51.38 -20.79
CA GLU D 237 -25.10 -51.45 -21.95
C GLU D 237 -25.48 -50.43 -23.03
N THR D 238 -26.19 -49.38 -22.63
CA THR D 238 -26.65 -48.35 -23.57
C THR D 238 -26.01 -46.98 -23.29
N SER D 239 -25.56 -46.31 -24.34
CA SER D 239 -24.97 -44.97 -24.21
C SER D 239 -26.01 -43.96 -23.77
N ILE D 240 -25.67 -43.10 -22.81
CA ILE D 240 -26.57 -42.05 -22.36
C ILE D 240 -26.07 -40.65 -22.75
N ILE D 241 -26.82 -39.99 -23.61
CA ILE D 241 -26.47 -38.66 -24.07
C ILE D 241 -27.45 -37.64 -23.52
N LEU D 242 -26.92 -36.58 -22.93
CA LEU D 242 -27.74 -35.57 -22.27
C LEU D 242 -27.67 -34.26 -23.06
N PHE D 243 -28.78 -33.86 -23.65
CA PHE D 243 -28.85 -32.59 -24.37
C PHE D 243 -29.46 -31.51 -23.48
N LEU D 244 -28.60 -30.72 -22.85
CA LEU D 244 -29.07 -29.53 -22.13
C LEU D 244 -29.41 -28.48 -23.18
N ASN D 245 -30.68 -28.37 -23.51
CA ASN D 245 -31.12 -27.57 -24.64
C ASN D 245 -31.58 -26.18 -24.21
N LYS D 246 -31.97 -25.36 -25.19
CA LYS D 246 -32.45 -23.99 -24.93
C LYS D 246 -31.42 -23.15 -24.16
N LYS D 247 -30.15 -23.32 -24.52
CA LYS D 247 -29.06 -22.63 -23.85
C LYS D 247 -29.09 -21.12 -24.10
N ASP D 248 -29.65 -20.71 -25.24
CA ASP D 248 -29.80 -19.30 -25.57
C ASP D 248 -30.75 -18.64 -24.57
N LEU D 249 -31.94 -19.22 -24.45
CA LEU D 249 -32.96 -18.70 -23.56
C LEU D 249 -32.46 -18.77 -22.12
N PHE D 250 -31.68 -19.80 -21.82
CA PHE D 250 -31.14 -19.94 -20.47
C PHE D 250 -30.16 -18.81 -20.19
N GLU D 251 -29.38 -18.44 -21.20
CA GLU D 251 -28.37 -17.40 -21.04
C GLU D 251 -29.05 -16.04 -20.86
N GLU D 252 -30.09 -15.78 -21.64
CA GLU D 252 -30.85 -14.55 -21.45
C GLU D 252 -31.52 -14.50 -20.07
N LYS D 253 -32.19 -15.59 -19.74
CA LYS D 253 -32.91 -15.69 -18.46
C LYS D 253 -32.01 -15.51 -17.26
N ILE D 254 -30.82 -16.10 -17.31
CA ILE D 254 -29.96 -16.15 -16.14
C ILE D 254 -29.42 -14.76 -15.75
N LYS D 255 -29.47 -13.83 -16.69
CA LYS D 255 -29.07 -12.45 -16.42
C LYS D 255 -30.00 -11.85 -15.36
N ARG D 256 -31.27 -12.20 -15.47
CA ARG D 256 -32.33 -11.62 -14.67
C ARG D 256 -32.80 -12.56 -13.55
N SER D 257 -33.13 -13.79 -13.92
CA SER D 257 -33.65 -14.79 -12.98
C SER D 257 -32.56 -15.71 -12.44
N PRO D 258 -32.27 -15.59 -11.14
CA PRO D 258 -31.28 -16.41 -10.40
C PRO D 258 -31.58 -17.90 -10.45
N LEU D 259 -30.53 -18.73 -10.44
CA LEU D 259 -30.73 -20.19 -10.45
C LEU D 259 -31.30 -20.67 -9.13
N THR D 260 -31.17 -19.86 -8.08
CA THR D 260 -31.61 -20.23 -6.75
C THR D 260 -33.12 -20.52 -6.72
N ILE D 261 -33.84 -19.98 -7.70
CA ILE D 261 -35.26 -20.29 -7.92
C ILE D 261 -35.46 -21.80 -7.96
N CYS D 262 -34.55 -22.49 -8.64
CA CYS D 262 -34.74 -23.91 -8.93
C CYS D 262 -33.80 -24.74 -8.04
N TYR D 263 -32.61 -24.22 -7.79
CA TYR D 263 -31.70 -24.84 -6.84
C TYR D 263 -31.37 -23.83 -5.74
N PRO D 264 -32.16 -23.85 -4.64
CA PRO D 264 -32.00 -22.87 -3.56
C PRO D 264 -30.65 -22.98 -2.85
N GLU D 265 -30.08 -24.18 -2.87
CA GLU D 265 -28.81 -24.45 -2.21
C GLU D 265 -27.62 -23.96 -3.04
N TYR D 266 -27.89 -23.43 -4.23
CA TYR D 266 -26.83 -23.00 -5.13
C TYR D 266 -26.10 -21.80 -4.56
N THR D 267 -24.80 -21.99 -4.32
CA THR D 267 -23.98 -20.96 -3.68
C THR D 267 -23.11 -20.22 -4.69
N GLY D 268 -23.18 -20.65 -5.95
CA GLY D 268 -22.34 -20.08 -7.00
C GLY D 268 -22.77 -18.70 -7.46
N SER D 269 -22.19 -18.26 -8.58
CA SER D 269 -22.52 -16.95 -9.13
C SER D 269 -23.59 -17.07 -10.20
N ASN D 270 -24.11 -15.94 -10.65
CA ASN D 270 -25.18 -15.93 -11.64
C ASN D 270 -24.66 -15.80 -13.07
N THR D 271 -23.43 -16.24 -13.30
CA THR D 271 -22.88 -16.31 -14.65
C THR D 271 -23.55 -17.48 -15.37
N TYR D 272 -23.79 -17.32 -16.66
CA TYR D 272 -24.36 -18.38 -17.48
C TYR D 272 -23.57 -19.68 -17.37
N GLU D 273 -22.25 -19.58 -17.53
CA GLU D 273 -21.36 -20.73 -17.55
C GLU D 273 -21.33 -21.54 -16.24
N GLU D 274 -21.31 -20.85 -15.11
CA GLU D 274 -21.21 -21.52 -13.83
C GLU D 274 -22.52 -22.21 -13.52
N ALA D 275 -23.62 -21.54 -13.86
CA ALA D 275 -24.95 -22.08 -13.64
C ALA D 275 -25.15 -23.32 -14.50
N ALA D 276 -24.84 -23.20 -15.78
CA ALA D 276 -24.98 -24.31 -16.72
C ALA D 276 -24.14 -25.50 -16.28
N ALA D 277 -22.92 -25.21 -15.84
CA ALA D 277 -22.04 -26.26 -15.37
C ALA D 277 -22.62 -26.93 -14.14
N TYR D 278 -23.22 -26.13 -13.26
CA TYR D 278 -23.82 -26.64 -12.03
C TYR D 278 -24.98 -27.57 -12.33
N ILE D 279 -25.81 -27.19 -13.30
CA ILE D 279 -26.95 -28.00 -13.71
C ILE D 279 -26.45 -29.34 -14.27
N GLN D 280 -25.44 -29.25 -15.12
CA GLN D 280 -24.82 -30.44 -15.69
C GLN D 280 -24.37 -31.39 -14.59
N CYS D 281 -23.78 -30.83 -13.54
CA CYS D 281 -23.37 -31.61 -12.37
C CYS D 281 -24.56 -32.28 -11.71
N GLN D 282 -25.60 -31.49 -11.43
CA GLN D 282 -26.83 -31.99 -10.80
C GLN D 282 -27.41 -33.20 -11.53
N PHE D 283 -27.37 -33.17 -12.85
CA PHE D 283 -27.84 -34.30 -13.64
C PHE D 283 -26.86 -35.48 -13.65
N GLU D 284 -25.58 -35.21 -13.86
CA GLU D 284 -24.58 -36.26 -13.99
C GLU D 284 -24.40 -37.06 -12.69
N ASP D 285 -24.75 -36.43 -11.57
CA ASP D 285 -24.62 -37.10 -10.28
C ASP D 285 -25.66 -38.22 -10.14
N LEU D 286 -26.70 -38.17 -10.96
CA LEU D 286 -27.80 -39.12 -10.86
C LEU D 286 -27.44 -40.48 -11.43
N ASN D 287 -26.38 -40.52 -12.24
CA ASN D 287 -25.87 -41.79 -12.73
C ASN D 287 -25.32 -42.55 -11.53
N ARG D 288 -25.89 -43.70 -11.22
CA ARG D 288 -25.46 -44.45 -10.05
C ARG D 288 -24.50 -45.59 -10.41
N ARG D 289 -24.32 -45.81 -11.71
CA ARG D 289 -23.28 -46.71 -12.19
C ARG D 289 -22.14 -45.89 -12.80
N LYS D 290 -21.55 -45.02 -11.99
CA LYS D 290 -20.59 -44.01 -12.44
C LYS D 290 -19.31 -44.53 -13.12
N ASP D 291 -18.71 -45.57 -12.55
CA ASP D 291 -17.47 -46.11 -13.11
C ASP D 291 -17.75 -46.91 -14.38
N THR D 292 -18.76 -47.77 -14.33
CA THR D 292 -19.06 -48.67 -15.43
C THR D 292 -19.83 -47.96 -16.55
N LYS D 293 -20.34 -46.77 -16.26
CA LYS D 293 -21.09 -45.99 -17.24
C LYS D 293 -20.82 -44.49 -17.14
N GLU D 294 -20.55 -43.86 -18.27
CA GLU D 294 -20.27 -42.43 -18.31
C GLU D 294 -21.35 -41.74 -19.14
N ILE D 295 -21.66 -40.48 -18.83
CA ILE D 295 -22.75 -39.79 -19.50
C ILE D 295 -22.20 -38.68 -20.39
N TYR D 296 -22.54 -38.75 -21.68
CA TYR D 296 -22.06 -37.79 -22.66
C TYR D 296 -22.96 -36.56 -22.70
N THR D 297 -22.49 -35.45 -22.15
CA THR D 297 -23.30 -34.24 -22.01
C THR D 297 -22.94 -33.19 -23.05
N HIS D 298 -23.97 -32.55 -23.62
CA HIS D 298 -23.78 -31.46 -24.57
C HIS D 298 -24.74 -30.33 -24.28
N PHE D 299 -24.34 -29.11 -24.64
CA PHE D 299 -25.19 -27.94 -24.44
C PHE D 299 -25.69 -27.47 -25.81
N THR D 300 -26.97 -27.68 -26.06
CA THR D 300 -27.50 -27.48 -27.40
C THR D 300 -28.43 -26.28 -27.50
N CYS D 301 -28.62 -25.81 -28.73
CA CYS D 301 -29.73 -24.93 -29.06
C CYS D 301 -30.37 -25.56 -30.28
N ALA D 302 -31.39 -26.36 -30.03
CA ALA D 302 -31.93 -27.28 -31.04
C ALA D 302 -32.44 -26.60 -32.30
N THR D 303 -32.71 -25.30 -32.22
CA THR D 303 -33.16 -24.57 -33.38
C THR D 303 -31.96 -24.09 -34.22
N ASP D 304 -30.76 -24.20 -33.67
CA ASP D 304 -29.55 -23.83 -34.38
C ASP D 304 -29.02 -25.07 -35.11
N THR D 305 -29.20 -25.10 -36.43
CA THR D 305 -28.82 -26.24 -37.24
C THR D 305 -27.32 -26.50 -37.21
N LYS D 306 -26.54 -25.42 -37.21
CA LYS D 306 -25.09 -25.52 -37.13
C LYS D 306 -24.68 -26.23 -35.83
N ASN D 307 -25.20 -25.73 -34.72
CA ASN D 307 -24.92 -26.28 -33.40
C ASN D 307 -25.30 -27.75 -33.34
N VAL D 308 -26.54 -28.06 -33.71
CA VAL D 308 -27.05 -29.43 -33.68
C VAL D 308 -26.20 -30.35 -34.55
N GLN D 309 -25.78 -29.83 -35.70
CA GLN D 309 -24.95 -30.59 -36.63
C GLN D 309 -23.63 -30.98 -35.96
N PHE D 310 -23.01 -29.99 -35.30
CA PHE D 310 -21.74 -30.20 -34.60
C PHE D 310 -21.94 -31.26 -33.50
N VAL D 311 -22.88 -30.99 -32.61
CA VAL D 311 -23.16 -31.86 -31.48
C VAL D 311 -23.40 -33.29 -31.94
N PHE D 312 -24.19 -33.44 -33.00
CA PHE D 312 -24.49 -34.77 -33.49
C PHE D 312 -23.26 -35.43 -34.12
N ASP D 313 -22.41 -34.66 -34.78
CA ASP D 313 -21.13 -35.20 -35.25
C ASP D 313 -20.37 -35.85 -34.09
N ALA D 314 -20.22 -35.08 -33.01
CA ALA D 314 -19.51 -35.59 -31.83
C ALA D 314 -20.17 -36.86 -31.26
N VAL D 315 -21.50 -36.81 -31.18
CA VAL D 315 -22.29 -37.94 -30.72
C VAL D 315 -22.02 -39.18 -31.57
N THR D 316 -22.01 -39.00 -32.89
CA THR D 316 -21.77 -40.08 -33.83
C THR D 316 -20.40 -40.68 -33.61
N ASP D 317 -19.40 -39.84 -33.43
CA ASP D 317 -18.04 -40.30 -33.16
C ASP D 317 -18.00 -41.18 -31.90
N VAL D 318 -18.67 -40.73 -30.83
CA VAL D 318 -18.70 -41.48 -29.58
C VAL D 318 -19.40 -42.83 -29.78
N ILE D 319 -20.48 -42.82 -30.56
CA ILE D 319 -21.24 -44.02 -30.87
C ILE D 319 -20.36 -45.04 -31.60
N ILE D 320 -19.66 -44.57 -32.61
CA ILE D 320 -18.70 -45.39 -33.35
C ILE D 320 -17.67 -46.01 -32.40
N LYS D 321 -17.13 -45.20 -31.49
CA LYS D 321 -16.13 -45.70 -30.54
C LYS D 321 -16.70 -46.79 -29.61
N ASN D 322 -17.97 -46.65 -29.24
CA ASN D 322 -18.60 -47.68 -28.40
C ASN D 322 -18.94 -48.93 -29.21
N ASN D 323 -19.14 -48.77 -30.51
CA ASN D 323 -19.38 -49.92 -31.40
C ASN D 323 -18.10 -50.71 -31.61
N LEU D 324 -17.00 -49.99 -31.78
CA LEU D 324 -15.69 -50.62 -31.89
C LEU D 324 -15.32 -51.25 -30.54
N LYS D 325 -15.82 -50.67 -29.46
CA LYS D 325 -15.59 -51.24 -28.14
C LYS D 325 -16.39 -52.53 -27.98
N GLU D 326 -17.53 -52.59 -28.64
CA GLU D 326 -18.40 -53.77 -28.55
C GLU D 326 -17.94 -54.90 -29.46
N CYS D 327 -17.26 -54.55 -30.55
CA CYS D 327 -16.74 -55.54 -31.49
C CYS D 327 -15.53 -56.28 -30.93
N GLY D 328 -14.44 -55.55 -30.72
CA GLY D 328 -13.21 -56.13 -30.24
C GLY D 328 -12.50 -55.16 -29.32
N LEU D 329 -12.13 -54.00 -29.85
CA LEU D 329 -11.53 -52.92 -29.06
C LEU D 329 -11.42 -51.64 -29.88
N ASP E 3 3.27 -10.33 6.30
CA ASP E 3 4.36 -10.45 7.25
C ASP E 3 4.79 -9.09 7.83
N PHE E 4 4.78 -8.07 6.98
CA PHE E 4 5.17 -6.72 7.38
C PHE E 4 4.18 -6.08 8.36
N PHE E 5 2.90 -6.06 7.97
CA PHE E 5 1.87 -5.49 8.81
C PHE E 5 1.73 -6.24 10.14
N SER E 6 1.86 -7.56 10.08
CA SER E 6 1.82 -8.38 11.29
C SER E 6 2.95 -8.00 12.22
N LEU E 7 4.17 -7.91 11.68
CA LEU E 7 5.32 -7.43 12.43
C LEU E 7 5.05 -6.10 13.11
N ILE E 8 4.50 -5.16 12.36
CA ILE E 8 4.19 -3.84 12.90
C ILE E 8 3.21 -3.92 14.07
N LEU E 9 2.06 -4.58 13.86
CA LEU E 9 1.07 -4.72 14.92
C LEU E 9 1.66 -5.38 16.18
N ARG E 10 2.40 -6.48 15.97
CA ARG E 10 3.06 -7.20 17.05
C ARG E 10 3.97 -6.26 17.86
N SER E 11 4.88 -5.59 17.18
CA SER E 11 5.91 -4.81 17.88
C SER E 11 5.40 -3.50 18.48
N GLN E 12 4.43 -2.88 17.82
CA GLN E 12 3.89 -1.60 18.26
C GLN E 12 2.92 -1.69 19.45
N ALA E 13 2.57 -2.90 19.86
CA ALA E 13 1.49 -3.07 20.83
C ALA E 13 1.94 -3.33 22.27
N LYS E 14 3.21 -3.70 22.43
CA LYS E 14 3.78 -4.04 23.74
C LYS E 14 3.88 -2.87 24.71
N ARG E 15 3.48 -1.68 24.25
CA ARG E 15 3.59 -0.43 25.02
C ARG E 15 3.13 -0.39 26.50
N MET E 16 3.30 -1.49 27.23
CA MET E 16 2.97 -1.56 28.64
C MET E 16 1.51 -1.15 28.90
N ASP E 17 0.61 -2.14 28.96
CA ASP E 17 -0.81 -1.83 29.03
C ASP E 17 -1.24 -1.55 30.46
N GLU E 18 -0.60 -2.22 31.42
CA GLU E 18 -0.65 -1.77 32.79
C GLU E 18 0.08 -0.43 32.79
N GLN E 19 0.01 0.30 33.90
CA GLN E 19 0.63 1.62 33.98
C GLN E 19 0.10 2.55 32.88
N ARG E 20 -1.14 2.33 32.46
CA ARG E 20 -1.82 3.20 31.51
C ARG E 20 -3.32 3.23 31.78
N VAL E 21 -3.99 4.31 31.36
CA VAL E 21 -5.43 4.45 31.60
C VAL E 21 -6.14 4.92 30.35
N LEU E 22 -7.47 4.80 30.34
CA LEU E 22 -8.31 5.29 29.25
C LEU E 22 -8.95 6.62 29.64
N LEU E 23 -9.75 7.20 28.74
CA LEU E 23 -10.56 8.38 29.02
C LEU E 23 -11.31 8.27 30.35
N ASP F 3 61.46 25.59 18.42
CA ASP F 3 60.61 25.82 17.26
C ASP F 3 59.19 25.35 17.53
N PHE F 4 59.08 24.23 18.23
CA PHE F 4 57.81 23.64 18.66
C PHE F 4 57.16 24.54 19.72
N PHE F 5 57.97 24.88 20.70
CA PHE F 5 57.55 25.74 21.80
C PHE F 5 57.10 27.11 21.29
N SER F 6 57.71 27.61 20.23
CA SER F 6 57.30 28.90 19.67
C SER F 6 55.86 28.85 19.18
N LEU F 7 55.54 27.87 18.34
CA LEU F 7 54.16 27.67 17.88
C LEU F 7 53.23 27.60 19.08
N ILE F 8 53.65 26.83 20.08
CA ILE F 8 52.83 26.69 21.29
C ILE F 8 52.53 28.06 21.91
N LEU F 9 53.56 28.85 22.16
CA LEU F 9 53.41 30.19 22.74
C LEU F 9 52.48 31.06 21.88
N ARG F 10 52.72 31.04 20.57
CA ARG F 10 51.95 31.77 19.59
C ARG F 10 50.46 31.53 19.79
N SER F 11 50.07 30.27 19.70
CA SER F 11 48.65 29.95 19.73
C SER F 11 48.05 30.08 21.14
N GLN F 12 48.85 29.76 22.16
CA GLN F 12 48.39 29.82 23.55
C GLN F 12 48.31 31.22 24.12
N ALA F 13 48.82 32.21 23.39
CA ALA F 13 48.90 33.56 23.93
C ALA F 13 47.77 34.47 23.46
N LYS F 14 47.08 34.05 22.40
CA LYS F 14 46.03 34.85 21.77
C LYS F 14 44.81 35.02 22.69
N ARG F 15 44.92 34.43 23.87
CA ARG F 15 43.95 34.49 24.96
C ARG F 15 43.42 35.91 25.21
N MET F 16 42.63 36.43 24.27
CA MET F 16 42.07 37.81 24.26
C MET F 16 42.08 38.58 25.59
N ASP F 17 43.10 39.43 25.74
CA ASP F 17 43.40 40.15 26.98
C ASP F 17 42.62 41.45 27.17
N GLU F 18 42.20 42.06 26.08
CA GLU F 18 41.42 43.30 26.10
C GLU F 18 40.16 43.19 26.96
N GLN F 19 39.65 41.97 27.09
CA GLN F 19 38.48 41.72 27.94
C GLN F 19 38.92 40.97 29.20
N ARG F 20 40.09 41.31 29.71
CA ARG F 20 40.64 40.66 30.89
C ARG F 20 41.31 41.67 31.81
N VAL F 21 41.47 41.29 33.08
CA VAL F 21 41.98 42.21 34.08
C VAL F 21 43.08 41.54 34.91
N LEU F 22 43.80 42.34 35.70
CA LEU F 22 44.87 41.82 36.55
C LEU F 22 44.31 41.50 37.93
N LEU F 23 45.14 40.94 38.80
CA LEU F 23 44.68 40.57 40.14
C LEU F 23 45.21 41.49 41.23
N GLN F 24 46.40 41.19 41.75
CA GLN F 24 46.99 42.01 42.80
C GLN F 24 47.54 43.32 42.25
N ASP G 3 9.79 -7.85 -5.12
CA ASP G 3 9.51 -9.02 -5.92
C ASP G 3 8.12 -8.96 -6.56
N PHE G 4 7.16 -8.41 -5.83
CA PHE G 4 5.78 -8.32 -6.31
C PHE G 4 5.62 -7.37 -7.51
N PHE G 5 6.02 -6.11 -7.32
CA PHE G 5 5.90 -5.12 -8.39
C PHE G 5 6.73 -5.50 -9.61
N SER G 6 7.92 -6.06 -9.37
CA SER G 6 8.77 -6.51 -10.46
C SER G 6 8.04 -7.58 -11.27
N LEU G 7 7.49 -8.57 -10.58
CA LEU G 7 6.66 -9.61 -11.20
C LEU G 7 5.56 -9.01 -12.07
N ILE G 8 4.85 -8.03 -11.51
CA ILE G 8 3.76 -7.35 -12.22
C ILE G 8 4.27 -6.73 -13.52
N LEU G 9 5.31 -5.91 -13.39
CA LEU G 9 5.89 -5.25 -14.55
C LEU G 9 6.34 -6.28 -15.59
N ARG G 10 6.97 -7.34 -15.14
CA ARG G 10 7.43 -8.42 -16.00
C ARG G 10 6.31 -8.97 -16.86
N SER G 11 5.28 -9.50 -16.21
CA SER G 11 4.24 -10.21 -16.95
C SER G 11 3.29 -9.30 -17.72
N GLN G 12 3.04 -8.11 -17.18
CA GLN G 12 2.11 -7.16 -17.80
C GLN G 12 2.69 -6.45 -19.03
N ALA G 13 3.98 -6.65 -19.30
CA ALA G 13 4.66 -5.90 -20.35
C ALA G 13 4.86 -6.68 -21.64
N LYS G 14 4.68 -7.99 -21.57
CA LYS G 14 4.94 -8.89 -22.71
C LYS G 14 4.02 -8.67 -23.91
N ARG G 15 3.09 -7.73 -23.80
CA ARG G 15 2.14 -7.39 -24.87
C ARG G 15 2.84 -7.21 -26.22
N MET G 16 2.15 -7.54 -27.31
CA MET G 16 2.74 -7.47 -28.65
C MET G 16 2.93 -6.04 -29.16
N ASP G 17 4.14 -5.52 -29.01
CA ASP G 17 4.48 -4.16 -29.42
C ASP G 17 4.86 -4.11 -30.89
N GLU G 18 5.41 -5.22 -31.37
CA GLU G 18 5.75 -5.41 -32.77
C GLU G 18 4.55 -5.23 -33.69
N GLN G 19 3.39 -5.69 -33.23
CA GLN G 19 2.14 -5.54 -33.98
C GLN G 19 1.32 -4.40 -33.37
N ARG G 20 2.05 -3.38 -32.96
CA ARG G 20 1.48 -2.18 -32.35
C ARG G 20 2.18 -0.93 -32.83
N VAL G 21 1.54 0.22 -32.65
CA VAL G 21 2.07 1.48 -33.18
C VAL G 21 2.02 2.57 -32.12
N LEU G 22 2.72 3.67 -32.36
CA LEU G 22 2.74 4.79 -31.43
C LEU G 22 1.66 5.79 -31.81
N LEU G 23 1.36 6.72 -30.91
CA LEU G 23 0.36 7.74 -31.18
C LEU G 23 1.01 9.12 -31.23
N GLN G 24 0.87 9.81 -32.36
CA GLN G 24 1.44 11.15 -32.56
C GLN G 24 2.93 11.20 -32.25
N ASP H 3 -44.89 -49.79 -14.47
CA ASP H 3 -44.69 -48.64 -13.58
C ASP H 3 -43.69 -47.64 -14.14
N PHE H 4 -42.63 -48.16 -14.77
CA PHE H 4 -41.58 -47.34 -15.37
C PHE H 4 -42.09 -46.58 -16.59
N PHE H 5 -42.65 -47.34 -17.54
CA PHE H 5 -43.19 -46.79 -18.77
C PHE H 5 -44.33 -45.81 -18.51
N SER H 6 -45.14 -46.08 -17.48
CA SER H 6 -46.21 -45.16 -17.10
C SER H 6 -45.60 -43.81 -16.72
N LEU H 7 -44.58 -43.84 -15.86
CA LEU H 7 -43.82 -42.64 -15.53
C LEU H 7 -43.33 -41.91 -16.78
N ILE H 8 -42.72 -42.66 -17.70
CA ILE H 8 -42.19 -42.06 -18.93
C ILE H 8 -43.26 -41.35 -19.75
N LEU H 9 -44.30 -42.07 -20.16
CA LEU H 9 -45.37 -41.49 -20.96
C LEU H 9 -46.08 -40.35 -20.24
N ARG H 10 -46.35 -40.53 -18.94
CA ARG H 10 -46.97 -39.50 -18.12
C ARG H 10 -46.19 -38.20 -18.23
N SER H 11 -44.90 -38.26 -17.94
CA SER H 11 -44.10 -37.04 -17.88
C SER H 11 -43.79 -36.46 -19.26
N GLN H 12 -43.66 -37.32 -20.26
CA GLN H 12 -43.34 -36.89 -21.63
C GLN H 12 -44.51 -36.32 -22.45
N ALA H 13 -45.73 -36.39 -21.92
CA ALA H 13 -46.91 -36.06 -22.73
C ALA H 13 -47.48 -34.66 -22.50
N LYS H 14 -47.05 -34.02 -21.42
CA LYS H 14 -47.58 -32.72 -21.01
C LYS H 14 -47.30 -31.55 -21.96
N ARG H 15 -46.50 -31.80 -23.00
CA ARG H 15 -46.15 -30.78 -24.00
C ARG H 15 -47.32 -29.96 -24.55
N MET H 16 -47.65 -28.85 -23.88
CA MET H 16 -48.78 -27.97 -24.24
C MET H 16 -49.48 -28.28 -25.56
N ASP H 17 -50.60 -29.00 -25.49
CA ASP H 17 -51.31 -29.43 -26.69
C ASP H 17 -52.17 -28.27 -27.17
N GLU H 18 -52.57 -27.44 -26.22
CA GLU H 18 -53.05 -26.10 -26.53
C GLU H 18 -51.85 -25.45 -27.20
N GLN H 19 -52.08 -24.46 -28.05
CA GLN H 19 -50.99 -23.84 -28.81
C GLN H 19 -50.28 -24.85 -29.69
N ARG H 20 -51.02 -25.83 -30.19
CA ARG H 20 -50.47 -26.81 -31.14
C ARG H 20 -51.54 -27.29 -32.13
N VAL H 21 -51.09 -27.78 -33.30
CA VAL H 21 -52.03 -28.24 -34.34
C VAL H 21 -51.61 -29.58 -34.92
N LEU H 22 -52.55 -30.25 -35.59
CA LEU H 22 -52.28 -31.53 -36.25
C LEU H 22 -52.08 -31.32 -37.76
N LEU H 23 -51.77 -32.41 -38.47
CA LEU H 23 -51.73 -32.41 -39.94
C LEU H 23 -52.99 -31.79 -40.53
#